data_6MWM
#
_entry.id   6MWM
#
_entity_poly.entity_id   1
_entity_poly.type   'polypeptide(L)'
_entity_poly.pdbx_seq_one_letter_code
;SHMQTPETAFINNVTSNGGYHSWHLVSGDLIVKDVCYKKLLHWSGQTICYADNKFYVVKNDVALPFSDLEACRAYLTSRA
A
;
_entity_poly.pdbx_strand_id   A
#
# COMPACT_ATOMS: atom_id res chain seq x y z
N SER A 1 -3.41 10.36 -10.70
CA SER A 1 -4.56 11.26 -10.81
C SER A 1 -5.31 11.03 -12.11
N HIS A 2 -4.59 10.59 -13.14
CA HIS A 2 -5.18 10.33 -14.44
C HIS A 2 -5.21 8.84 -14.73
N MET A 3 -4.05 8.19 -14.61
CA MET A 3 -3.95 6.76 -14.86
C MET A 3 -3.36 6.03 -13.65
N GLN A 4 -4.18 5.25 -12.97
CA GLN A 4 -3.75 4.51 -11.81
C GLN A 4 -2.50 3.68 -12.12
N THR A 5 -1.69 3.45 -11.09
CA THR A 5 -0.45 2.68 -11.26
C THR A 5 -0.72 1.19 -11.22
N PRO A 6 0.22 0.40 -11.75
CA PRO A 6 0.10 -1.06 -11.79
C PRO A 6 0.21 -1.69 -10.40
N GLU A 7 0.88 -0.98 -9.49
CA GLU A 7 1.06 -1.47 -8.12
C GLU A 7 -0.26 -1.50 -7.38
N THR A 8 -0.99 -0.38 -7.44
CA THR A 8 -2.27 -0.27 -6.76
C THR A 8 -3.40 -0.81 -7.63
N ALA A 9 -3.05 -1.30 -8.82
CA ALA A 9 -4.04 -1.84 -9.75
C ALA A 9 -4.63 -3.14 -9.22
N PHE A 10 -3.76 -4.06 -8.81
CA PHE A 10 -4.19 -5.35 -8.29
C PHE A 10 -4.77 -5.20 -6.89
N ILE A 11 -4.42 -4.09 -6.23
CA ILE A 11 -4.90 -3.83 -4.88
C ILE A 11 -6.26 -3.13 -4.91
N ASN A 12 -6.44 -2.23 -5.86
CA ASN A 12 -7.69 -1.49 -5.99
C ASN A 12 -8.89 -2.45 -5.98
N ASN A 13 -8.76 -3.54 -6.73
CA ASN A 13 -9.84 -4.53 -6.81
C ASN A 13 -10.24 -5.00 -5.42
N VAL A 14 -9.28 -5.04 -4.50
CA VAL A 14 -9.53 -5.46 -3.14
C VAL A 14 -9.93 -4.28 -2.25
N THR A 15 -9.36 -3.12 -2.55
CA THR A 15 -9.65 -1.91 -1.78
C THR A 15 -11.13 -1.56 -1.84
N SER A 16 -11.83 -2.12 -2.83
CA SER A 16 -13.25 -1.86 -3.00
C SER A 16 -14.07 -2.92 -2.28
N ASN A 17 -13.40 -3.86 -1.62
CA ASN A 17 -14.07 -4.92 -0.89
C ASN A 17 -13.94 -4.71 0.62
N GLY A 18 -12.97 -3.89 1.01
CA GLY A 18 -12.76 -3.62 2.42
C GLY A 18 -11.33 -3.90 2.85
N GLY A 19 -10.41 -3.85 1.91
CA GLY A 19 -9.01 -4.10 2.21
C GLY A 19 -8.60 -5.53 1.94
N TYR A 20 -7.30 -5.80 1.99
CA TYR A 20 -6.78 -7.13 1.76
C TYR A 20 -7.18 -8.09 2.87
N HIS A 21 -6.60 -9.27 2.87
CA HIS A 21 -6.89 -10.29 3.88
C HIS A 21 -6.83 -9.69 5.28
N SER A 22 -5.61 -9.38 5.72
CA SER A 22 -5.40 -8.79 7.04
C SER A 22 -5.43 -7.28 6.98
N TRP A 23 -5.10 -6.72 5.82
CA TRP A 23 -5.10 -5.28 5.63
C TRP A 23 -6.51 -4.75 5.45
N HIS A 24 -6.83 -3.66 6.15
CA HIS A 24 -8.15 -3.05 6.06
C HIS A 24 -8.15 -1.89 5.08
N LEU A 25 -9.28 -1.70 4.39
CA LEU A 25 -9.41 -0.63 3.42
C LEU A 25 -9.39 0.74 4.10
N VAL A 26 -8.54 1.63 3.61
CA VAL A 26 -8.44 2.97 4.18
C VAL A 26 -8.03 3.98 3.10
N SER A 27 -7.87 5.23 3.51
CA SER A 27 -7.50 6.30 2.59
C SER A 27 -7.40 7.64 3.32
N GLY A 28 -6.57 7.69 4.35
CA GLY A 28 -6.41 8.91 5.11
C GLY A 28 -5.39 9.85 4.49
N ASP A 29 -4.62 9.34 3.54
CA ASP A 29 -3.61 10.14 2.86
C ASP A 29 -2.53 10.60 3.84
N LEU A 30 -1.35 10.01 3.73
CA LEU A 30 -0.24 10.36 4.61
C LEU A 30 0.87 11.06 3.83
N ILE A 31 1.27 12.24 4.29
CA ILE A 31 2.33 12.99 3.64
C ILE A 31 3.63 12.92 4.43
N VAL A 32 4.70 12.52 3.75
CA VAL A 32 6.00 12.41 4.40
C VAL A 32 7.13 12.67 3.40
N LYS A 33 8.11 13.46 3.82
CA LYS A 33 9.25 13.79 2.96
C LYS A 33 8.80 14.59 1.74
N ASP A 34 7.72 15.33 1.89
CA ASP A 34 7.19 16.15 0.81
C ASP A 34 6.65 15.27 -0.32
N VAL A 35 6.33 14.02 0.01
CA VAL A 35 5.81 13.08 -0.98
C VAL A 35 4.44 12.55 -0.56
N CYS A 36 3.40 13.35 -0.79
CA CYS A 36 2.05 12.95 -0.43
C CYS A 36 1.76 11.51 -0.87
N TYR A 37 1.63 10.62 0.10
CA TYR A 37 1.37 9.21 -0.17
C TYR A 37 -0.11 8.91 -0.05
N LYS A 38 -0.53 7.79 -0.62
CA LYS A 38 -1.93 7.37 -0.57
C LYS A 38 -2.11 6.17 0.35
N LYS A 39 -2.87 6.37 1.42
CA LYS A 39 -3.12 5.30 2.39
C LYS A 39 -4.09 4.27 1.82
N LEU A 40 -3.63 3.51 0.83
CA LEU A 40 -4.45 2.48 0.20
C LEU A 40 -4.99 1.50 1.24
N LEU A 41 -4.09 0.99 2.08
CA LEU A 41 -4.47 0.05 3.12
C LEU A 41 -3.79 0.39 4.44
N HIS A 42 -4.29 -0.20 5.52
CA HIS A 42 -3.71 0.04 6.85
C HIS A 42 -4.02 -1.13 7.79
N TRP A 43 -3.02 -1.56 8.53
CA TRP A 43 -3.18 -2.67 9.47
C TRP A 43 -2.28 -2.49 10.69
N SER A 44 -2.80 -2.85 11.86
CA SER A 44 -2.04 -2.72 13.10
C SER A 44 -0.64 -3.33 12.94
N GLY A 45 0.36 -2.47 12.81
CA GLY A 45 1.72 -2.93 12.66
C GLY A 45 2.40 -2.35 11.43
N GLN A 46 1.63 -2.14 10.38
CA GLN A 46 2.16 -1.59 9.14
C GLN A 46 1.17 -0.62 8.50
N THR A 47 1.53 -0.11 7.32
CA THR A 47 0.66 0.82 6.61
C THR A 47 1.04 0.90 5.13
N ILE A 48 0.08 0.57 4.27
CA ILE A 48 0.31 0.61 2.83
C ILE A 48 0.14 2.01 2.27
N CYS A 49 1.26 2.65 1.92
CA CYS A 49 1.23 4.00 1.38
C CYS A 49 2.01 4.07 0.07
N TYR A 50 1.29 4.16 -1.04
CA TYR A 50 1.91 4.23 -2.35
C TYR A 50 1.95 5.67 -2.86
N ALA A 51 2.94 5.95 -3.70
CA ALA A 51 3.11 7.29 -4.25
C ALA A 51 2.73 7.32 -5.74
N ASP A 52 3.17 8.37 -6.43
CA ASP A 52 2.89 8.51 -7.86
C ASP A 52 3.15 7.20 -8.60
N ASN A 53 4.20 6.50 -8.19
CA ASN A 53 4.56 5.23 -8.82
C ASN A 53 5.56 4.46 -7.96
N LYS A 54 5.35 4.50 -6.65
CA LYS A 54 6.23 3.81 -5.71
C LYS A 54 5.46 3.37 -4.47
N PHE A 55 5.31 2.07 -4.31
CA PHE A 55 4.59 1.52 -3.15
C PHE A 55 5.51 1.41 -1.94
N TYR A 56 5.02 1.83 -0.78
CA TYR A 56 5.80 1.78 0.45
C TYR A 56 4.98 1.15 1.58
N VAL A 57 5.65 0.30 2.37
CA VAL A 57 5.00 -0.36 3.49
C VAL A 57 5.63 0.04 4.82
N VAL A 58 5.17 1.16 5.37
CA VAL A 58 5.69 1.66 6.63
C VAL A 58 5.56 0.61 7.73
N LYS A 59 6.56 0.54 8.59
CA LYS A 59 6.56 -0.43 9.70
C LYS A 59 6.46 0.28 11.04
N ASN A 60 6.74 -0.44 12.11
CA ASN A 60 6.69 0.11 13.45
C ASN A 60 7.38 1.47 13.50
N ASP A 61 8.37 1.66 12.64
CA ASP A 61 9.10 2.91 12.59
C ASP A 61 10.20 2.86 11.52
N VAL A 62 9.91 2.18 10.42
CA VAL A 62 10.86 2.05 9.32
C VAL A 62 10.14 1.96 7.98
N ALA A 63 10.86 2.27 6.90
CA ALA A 63 10.31 2.22 5.56
C ALA A 63 10.71 0.93 4.85
N LEU A 64 10.03 0.62 3.75
CA LEU A 64 10.32 -0.58 2.97
C LEU A 64 9.85 -0.42 1.53
N PRO A 65 10.69 0.23 0.71
CA PRO A 65 10.39 0.45 -0.71
C PRO A 65 10.42 -0.84 -1.52
N PHE A 66 9.29 -1.18 -2.13
CA PHE A 66 9.19 -2.39 -2.93
C PHE A 66 10.17 -2.35 -4.10
N SER A 67 10.17 -3.41 -4.91
CA SER A 67 11.07 -3.49 -6.05
C SER A 67 10.27 -3.71 -7.34
N ASP A 68 9.25 -4.56 -7.27
CA ASP A 68 8.42 -4.85 -8.43
C ASP A 68 7.01 -5.24 -8.00
N LEU A 69 6.10 -5.33 -8.96
CA LEU A 69 4.72 -5.70 -8.69
C LEU A 69 4.66 -6.98 -7.86
N GLU A 70 5.43 -7.97 -8.26
CA GLU A 70 5.46 -9.25 -7.56
C GLU A 70 5.79 -9.05 -6.08
N ALA A 71 6.49 -7.97 -5.77
CA ALA A 71 6.87 -7.66 -4.40
C ALA A 71 5.68 -7.13 -3.61
N CYS A 72 4.90 -6.25 -4.24
CA CYS A 72 3.73 -5.67 -3.59
C CYS A 72 2.66 -6.73 -3.36
N ARG A 73 2.46 -7.58 -4.34
CA ARG A 73 1.45 -8.64 -4.25
C ARG A 73 1.83 -9.64 -3.17
N ALA A 74 3.13 -9.80 -2.93
CA ALA A 74 3.62 -10.72 -1.92
C ALA A 74 3.75 -10.04 -0.57
N TYR A 75 3.37 -8.77 -0.51
CA TYR A 75 3.45 -8.00 0.72
C TYR A 75 2.10 -7.91 1.40
N LEU A 76 1.06 -8.37 0.70
CA LEU A 76 -0.29 -8.34 1.23
C LEU A 76 -0.84 -9.75 1.41
N THR A 77 -0.29 -10.69 0.65
CA THR A 77 -0.72 -12.08 0.73
C THR A 77 0.37 -12.96 1.33
N SER A 78 1.38 -12.32 1.91
CA SER A 78 2.49 -13.05 2.52
C SER A 78 3.02 -12.30 3.74
N ARG A 79 2.24 -11.35 4.23
CA ARG A 79 2.63 -10.56 5.39
C ARG A 79 2.31 -11.28 6.69
N ALA A 80 1.25 -12.09 6.65
CA ALA A 80 0.83 -12.85 7.82
C ALA A 80 0.11 -14.14 7.42
N ALA A 81 0.14 -15.13 8.30
CA ALA A 81 -0.52 -16.41 8.03
C ALA A 81 -1.71 -16.62 8.95
N SER A 1 -5.18 10.51 -18.11
CA SER A 1 -6.42 10.63 -17.37
C SER A 1 -7.07 9.26 -17.17
N HIS A 2 -7.53 9.00 -15.95
CA HIS A 2 -8.18 7.73 -15.63
C HIS A 2 -7.23 6.56 -15.86
N MET A 3 -6.02 6.68 -15.31
CA MET A 3 -5.02 5.62 -15.46
C MET A 3 -4.07 5.61 -14.26
N GLN A 4 -4.26 4.64 -13.37
CA GLN A 4 -3.41 4.52 -12.19
C GLN A 4 -2.16 3.69 -12.49
N THR A 5 -1.39 3.39 -11.45
CA THR A 5 -0.16 2.61 -11.60
C THR A 5 -0.44 1.12 -11.46
N PRO A 6 0.47 0.29 -11.99
CA PRO A 6 0.34 -1.17 -11.93
C PRO A 6 0.52 -1.71 -10.52
N GLU A 7 1.28 -0.98 -9.70
CA GLU A 7 1.53 -1.39 -8.33
C GLU A 7 0.23 -1.44 -7.52
N THR A 8 -0.51 -0.32 -7.53
CA THR A 8 -1.77 -0.24 -6.81
C THR A 8 -2.93 -0.72 -7.67
N ALA A 9 -2.62 -1.19 -8.87
CA ALA A 9 -3.63 -1.67 -9.79
C ALA A 9 -4.28 -2.95 -9.27
N PHE A 10 -3.46 -3.87 -8.79
CA PHE A 10 -3.95 -5.14 -8.24
C PHE A 10 -4.54 -4.94 -6.85
N ILE A 11 -4.04 -3.92 -6.15
CA ILE A 11 -4.52 -3.62 -4.80
C ILE A 11 -5.90 -2.98 -4.83
N ASN A 12 -6.07 -1.98 -5.69
CA ASN A 12 -7.34 -1.28 -5.81
C ASN A 12 -8.49 -2.28 -5.98
N ASN A 13 -8.26 -3.32 -6.77
CA ASN A 13 -9.27 -4.34 -7.02
C ASN A 13 -9.81 -4.88 -5.70
N VAL A 14 -8.98 -4.87 -4.67
CA VAL A 14 -9.37 -5.38 -3.36
C VAL A 14 -9.76 -4.22 -2.43
N THR A 15 -9.06 -3.10 -2.57
CA THR A 15 -9.33 -1.93 -1.74
C THR A 15 -10.77 -1.46 -1.90
N SER A 16 -11.39 -1.84 -3.01
CA SER A 16 -12.76 -1.47 -3.29
C SER A 16 -13.74 -2.41 -2.59
N ASN A 17 -13.20 -3.36 -1.85
CA ASN A 17 -14.02 -4.34 -1.13
C ASN A 17 -13.89 -4.15 0.37
N GLY A 18 -12.90 -3.37 0.78
CA GLY A 18 -12.69 -3.13 2.20
C GLY A 18 -11.27 -3.44 2.63
N GLY A 19 -10.36 -3.51 1.66
CA GLY A 19 -8.96 -3.80 1.97
C GLY A 19 -8.61 -5.25 1.71
N TYR A 20 -7.32 -5.55 1.72
CA TYR A 20 -6.84 -6.91 1.49
C TYR A 20 -7.35 -7.86 2.56
N HIS A 21 -6.84 -9.08 2.57
CA HIS A 21 -7.23 -10.08 3.56
C HIS A 21 -7.12 -9.53 4.97
N SER A 22 -5.89 -9.27 5.40
CA SER A 22 -5.64 -8.75 6.75
C SER A 22 -5.64 -7.22 6.73
N TRP A 23 -5.30 -6.64 5.58
CA TRP A 23 -5.24 -5.19 5.43
C TRP A 23 -6.64 -4.62 5.21
N HIS A 24 -6.95 -3.53 5.91
CA HIS A 24 -8.24 -2.88 5.78
C HIS A 24 -8.17 -1.69 4.83
N LEU A 25 -9.26 -1.45 4.11
CA LEU A 25 -9.31 -0.33 3.17
C LEU A 25 -9.30 1.00 3.89
N VAL A 26 -8.32 1.84 3.57
CA VAL A 26 -8.19 3.15 4.19
C VAL A 26 -7.71 4.19 3.19
N SER A 27 -7.48 5.41 3.67
CA SER A 27 -7.01 6.50 2.82
C SER A 27 -6.85 7.78 3.62
N GLY A 28 -6.18 7.68 4.76
CA GLY A 28 -5.96 8.85 5.60
C GLY A 28 -4.94 9.80 5.01
N ASP A 29 -4.18 9.33 4.03
CA ASP A 29 -3.16 10.15 3.39
C ASP A 29 -2.07 10.54 4.38
N LEU A 30 -0.89 9.95 4.20
CA LEU A 30 0.24 10.24 5.08
C LEU A 30 1.36 10.93 4.32
N ILE A 31 1.80 12.07 4.84
CA ILE A 31 2.87 12.83 4.20
C ILE A 31 4.19 12.67 4.97
N VAL A 32 5.23 12.29 4.24
CA VAL A 32 6.55 12.09 4.84
C VAL A 32 7.66 12.38 3.84
N LYS A 33 8.67 13.11 4.28
CA LYS A 33 9.81 13.46 3.43
C LYS A 33 9.36 14.35 2.28
N ASP A 34 8.30 15.12 2.51
CA ASP A 34 7.77 16.02 1.49
C ASP A 34 7.19 15.24 0.32
N VAL A 35 6.84 13.98 0.57
CA VAL A 35 6.27 13.12 -0.46
C VAL A 35 4.90 12.60 -0.04
N CYS A 36 3.88 13.44 -0.21
CA CYS A 36 2.52 13.06 0.15
C CYS A 36 2.18 11.67 -0.36
N TYR A 37 2.05 10.71 0.57
CA TYR A 37 1.74 9.33 0.20
C TYR A 37 0.25 9.06 0.35
N LYS A 38 -0.20 7.94 -0.21
CA LYS A 38 -1.61 7.55 -0.14
C LYS A 38 -1.78 6.29 0.70
N LYS A 39 -2.46 6.44 1.84
CA LYS A 39 -2.70 5.31 2.73
C LYS A 39 -3.76 4.37 2.15
N LEU A 40 -3.42 3.70 1.07
CA LEU A 40 -4.33 2.78 0.42
C LEU A 40 -4.88 1.76 1.42
N LEU A 41 -3.99 1.18 2.21
CA LEU A 41 -4.38 0.18 3.21
C LEU A 41 -3.67 0.45 4.54
N HIS A 42 -4.15 -0.20 5.59
CA HIS A 42 -3.57 -0.04 6.92
C HIS A 42 -3.96 -1.20 7.83
N TRP A 43 -2.98 -1.72 8.57
CA TRP A 43 -3.23 -2.84 9.48
C TRP A 43 -2.22 -2.84 10.61
N SER A 44 -2.67 -3.24 11.80
CA SER A 44 -1.79 -3.29 12.97
C SER A 44 -0.49 -4.01 12.64
N GLY A 45 0.58 -3.24 12.49
CA GLY A 45 1.87 -3.81 12.18
C GLY A 45 2.59 -3.07 11.06
N GLN A 46 1.85 -2.76 10.00
CA GLN A 46 2.42 -2.05 8.86
C GLN A 46 1.39 -1.11 8.24
N THR A 47 1.82 -0.36 7.23
CA THR A 47 0.94 0.58 6.55
C THR A 47 1.27 0.68 5.07
N ILE A 48 0.26 0.53 4.22
CA ILE A 48 0.45 0.60 2.78
C ILE A 48 0.34 2.04 2.28
N CYS A 49 1.49 2.64 1.95
CA CYS A 49 1.51 4.01 1.46
C CYS A 49 2.20 4.08 0.10
N TYR A 50 1.42 4.23 -0.96
CA TYR A 50 1.95 4.30 -2.31
C TYR A 50 2.02 5.76 -2.78
N ALA A 51 2.99 6.05 -3.64
CA ALA A 51 3.16 7.39 -4.17
C ALA A 51 2.80 7.45 -5.64
N ASP A 52 3.22 8.51 -6.32
CA ASP A 52 2.94 8.69 -7.74
C ASP A 52 3.24 7.41 -8.51
N ASN A 53 4.29 6.71 -8.11
CA ASN A 53 4.69 5.46 -8.77
C ASN A 53 5.68 4.69 -7.92
N LYS A 54 5.47 4.69 -6.61
CA LYS A 54 6.34 3.98 -5.69
C LYS A 54 5.57 3.52 -4.46
N PHE A 55 5.47 2.20 -4.29
CA PHE A 55 4.76 1.63 -3.15
C PHE A 55 5.68 1.52 -1.93
N TYR A 56 5.16 1.91 -0.78
CA TYR A 56 5.94 1.87 0.46
C TYR A 56 5.14 1.19 1.58
N VAL A 57 5.80 0.30 2.30
CA VAL A 57 5.16 -0.42 3.40
C VAL A 57 5.89 -0.17 4.71
N VAL A 58 5.49 0.90 5.41
CA VAL A 58 6.10 1.24 6.68
C VAL A 58 5.86 0.15 7.72
N LYS A 59 6.88 -0.09 8.56
CA LYS A 59 6.78 -1.11 9.59
C LYS A 59 6.23 -0.51 10.89
N ASN A 60 7.13 0.00 11.72
CA ASN A 60 6.74 0.61 12.99
C ASN A 60 7.29 2.02 13.11
N ASP A 61 8.29 2.33 12.29
CA ASP A 61 8.91 3.65 12.31
C ASP A 61 9.96 3.76 11.20
N VAL A 62 9.79 3.00 10.14
CA VAL A 62 10.71 3.01 9.02
C VAL A 62 10.01 2.66 7.71
N ALA A 63 10.48 3.26 6.62
CA ALA A 63 9.88 3.01 5.31
C ALA A 63 10.43 1.72 4.70
N LEU A 64 9.82 1.28 3.62
CA LEU A 64 10.25 0.05 2.94
C LEU A 64 9.82 0.06 1.47
N PRO A 65 10.68 0.65 0.62
CA PRO A 65 10.41 0.74 -0.83
C PRO A 65 10.48 -0.61 -1.52
N PHE A 66 9.40 -1.01 -2.17
CA PHE A 66 9.35 -2.28 -2.87
C PHE A 66 10.35 -2.32 -4.02
N SER A 67 10.35 -3.42 -4.76
CA SER A 67 11.27 -3.57 -5.88
C SER A 67 10.51 -3.82 -7.18
N ASP A 68 9.50 -4.68 -7.12
CA ASP A 68 8.69 -5.01 -8.29
C ASP A 68 7.27 -5.37 -7.87
N LEU A 69 6.37 -5.43 -8.85
CA LEU A 69 4.97 -5.76 -8.59
C LEU A 69 4.87 -7.05 -7.76
N GLU A 70 5.64 -8.06 -8.15
CA GLU A 70 5.63 -9.33 -7.44
C GLU A 70 5.93 -9.13 -5.95
N ALA A 71 6.65 -8.06 -5.64
CA ALA A 71 7.00 -7.75 -4.26
C ALA A 71 5.80 -7.19 -3.50
N CYS A 72 5.06 -6.29 -4.15
CA CYS A 72 3.89 -5.67 -3.53
C CYS A 72 2.79 -6.70 -3.32
N ARG A 73 2.59 -7.56 -4.32
CA ARG A 73 1.56 -8.59 -4.24
C ARG A 73 1.89 -9.61 -3.14
N ALA A 74 3.19 -9.84 -2.93
CA ALA A 74 3.64 -10.79 -1.92
C ALA A 74 3.73 -10.13 -0.56
N TYR A 75 3.36 -8.85 -0.49
CA TYR A 75 3.41 -8.10 0.77
C TYR A 75 2.04 -8.08 1.43
N LEU A 76 0.99 -8.33 0.65
CA LEU A 76 -0.36 -8.34 1.17
C LEU A 76 -0.93 -9.76 1.21
N THR A 77 -0.16 -10.70 0.66
CA THR A 77 -0.58 -12.10 0.63
C THR A 77 0.39 -12.98 1.40
N SER A 78 1.37 -12.35 2.05
CA SER A 78 2.36 -13.08 2.83
C SER A 78 2.56 -12.45 4.20
N ARG A 79 1.74 -11.44 4.51
CA ARG A 79 1.81 -10.76 5.78
C ARG A 79 0.88 -11.41 6.81
N ALA A 80 -0.18 -12.02 6.33
CA ALA A 80 -1.15 -12.68 7.19
C ALA A 80 -2.26 -13.34 6.39
N ALA A 81 -2.67 -14.52 6.82
CA ALA A 81 -3.73 -15.26 6.14
C ALA A 81 -4.98 -15.38 7.02
N SER A 1 -9.77 8.06 -13.27
CA SER A 1 -10.43 6.79 -13.01
C SER A 1 -9.56 5.62 -13.46
N HIS A 2 -9.43 5.47 -14.77
CA HIS A 2 -8.62 4.38 -15.34
C HIS A 2 -7.24 4.89 -15.72
N MET A 3 -6.63 5.66 -14.84
CA MET A 3 -5.29 6.20 -15.08
C MET A 3 -4.40 6.04 -13.86
N GLN A 4 -4.66 4.97 -13.08
CA GLN A 4 -3.87 4.70 -11.88
C GLN A 4 -2.61 3.92 -12.23
N THR A 5 -1.73 3.75 -11.23
CA THR A 5 -0.49 3.03 -11.43
C THR A 5 -0.72 1.52 -11.33
N PRO A 6 0.22 0.74 -11.89
CA PRO A 6 0.14 -0.72 -11.86
C PRO A 6 0.35 -1.30 -10.47
N GLU A 7 1.25 -0.67 -9.70
CA GLU A 7 1.54 -1.12 -8.35
C GLU A 7 0.27 -1.20 -7.52
N THR A 8 -0.59 -0.20 -7.67
CA THR A 8 -1.84 -0.15 -6.93
C THR A 8 -3.01 -0.63 -7.78
N ALA A 9 -2.71 -1.05 -9.01
CA ALA A 9 -3.73 -1.53 -9.92
C ALA A 9 -4.34 -2.84 -9.43
N PHE A 10 -3.49 -3.71 -8.89
CA PHE A 10 -3.95 -4.99 -8.39
C PHE A 10 -4.54 -4.85 -6.99
N ILE A 11 -4.10 -3.83 -6.26
CA ILE A 11 -4.57 -3.58 -4.91
C ILE A 11 -6.00 -3.02 -4.92
N ASN A 12 -6.21 -1.98 -5.72
CA ASN A 12 -7.53 -1.36 -5.82
C ASN A 12 -8.61 -2.41 -6.04
N ASN A 13 -8.29 -3.43 -6.83
CA ASN A 13 -9.24 -4.50 -7.12
C ASN A 13 -9.82 -5.06 -5.83
N VAL A 14 -9.01 -5.11 -4.78
CA VAL A 14 -9.46 -5.62 -3.49
C VAL A 14 -9.81 -4.49 -2.54
N THR A 15 -9.15 -3.35 -2.72
CA THR A 15 -9.40 -2.19 -1.87
C THR A 15 -10.85 -1.75 -1.95
N SER A 16 -11.50 -2.05 -3.06
CA SER A 16 -12.90 -1.69 -3.26
C SER A 16 -13.82 -2.66 -2.52
N ASN A 17 -13.24 -3.73 -1.99
CA ASN A 17 -14.00 -4.73 -1.26
C ASN A 17 -13.94 -4.48 0.24
N GLY A 18 -12.99 -3.65 0.65
CA GLY A 18 -12.83 -3.33 2.06
C GLY A 18 -11.45 -3.65 2.58
N GLY A 19 -10.47 -3.69 1.68
CA GLY A 19 -9.11 -3.99 2.07
C GLY A 19 -8.68 -5.38 1.66
N TYR A 20 -7.38 -5.64 1.74
CA TYR A 20 -6.83 -6.94 1.37
C TYR A 20 -7.27 -8.01 2.35
N HIS A 21 -6.64 -9.18 2.28
CA HIS A 21 -6.97 -10.29 3.17
C HIS A 21 -7.04 -9.82 4.62
N SER A 22 -5.90 -9.38 5.15
CA SER A 22 -5.84 -8.90 6.52
C SER A 22 -5.79 -7.38 6.58
N TRP A 23 -5.27 -6.78 5.50
CA TRP A 23 -5.16 -5.32 5.43
C TRP A 23 -6.54 -4.68 5.38
N HIS A 24 -6.69 -3.55 6.05
CA HIS A 24 -7.96 -2.83 6.08
C HIS A 24 -7.95 -1.65 5.11
N LEU A 25 -9.11 -1.36 4.53
CA LEU A 25 -9.22 -0.26 3.57
C LEU A 25 -9.21 1.08 4.30
N VAL A 26 -8.25 1.94 3.94
CA VAL A 26 -8.14 3.25 4.56
C VAL A 26 -7.83 4.32 3.51
N SER A 27 -7.58 5.54 3.97
CA SER A 27 -7.28 6.65 3.07
C SER A 27 -7.13 7.95 3.85
N GLY A 28 -6.12 8.00 4.72
CA GLY A 28 -5.89 9.19 5.51
C GLY A 28 -4.86 10.11 4.89
N ASP A 29 -4.11 9.59 3.92
CA ASP A 29 -3.08 10.37 3.26
C ASP A 29 -1.99 10.78 4.23
N LEU A 30 -0.82 10.16 4.11
CA LEU A 30 0.30 10.46 4.99
C LEU A 30 1.45 11.09 4.19
N ILE A 31 2.00 12.18 4.72
CA ILE A 31 3.10 12.88 4.07
C ILE A 31 4.40 12.68 4.84
N VAL A 32 5.44 12.26 4.12
CA VAL A 32 6.75 12.03 4.73
C VAL A 32 7.87 12.30 3.73
N LYS A 33 8.91 12.97 4.19
CA LYS A 33 10.06 13.28 3.34
C LYS A 33 9.65 14.20 2.19
N ASP A 34 8.61 14.99 2.42
CA ASP A 34 8.11 15.91 1.40
C ASP A 34 7.51 15.15 0.22
N VAL A 35 7.13 13.90 0.46
CA VAL A 35 6.56 13.06 -0.59
C VAL A 35 5.17 12.57 -0.18
N CYS A 36 4.17 13.42 -0.37
CA CYS A 36 2.79 13.07 -0.03
C CYS A 36 2.45 11.67 -0.52
N TYR A 37 2.24 10.75 0.42
CA TYR A 37 1.91 9.37 0.08
C TYR A 37 0.41 9.14 0.15
N LYS A 38 -0.02 7.97 -0.31
CA LYS A 38 -1.44 7.62 -0.30
C LYS A 38 -1.70 6.40 0.57
N LYS A 39 -2.37 6.62 1.70
CA LYS A 39 -2.68 5.53 2.63
C LYS A 39 -3.78 4.64 2.06
N LEU A 40 -3.43 3.85 1.04
CA LEU A 40 -4.39 2.95 0.41
C LEU A 40 -4.91 1.92 1.41
N LEU A 41 -3.99 1.26 2.11
CA LEU A 41 -4.35 0.26 3.10
C LEU A 41 -3.62 0.50 4.41
N HIS A 42 -4.19 0.00 5.51
CA HIS A 42 -3.60 0.16 6.83
C HIS A 42 -4.16 -0.86 7.80
N TRP A 43 -3.29 -1.70 8.35
CA TRP A 43 -3.70 -2.72 9.29
C TRP A 43 -2.70 -2.82 10.46
N SER A 44 -3.19 -3.24 11.62
CA SER A 44 -2.35 -3.37 12.80
C SER A 44 -1.03 -4.05 12.44
N GLY A 45 0.04 -3.26 12.39
CA GLY A 45 1.35 -3.80 12.07
C GLY A 45 2.10 -2.93 11.07
N GLN A 46 1.48 -2.68 9.93
CA GLN A 46 2.09 -1.85 8.89
C GLN A 46 1.05 -1.00 8.18
N THR A 47 1.49 -0.26 7.16
CA THR A 47 0.60 0.59 6.39
C THR A 47 1.06 0.72 4.94
N ILE A 48 0.13 0.52 4.02
CA ILE A 48 0.44 0.62 2.60
C ILE A 48 0.34 2.06 2.10
N CYS A 49 1.49 2.68 1.90
CA CYS A 49 1.53 4.06 1.42
C CYS A 49 2.31 4.16 0.11
N TYR A 50 1.58 4.28 -0.99
CA TYR A 50 2.20 4.38 -2.30
C TYR A 50 2.31 5.84 -2.74
N ALA A 51 3.43 6.17 -3.38
CA ALA A 51 3.66 7.53 -3.86
C ALA A 51 3.18 7.69 -5.30
N ASP A 52 3.61 8.78 -5.93
CA ASP A 52 3.23 9.05 -7.32
C ASP A 52 3.44 7.81 -8.19
N ASN A 53 4.61 7.19 -8.06
CA ASN A 53 4.94 5.99 -8.83
C ASN A 53 5.80 5.04 -8.03
N LYS A 54 5.46 4.86 -6.75
CA LYS A 54 6.21 3.97 -5.88
C LYS A 54 5.31 3.39 -4.79
N PHE A 55 5.80 2.35 -4.12
CA PHE A 55 5.05 1.70 -3.06
C PHE A 55 5.90 1.50 -1.82
N TYR A 56 5.36 1.88 -0.66
CA TYR A 56 6.07 1.74 0.60
C TYR A 56 5.16 1.18 1.69
N VAL A 57 5.68 0.24 2.46
CA VAL A 57 4.92 -0.37 3.54
C VAL A 57 5.50 -0.01 4.90
N VAL A 58 5.08 1.15 5.43
CA VAL A 58 5.54 1.62 6.72
C VAL A 58 5.27 0.58 7.81
N LYS A 59 6.22 0.45 8.74
CA LYS A 59 6.09 -0.50 9.84
C LYS A 59 5.96 0.23 11.17
N ASN A 60 6.26 -0.48 12.25
CA ASN A 60 6.18 0.09 13.59
C ASN A 60 6.86 1.45 13.64
N ASP A 61 7.90 1.62 12.81
CA ASP A 61 8.63 2.87 12.76
C ASP A 61 9.78 2.79 11.74
N VAL A 62 9.53 2.06 10.66
CA VAL A 62 10.53 1.90 9.61
C VAL A 62 9.87 1.80 8.23
N ALA A 63 10.62 2.16 7.20
CA ALA A 63 10.11 2.11 5.84
C ALA A 63 10.53 0.82 5.14
N LEU A 64 9.94 0.55 3.98
CA LEU A 64 10.26 -0.64 3.21
C LEU A 64 9.87 -0.48 1.74
N PRO A 65 10.75 0.16 0.96
CA PRO A 65 10.51 0.40 -0.47
C PRO A 65 10.58 -0.88 -1.28
N PHE A 66 9.49 -1.18 -1.99
CA PHE A 66 9.44 -2.38 -2.81
C PHE A 66 10.39 -2.29 -3.99
N SER A 67 10.41 -3.32 -4.82
CA SER A 67 11.29 -3.36 -5.99
C SER A 67 10.49 -3.52 -7.28
N ASP A 68 9.50 -4.41 -7.24
CA ASP A 68 8.66 -4.67 -8.40
C ASP A 68 7.25 -5.08 -7.97
N LEU A 69 6.33 -5.13 -8.92
CA LEU A 69 4.95 -5.50 -8.65
C LEU A 69 4.89 -6.80 -7.86
N GLU A 70 5.67 -7.79 -8.30
CA GLU A 70 5.71 -9.09 -7.65
C GLU A 70 6.01 -8.94 -6.16
N ALA A 71 6.71 -7.86 -5.81
CA ALA A 71 7.07 -7.59 -4.43
C ALA A 71 5.88 -7.03 -3.65
N CYS A 72 5.12 -6.16 -4.29
CA CYS A 72 3.95 -5.56 -3.65
C CYS A 72 2.83 -6.59 -3.48
N ARG A 73 2.64 -7.42 -4.50
CA ARG A 73 1.60 -8.44 -4.46
C ARG A 73 1.93 -9.51 -3.42
N ALA A 74 3.22 -9.75 -3.21
CA ALA A 74 3.65 -10.75 -2.23
C ALA A 74 3.79 -10.13 -0.85
N TYR A 75 3.47 -8.85 -0.74
CA TYR A 75 3.56 -8.15 0.53
C TYR A 75 2.22 -8.14 1.25
N LEU A 76 1.15 -8.26 0.48
CA LEU A 76 -0.20 -8.28 1.04
C LEU A 76 -0.73 -9.70 1.19
N THR A 77 0.05 -10.67 0.69
CA THR A 77 -0.34 -12.07 0.76
C THR A 77 0.66 -12.85 1.61
N SER A 78 1.67 -12.17 2.15
CA SER A 78 2.67 -12.81 2.97
C SER A 78 2.66 -12.26 4.39
N ARG A 79 2.24 -10.99 4.52
CA ARG A 79 2.19 -10.34 5.81
C ARG A 79 1.36 -11.16 6.80
N ALA A 80 0.12 -11.47 6.42
CA ALA A 80 -0.76 -12.26 7.27
C ALA A 80 -1.54 -13.29 6.46
N ALA A 81 -1.88 -14.40 7.09
CA ALA A 81 -2.63 -15.46 6.42
C ALA A 81 -4.12 -15.19 6.46
N SER A 1 -4.21 11.12 -12.84
CA SER A 1 -5.57 11.57 -12.55
C SER A 1 -6.59 10.66 -13.23
N HIS A 2 -6.18 10.03 -14.32
CA HIS A 2 -7.07 9.13 -15.06
C HIS A 2 -6.55 7.70 -15.03
N MET A 3 -5.26 7.55 -15.30
CA MET A 3 -4.64 6.23 -15.31
C MET A 3 -3.87 5.99 -14.00
N GLN A 4 -4.24 4.91 -13.30
CA GLN A 4 -3.60 4.58 -12.04
C GLN A 4 -2.38 3.69 -12.27
N THR A 5 -1.48 3.66 -11.29
CA THR A 5 -0.27 2.85 -11.40
C THR A 5 -0.60 1.36 -11.33
N PRO A 6 0.33 0.52 -11.82
CA PRO A 6 0.16 -0.93 -11.84
C PRO A 6 0.24 -1.53 -10.44
N GLU A 7 1.03 -0.91 -9.57
CA GLU A 7 1.18 -1.37 -8.20
C GLU A 7 -0.16 -1.41 -7.48
N THR A 8 -0.82 -0.26 -7.38
CA THR A 8 -2.11 -0.16 -6.73
C THR A 8 -3.23 -0.71 -7.60
N ALA A 9 -2.86 -1.11 -8.82
CA ALA A 9 -3.83 -1.66 -9.76
C ALA A 9 -4.46 -2.93 -9.22
N PHE A 10 -3.65 -3.95 -9.00
CA PHE A 10 -4.12 -5.23 -8.49
C PHE A 10 -4.71 -5.05 -7.08
N ILE A 11 -4.20 -4.06 -6.36
CA ILE A 11 -4.68 -3.79 -5.01
C ILE A 11 -6.09 -3.23 -5.02
N ASN A 12 -6.30 -2.21 -5.84
CA ASN A 12 -7.62 -1.57 -5.95
C ASN A 12 -8.72 -2.62 -6.12
N ASN A 13 -8.42 -3.65 -6.90
CA ASN A 13 -9.39 -4.72 -7.14
C ASN A 13 -9.96 -5.25 -5.83
N VAL A 14 -9.12 -5.29 -4.80
CA VAL A 14 -9.54 -5.77 -3.49
C VAL A 14 -9.87 -4.61 -2.56
N THR A 15 -9.26 -3.45 -2.81
CA THR A 15 -9.48 -2.27 -2.00
C THR A 15 -10.94 -1.84 -2.04
N SER A 16 -11.59 -2.06 -3.18
CA SER A 16 -12.99 -1.70 -3.36
C SER A 16 -13.89 -2.66 -2.58
N ASN A 17 -13.31 -3.72 -2.05
CA ASN A 17 -14.07 -4.71 -1.29
C ASN A 17 -13.93 -4.45 0.21
N GLY A 18 -13.01 -3.57 0.58
CA GLY A 18 -12.80 -3.25 1.98
C GLY A 18 -11.38 -3.49 2.42
N GLY A 19 -10.46 -3.62 1.46
CA GLY A 19 -9.07 -3.86 1.78
C GLY A 19 -8.64 -5.28 1.50
N TYR A 20 -7.34 -5.54 1.58
CA TYR A 20 -6.81 -6.87 1.33
C TYR A 20 -7.28 -7.85 2.40
N HIS A 21 -6.67 -9.04 2.40
CA HIS A 21 -7.03 -10.07 3.37
C HIS A 21 -7.02 -9.51 4.79
N SER A 22 -5.83 -9.22 5.30
CA SER A 22 -5.69 -8.68 6.64
C SER A 22 -5.68 -7.15 6.62
N TRP A 23 -5.32 -6.59 5.48
CA TRP A 23 -5.28 -5.14 5.32
C TRP A 23 -6.67 -4.56 5.13
N HIS A 24 -6.94 -3.43 5.79
CA HIS A 24 -8.24 -2.78 5.69
C HIS A 24 -8.19 -1.62 4.69
N LEU A 25 -9.37 -1.19 4.24
CA LEU A 25 -9.46 -0.09 3.29
C LEU A 25 -9.42 1.26 4.00
N VAL A 26 -8.41 2.06 3.67
CA VAL A 26 -8.26 3.37 4.28
C VAL A 26 -7.78 4.40 3.25
N SER A 27 -7.52 5.62 3.71
CA SER A 27 -7.07 6.69 2.84
C SER A 27 -6.85 7.98 3.63
N GLY A 28 -6.14 7.86 4.75
CA GLY A 28 -5.87 9.02 5.58
C GLY A 28 -4.83 9.93 4.96
N ASP A 29 -4.14 9.44 3.93
CA ASP A 29 -3.12 10.23 3.26
C ASP A 29 -1.98 10.58 4.22
N LEU A 30 -0.88 9.85 4.13
CA LEU A 30 0.27 10.10 4.99
C LEU A 30 1.38 10.81 4.22
N ILE A 31 1.96 11.83 4.84
CA ILE A 31 3.03 12.60 4.22
C ILE A 31 4.36 12.36 4.94
N VAL A 32 5.39 12.00 4.17
CA VAL A 32 6.71 11.76 4.74
C VAL A 32 7.81 12.08 3.74
N LYS A 33 8.83 12.78 4.19
CA LYS A 33 9.95 13.15 3.33
C LYS A 33 9.49 14.10 2.23
N ASP A 34 8.44 14.86 2.51
CA ASP A 34 7.91 15.81 1.53
C ASP A 34 7.31 15.08 0.33
N VAL A 35 6.95 13.81 0.54
CA VAL A 35 6.37 13.00 -0.53
C VAL A 35 4.98 12.52 -0.15
N CYS A 36 3.99 13.37 -0.32
CA CYS A 36 2.61 13.04 0.01
C CYS A 36 2.26 11.65 -0.52
N TYR A 37 2.13 10.69 0.40
CA TYR A 37 1.80 9.32 0.04
C TYR A 37 0.30 9.07 0.15
N LYS A 38 -0.15 7.94 -0.38
CA LYS A 38 -1.56 7.58 -0.34
C LYS A 38 -1.78 6.32 0.50
N LYS A 39 -2.47 6.48 1.63
CA LYS A 39 -2.74 5.36 2.52
C LYS A 39 -3.80 4.44 1.92
N LEU A 40 -3.42 3.71 0.88
CA LEU A 40 -4.35 2.79 0.22
C LEU A 40 -4.93 1.79 1.22
N LEU A 41 -4.07 1.25 2.08
CA LEU A 41 -4.49 0.29 3.09
C LEU A 41 -3.80 0.55 4.42
N HIS A 42 -4.30 -0.08 5.47
CA HIS A 42 -3.73 0.08 6.81
C HIS A 42 -4.18 -1.04 7.73
N TRP A 43 -3.24 -1.59 8.49
CA TRP A 43 -3.55 -2.68 9.42
C TRP A 43 -2.57 -2.69 10.58
N SER A 44 -3.06 -3.07 11.76
CA SER A 44 -2.23 -3.12 12.96
C SER A 44 -0.95 -3.89 12.70
N GLY A 45 0.15 -3.16 12.53
CA GLY A 45 1.44 -3.78 12.27
C GLY A 45 2.16 -3.16 11.10
N GLN A 46 1.41 -2.86 10.04
CA GLN A 46 2.00 -2.25 8.84
C GLN A 46 1.06 -1.21 8.25
N THR A 47 1.46 -0.64 7.12
CA THR A 47 0.65 0.37 6.45
C THR A 47 1.06 0.53 4.99
N ILE A 48 0.08 0.51 4.09
CA ILE A 48 0.34 0.64 2.67
C ILE A 48 0.27 2.11 2.23
N CYS A 49 1.42 2.64 1.80
CA CYS A 49 1.48 4.03 1.35
C CYS A 49 2.20 4.13 0.02
N TYR A 50 1.44 4.26 -1.05
CA TYR A 50 2.01 4.37 -2.40
C TYR A 50 2.08 5.82 -2.84
N ALA A 51 3.18 6.18 -3.50
CA ALA A 51 3.37 7.55 -3.99
C ALA A 51 2.87 7.69 -5.41
N ASP A 52 3.30 8.77 -6.08
CA ASP A 52 2.89 9.03 -7.45
C ASP A 52 3.04 7.78 -8.31
N ASN A 53 4.20 7.12 -8.20
CA ASN A 53 4.48 5.91 -8.97
C ASN A 53 5.39 4.97 -8.19
N LYS A 54 5.09 4.79 -6.91
CA LYS A 54 5.89 3.91 -6.05
C LYS A 54 5.03 3.33 -4.94
N PHE A 55 5.51 2.24 -4.33
CA PHE A 55 4.79 1.58 -3.25
C PHE A 55 5.68 1.43 -2.03
N TYR A 56 5.14 1.76 -0.86
CA TYR A 56 5.88 1.66 0.39
C TYR A 56 5.03 1.04 1.48
N VAL A 57 5.59 0.07 2.19
CA VAL A 57 4.88 -0.61 3.27
C VAL A 57 5.58 -0.39 4.61
N VAL A 58 5.21 0.69 5.29
CA VAL A 58 5.81 1.01 6.58
C VAL A 58 5.46 -0.05 7.63
N LYS A 59 6.41 -0.35 8.50
CA LYS A 59 6.21 -1.34 9.55
C LYS A 59 5.67 -0.69 10.83
N ASN A 60 6.59 -0.23 11.67
CA ASN A 60 6.21 0.41 12.93
C ASN A 60 6.87 1.78 13.05
N ASP A 61 7.91 2.01 12.25
CA ASP A 61 8.62 3.28 12.26
C ASP A 61 9.70 3.31 11.18
N VAL A 62 9.49 2.53 10.12
CA VAL A 62 10.45 2.48 9.02
C VAL A 62 9.74 2.16 7.71
N ALA A 63 10.18 2.82 6.64
CA ALA A 63 9.60 2.61 5.32
C ALA A 63 10.15 1.34 4.66
N LEU A 64 9.52 0.93 3.58
CA LEU A 64 9.94 -0.27 2.86
C LEU A 64 9.56 -0.19 1.38
N PRO A 65 10.44 0.44 0.57
CA PRO A 65 10.22 0.59 -0.86
C PRO A 65 10.32 -0.73 -1.61
N PHE A 66 9.25 -1.09 -2.32
CA PHE A 66 9.22 -2.33 -3.08
C PHE A 66 10.18 -2.27 -4.26
N SER A 67 10.18 -3.32 -5.07
CA SER A 67 11.06 -3.40 -6.24
C SER A 67 10.25 -3.62 -7.50
N ASP A 68 9.31 -4.55 -7.44
CA ASP A 68 8.46 -4.87 -8.58
C ASP A 68 7.06 -5.24 -8.14
N LEU A 69 6.13 -5.31 -9.09
CA LEU A 69 4.74 -5.65 -8.79
C LEU A 69 4.67 -6.93 -7.96
N GLU A 70 5.42 -7.94 -8.36
CA GLU A 70 5.45 -9.21 -7.65
C GLU A 70 5.80 -9.00 -6.18
N ALA A 71 6.55 -7.94 -5.91
CA ALA A 71 6.96 -7.62 -4.54
C ALA A 71 5.81 -7.02 -3.74
N CYS A 72 5.02 -6.20 -4.41
CA CYS A 72 3.87 -5.55 -3.76
C CYS A 72 2.80 -6.57 -3.41
N ARG A 73 2.48 -7.45 -4.35
CA ARG A 73 1.47 -8.47 -4.15
C ARG A 73 1.88 -9.42 -3.02
N ALA A 74 3.18 -9.68 -2.92
CA ALA A 74 3.70 -10.56 -1.88
C ALA A 74 3.94 -9.81 -0.58
N TYR A 75 3.59 -8.53 -0.57
CA TYR A 75 3.78 -7.69 0.61
C TYR A 75 2.47 -7.54 1.38
N LEU A 76 1.39 -8.06 0.79
CA LEU A 76 0.07 -7.98 1.42
C LEU A 76 -0.38 -9.37 1.90
N THR A 77 0.34 -10.40 1.48
CA THR A 77 0.01 -11.77 1.86
C THR A 77 1.23 -12.47 2.45
N SER A 78 2.26 -11.71 2.76
CA SER A 78 3.48 -12.26 3.33
C SER A 78 4.11 -11.29 4.33
N ARG A 79 3.33 -10.28 4.73
CA ARG A 79 3.81 -9.28 5.68
C ARG A 79 3.81 -9.85 7.10
N ALA A 80 2.97 -10.84 7.34
CA ALA A 80 2.88 -11.47 8.65
C ALA A 80 2.92 -12.99 8.54
N ALA A 81 3.03 -13.66 9.68
CA ALA A 81 3.08 -15.11 9.70
C ALA A 81 1.68 -15.71 9.79
N SER A 1 -7.14 12.72 -14.13
CA SER A 1 -6.32 11.53 -14.33
C SER A 1 -7.20 10.29 -14.50
N HIS A 2 -6.80 9.41 -15.41
CA HIS A 2 -7.55 8.19 -15.67
C HIS A 2 -6.60 7.01 -15.91
N MET A 3 -5.42 7.07 -15.30
CA MET A 3 -4.43 6.02 -15.44
C MET A 3 -3.67 5.80 -14.13
N GLN A 4 -4.14 4.83 -13.35
CA GLN A 4 -3.51 4.51 -12.07
C GLN A 4 -2.30 3.61 -12.27
N THR A 5 -1.40 3.61 -11.28
CA THR A 5 -0.20 2.79 -11.35
C THR A 5 -0.54 1.31 -11.25
N PRO A 6 0.39 0.45 -11.73
CA PRO A 6 0.21 -1.00 -11.70
C PRO A 6 0.26 -1.57 -10.29
N GLU A 7 1.05 -0.93 -9.43
CA GLU A 7 1.18 -1.37 -8.05
C GLU A 7 -0.18 -1.40 -7.35
N THR A 8 -0.84 -0.25 -7.31
CA THR A 8 -2.15 -0.15 -6.67
C THR A 8 -3.24 -0.68 -7.58
N ALA A 9 -2.87 -1.10 -8.78
CA ALA A 9 -3.82 -1.64 -9.74
C ALA A 9 -4.49 -2.90 -9.19
N PHE A 10 -3.70 -3.94 -8.95
CA PHE A 10 -4.22 -5.19 -8.43
C PHE A 10 -4.82 -5.00 -7.04
N ILE A 11 -4.30 -4.03 -6.30
CA ILE A 11 -4.79 -3.74 -4.96
C ILE A 11 -6.21 -3.17 -5.01
N ASN A 12 -6.39 -2.15 -5.84
CA ASN A 12 -7.69 -1.50 -5.97
C ASN A 12 -8.79 -2.54 -6.19
N ASN A 13 -8.48 -3.57 -6.96
CA ASN A 13 -9.45 -4.64 -7.24
C ASN A 13 -10.05 -5.17 -5.94
N VAL A 14 -9.24 -5.23 -4.90
CA VAL A 14 -9.69 -5.72 -3.60
C VAL A 14 -10.03 -4.57 -2.66
N THR A 15 -9.41 -3.42 -2.90
CA THR A 15 -9.65 -2.24 -2.07
C THR A 15 -11.12 -1.82 -2.13
N SER A 16 -11.73 -2.02 -3.30
CA SER A 16 -13.14 -1.66 -3.48
C SER A 16 -14.06 -2.62 -2.74
N ASN A 17 -13.47 -3.69 -2.21
CA ASN A 17 -14.24 -4.68 -1.46
C ASN A 17 -14.14 -4.44 0.04
N GLY A 18 -13.20 -3.58 0.43
CA GLY A 18 -13.01 -3.27 1.84
C GLY A 18 -11.60 -3.55 2.30
N GLY A 19 -10.67 -3.61 1.36
CA GLY A 19 -9.27 -3.87 1.70
C GLY A 19 -8.87 -5.30 1.41
N TYR A 20 -7.58 -5.60 1.60
CA TYR A 20 -7.07 -6.93 1.34
C TYR A 20 -7.55 -7.91 2.42
N HIS A 21 -6.98 -9.12 2.40
CA HIS A 21 -7.36 -10.15 3.37
C HIS A 21 -7.27 -9.60 4.79
N SER A 22 -6.06 -9.36 5.27
CA SER A 22 -5.86 -8.85 6.62
C SER A 22 -5.84 -7.33 6.62
N TRP A 23 -5.50 -6.74 5.47
CA TRP A 23 -5.45 -5.29 5.34
C TRP A 23 -6.85 -4.72 5.10
N HIS A 24 -7.15 -3.61 5.77
CA HIS A 24 -8.45 -2.96 5.63
C HIS A 24 -8.37 -1.78 4.67
N LEU A 25 -9.52 -1.29 4.24
CA LEU A 25 -9.58 -0.17 3.32
C LEU A 25 -9.49 1.16 4.07
N VAL A 26 -8.46 1.94 3.76
CA VAL A 26 -8.26 3.23 4.41
C VAL A 26 -7.83 4.28 3.39
N SER A 27 -7.59 5.50 3.88
CA SER A 27 -7.18 6.61 3.02
C SER A 27 -6.99 7.88 3.82
N GLY A 28 -6.15 7.81 4.85
CA GLY A 28 -5.89 8.96 5.69
C GLY A 28 -4.87 9.90 5.08
N ASP A 29 -4.15 9.42 4.08
CA ASP A 29 -3.13 10.22 3.41
C ASP A 29 -2.02 10.62 4.37
N LEU A 30 -0.88 9.96 4.27
CA LEU A 30 0.26 10.23 5.13
C LEU A 30 1.39 10.90 4.36
N ILE A 31 1.84 12.05 4.85
CA ILE A 31 2.92 12.78 4.20
C ILE A 31 4.23 12.61 4.95
N VAL A 32 5.25 12.13 4.24
CA VAL A 32 6.57 11.91 4.84
C VAL A 32 7.68 12.18 3.83
N LYS A 33 8.72 12.88 4.27
CA LYS A 33 9.85 13.20 3.42
C LYS A 33 9.42 14.11 2.28
N ASP A 34 8.39 14.91 2.51
CA ASP A 34 7.89 15.84 1.51
C ASP A 34 7.27 15.08 0.33
N VAL A 35 6.90 13.83 0.57
CA VAL A 35 6.31 13.00 -0.46
C VAL A 35 4.93 12.49 -0.05
N CYS A 36 3.92 13.33 -0.21
CA CYS A 36 2.55 12.96 0.16
C CYS A 36 2.22 11.57 -0.35
N TYR A 37 2.04 10.63 0.57
CA TYR A 37 1.71 9.26 0.21
C TYR A 37 0.21 8.99 0.37
N LYS A 38 -0.26 7.95 -0.30
CA LYS A 38 -1.68 7.59 -0.24
C LYS A 38 -1.89 6.34 0.62
N LYS A 39 -2.61 6.49 1.72
CA LYS A 39 -2.88 5.38 2.62
C LYS A 39 -3.92 4.44 2.01
N LEU A 40 -3.49 3.68 1.00
CA LEU A 40 -4.39 2.73 0.33
C LEU A 40 -4.94 1.72 1.32
N LEU A 41 -4.04 1.08 2.08
CA LEU A 41 -4.46 0.10 3.07
C LEU A 41 -3.76 0.33 4.40
N HIS A 42 -4.28 -0.26 5.46
CA HIS A 42 -3.71 -0.11 6.79
C HIS A 42 -4.08 -1.29 7.69
N TRP A 43 -3.10 -1.80 8.42
CA TRP A 43 -3.34 -2.94 9.31
C TRP A 43 -2.36 -2.91 10.48
N SER A 44 -2.85 -3.27 11.66
CA SER A 44 -2.02 -3.29 12.86
C SER A 44 -0.67 -3.95 12.58
N GLY A 45 0.38 -3.15 12.54
CA GLY A 45 1.71 -3.67 12.28
C GLY A 45 2.41 -2.94 11.16
N GLN A 46 1.68 -2.65 10.08
CA GLN A 46 2.25 -1.95 8.94
C GLN A 46 1.23 -1.00 8.33
N THR A 47 1.60 -0.36 7.23
CA THR A 47 0.72 0.58 6.54
C THR A 47 1.09 0.71 5.07
N ILE A 48 0.13 0.47 4.19
CA ILE A 48 0.36 0.57 2.76
C ILE A 48 0.23 2.01 2.28
N CYS A 49 1.37 2.63 1.99
CA CYS A 49 1.39 4.01 1.51
C CYS A 49 2.12 4.12 0.18
N TYR A 50 1.35 4.22 -0.90
CA TYR A 50 1.92 4.34 -2.24
C TYR A 50 1.97 5.79 -2.69
N ALA A 51 3.04 6.15 -3.39
CA ALA A 51 3.21 7.51 -3.89
C ALA A 51 2.70 7.64 -5.31
N ASP A 52 3.12 8.71 -5.99
CA ASP A 52 2.70 8.94 -7.37
C ASP A 52 2.88 7.69 -8.21
N ASN A 53 4.06 7.08 -8.13
CA ASN A 53 4.36 5.88 -8.89
C ASN A 53 5.29 4.96 -8.11
N LYS A 54 4.99 4.78 -6.83
CA LYS A 54 5.81 3.92 -5.96
C LYS A 54 4.96 3.33 -4.83
N PHE A 55 5.47 2.27 -4.22
CA PHE A 55 4.76 1.61 -3.12
C PHE A 55 5.66 1.49 -1.90
N TYR A 56 5.15 1.93 -0.75
CA TYR A 56 5.91 1.88 0.49
C TYR A 56 5.07 1.31 1.62
N VAL A 57 5.62 0.32 2.32
CA VAL A 57 4.92 -0.31 3.43
C VAL A 57 5.63 -0.07 4.75
N VAL A 58 5.28 1.01 5.42
CA VAL A 58 5.89 1.36 6.70
C VAL A 58 5.61 0.30 7.75
N LYS A 59 6.61 0.01 8.58
CA LYS A 59 6.46 -0.98 9.64
C LYS A 59 5.95 -0.35 10.92
N ASN A 60 6.87 0.14 11.75
CA ASN A 60 6.51 0.77 13.00
C ASN A 60 7.12 2.17 13.10
N ASP A 61 8.11 2.44 12.27
CA ASP A 61 8.79 3.73 12.26
C ASP A 61 9.83 3.80 11.15
N VAL A 62 9.63 3.01 10.11
CA VAL A 62 10.55 2.98 8.97
C VAL A 62 9.82 2.62 7.69
N ALA A 63 10.24 3.23 6.59
CA ALA A 63 9.63 2.98 5.29
C ALA A 63 10.17 1.69 4.68
N LEU A 64 9.54 1.25 3.59
CA LEU A 64 9.96 0.02 2.91
C LEU A 64 9.55 0.05 1.44
N PRO A 65 10.41 0.64 0.60
CA PRO A 65 10.15 0.74 -0.85
C PRO A 65 10.23 -0.62 -1.55
N PHE A 66 9.14 -1.00 -2.20
CA PHE A 66 9.08 -2.28 -2.91
C PHE A 66 10.08 -2.29 -4.08
N SER A 67 10.07 -3.39 -4.83
CA SER A 67 10.97 -3.53 -5.97
C SER A 67 10.19 -3.79 -7.24
N ASP A 68 9.18 -4.66 -7.15
CA ASP A 68 8.35 -5.00 -8.30
C ASP A 68 6.93 -5.36 -7.86
N LEU A 69 6.03 -5.44 -8.83
CA LEU A 69 4.63 -5.79 -8.54
C LEU A 69 4.55 -7.04 -7.69
N GLU A 70 5.31 -8.06 -8.07
CA GLU A 70 5.32 -9.32 -7.34
C GLU A 70 5.65 -9.10 -5.86
N ALA A 71 6.37 -8.02 -5.58
CA ALA A 71 6.74 -7.69 -4.20
C ALA A 71 5.56 -7.12 -3.44
N CYS A 72 4.78 -6.27 -4.10
CA CYS A 72 3.62 -5.65 -3.47
C CYS A 72 2.52 -6.69 -3.22
N ARG A 73 2.27 -7.53 -4.23
CA ARG A 73 1.24 -8.56 -4.12
C ARG A 73 1.58 -9.54 -3.00
N ALA A 74 2.87 -9.82 -2.84
CA ALA A 74 3.32 -10.74 -1.79
C ALA A 74 3.40 -10.05 -0.44
N TYR A 75 3.22 -8.73 -0.45
CA TYR A 75 3.27 -7.94 0.78
C TYR A 75 1.90 -7.84 1.42
N LEU A 76 0.89 -8.38 0.73
CA LEU A 76 -0.48 -8.34 1.23
C LEU A 76 -1.04 -9.76 1.36
N THR A 77 -0.29 -10.74 0.88
CA THR A 77 -0.71 -12.13 0.95
C THR A 77 0.46 -13.05 1.28
N SER A 78 1.58 -12.45 1.69
CA SER A 78 2.77 -13.22 2.03
C SER A 78 3.67 -12.42 2.96
N ARG A 79 3.11 -11.43 3.62
CA ARG A 79 3.86 -10.59 4.55
C ARG A 79 3.79 -11.14 5.97
N ALA A 80 2.76 -11.95 6.23
CA ALA A 80 2.58 -12.53 7.55
C ALA A 80 2.92 -14.02 7.54
N ALA A 81 3.74 -14.44 8.50
CA ALA A 81 4.15 -15.83 8.60
C ALA A 81 3.29 -16.59 9.61
N SER A 1 -7.71 12.05 -13.68
CA SER A 1 -6.58 11.64 -14.51
C SER A 1 -6.93 10.41 -15.34
N HIS A 2 -7.65 9.47 -14.73
CA HIS A 2 -8.06 8.25 -15.42
C HIS A 2 -6.83 7.47 -15.89
N MET A 3 -5.97 7.09 -14.95
CA MET A 3 -4.78 6.33 -15.28
C MET A 3 -4.05 5.88 -14.01
N GLN A 4 -4.64 4.90 -13.32
CA GLN A 4 -4.05 4.38 -12.10
C GLN A 4 -2.74 3.67 -12.38
N THR A 5 -1.95 3.43 -11.34
CA THR A 5 -0.67 2.76 -11.47
C THR A 5 -0.84 1.24 -11.43
N PRO A 6 0.16 0.52 -11.94
CA PRO A 6 0.15 -0.94 -11.96
C PRO A 6 0.30 -1.55 -10.58
N GLU A 7 1.01 -0.85 -9.69
CA GLU A 7 1.22 -1.32 -8.33
C GLU A 7 -0.10 -1.38 -7.57
N THR A 8 -0.85 -0.28 -7.63
CA THR A 8 -2.14 -0.21 -6.93
C THR A 8 -3.26 -0.77 -7.80
N ALA A 9 -2.92 -1.19 -9.01
CA ALA A 9 -3.90 -1.75 -9.93
C ALA A 9 -4.50 -3.04 -9.37
N PHE A 10 -3.63 -3.96 -8.96
CA PHE A 10 -4.08 -5.24 -8.40
C PHE A 10 -4.68 -5.04 -7.01
N ILE A 11 -4.21 -4.01 -6.32
CA ILE A 11 -4.71 -3.72 -4.98
C ILE A 11 -6.13 -3.16 -5.02
N ASN A 12 -6.34 -2.16 -5.85
CA ASN A 12 -7.65 -1.54 -5.99
C ASN A 12 -8.74 -2.60 -6.17
N ASN A 13 -8.42 -3.64 -6.93
CA ASN A 13 -9.37 -4.72 -7.18
C ASN A 13 -9.95 -5.24 -5.88
N VAL A 14 -9.13 -5.27 -4.83
CA VAL A 14 -9.57 -5.75 -3.53
C VAL A 14 -9.92 -4.58 -2.60
N THR A 15 -9.31 -3.43 -2.86
CA THR A 15 -9.55 -2.24 -2.05
C THR A 15 -11.02 -1.82 -2.12
N SER A 16 -11.64 -2.04 -3.28
CA SER A 16 -13.04 -1.69 -3.48
C SER A 16 -13.95 -2.63 -2.70
N ASN A 17 -13.38 -3.69 -2.16
CA ASN A 17 -14.14 -4.67 -1.40
C ASN A 17 -14.03 -4.39 0.11
N GLY A 18 -13.09 -3.53 0.47
CA GLY A 18 -12.90 -3.19 1.87
C GLY A 18 -11.50 -3.49 2.35
N GLY A 19 -10.56 -3.58 1.42
CA GLY A 19 -9.17 -3.85 1.77
C GLY A 19 -8.79 -5.30 1.49
N TYR A 20 -7.49 -5.57 1.54
CA TYR A 20 -6.98 -6.92 1.29
C TYR A 20 -7.48 -7.90 2.34
N HIS A 21 -6.91 -9.09 2.35
CA HIS A 21 -7.29 -10.12 3.31
C HIS A 21 -7.29 -9.57 4.73
N SER A 22 -6.11 -9.29 5.25
CA SER A 22 -5.98 -8.75 6.61
C SER A 22 -5.89 -7.23 6.58
N TRP A 23 -5.50 -6.68 5.44
CA TRP A 23 -5.38 -5.24 5.28
C TRP A 23 -6.76 -4.60 5.07
N HIS A 24 -7.05 -3.56 5.84
CA HIS A 24 -8.32 -2.86 5.74
C HIS A 24 -8.22 -1.68 4.79
N LEU A 25 -9.36 -1.22 4.29
CA LEU A 25 -9.40 -0.09 3.36
C LEU A 25 -9.31 1.23 4.12
N VAL A 26 -8.25 1.97 3.87
CA VAL A 26 -8.05 3.26 4.53
C VAL A 26 -7.62 4.33 3.52
N SER A 27 -7.32 5.53 4.03
CA SER A 27 -6.90 6.64 3.17
C SER A 27 -6.65 7.89 4.00
N GLY A 28 -6.02 7.71 5.15
CA GLY A 28 -5.73 8.85 6.02
C GLY A 28 -4.74 9.81 5.40
N ASP A 29 -4.04 9.36 4.37
CA ASP A 29 -3.06 10.19 3.68
C ASP A 29 -1.90 10.54 4.61
N LEU A 30 -0.73 9.96 4.34
CA LEU A 30 0.44 10.21 5.16
C LEU A 30 1.54 10.89 4.34
N ILE A 31 1.97 12.06 4.78
CA ILE A 31 3.02 12.80 4.09
C ILE A 31 4.37 12.63 4.79
N VAL A 32 5.36 12.16 4.05
CA VAL A 32 6.69 11.95 4.59
C VAL A 32 7.76 12.25 3.54
N LYS A 33 8.83 12.91 3.97
CA LYS A 33 9.94 13.24 3.07
C LYS A 33 9.46 14.19 1.97
N ASP A 34 8.43 14.97 2.27
CA ASP A 34 7.88 15.92 1.31
C ASP A 34 7.25 15.19 0.14
N VAL A 35 6.90 13.92 0.34
CA VAL A 35 6.27 13.12 -0.70
C VAL A 35 4.92 12.60 -0.25
N CYS A 36 3.90 13.44 -0.35
CA CYS A 36 2.55 13.06 0.05
C CYS A 36 2.18 11.68 -0.50
N TYR A 37 2.07 10.71 0.39
CA TYR A 37 1.73 9.34 0.00
C TYR A 37 0.21 9.12 0.06
N LYS A 38 -0.20 7.87 -0.19
CA LYS A 38 -1.61 7.53 -0.16
C LYS A 38 -1.84 6.26 0.66
N LYS A 39 -2.52 6.40 1.79
CA LYS A 39 -2.81 5.27 2.66
C LYS A 39 -3.85 4.35 2.03
N LEU A 40 -3.43 3.61 1.00
CA LEU A 40 -4.34 2.69 0.31
C LEU A 40 -4.88 1.64 1.26
N LEU A 41 -4.00 1.10 2.10
CA LEU A 41 -4.39 0.09 3.07
C LEU A 41 -3.70 0.30 4.41
N HIS A 42 -4.10 -0.45 5.42
CA HIS A 42 -3.52 -0.34 6.75
C HIS A 42 -4.02 -1.45 7.66
N TRP A 43 -3.13 -2.01 8.47
CA TRP A 43 -3.48 -3.08 9.38
C TRP A 43 -2.42 -3.23 10.48
N SER A 44 -2.87 -3.22 11.73
CA SER A 44 -1.97 -3.35 12.87
C SER A 44 -0.97 -2.19 12.91
N GLY A 45 0.14 -2.35 12.19
CA GLY A 45 1.15 -1.31 12.15
C GLY A 45 1.63 -1.02 10.75
N GLN A 46 1.47 -1.99 9.85
CA GLN A 46 1.89 -1.82 8.47
C GLN A 46 0.93 -0.92 7.71
N THR A 47 1.42 0.23 7.28
CA THR A 47 0.60 1.19 6.54
C THR A 47 0.99 1.23 5.07
N ILE A 48 0.12 0.72 4.21
CA ILE A 48 0.38 0.70 2.78
C ILE A 48 0.27 2.10 2.18
N CYS A 49 1.40 2.78 2.06
CA CYS A 49 1.42 4.13 1.50
C CYS A 49 2.14 4.14 0.16
N TYR A 50 1.37 4.25 -0.92
CA TYR A 50 1.93 4.28 -2.26
C TYR A 50 2.00 5.70 -2.80
N ALA A 51 3.10 6.02 -3.49
CA ALA A 51 3.29 7.35 -4.05
C ALA A 51 2.80 7.41 -5.49
N ASP A 52 3.26 8.42 -6.23
CA ASP A 52 2.87 8.59 -7.62
C ASP A 52 2.98 7.26 -8.38
N ASN A 53 4.13 6.62 -8.28
CA ASN A 53 4.36 5.35 -8.95
C ASN A 53 5.26 4.44 -8.12
N LYS A 54 5.05 4.45 -6.80
CA LYS A 54 5.83 3.63 -5.89
C LYS A 54 4.97 3.13 -4.74
N PHE A 55 5.48 2.13 -4.03
CA PHE A 55 4.75 1.55 -2.90
C PHE A 55 5.66 1.43 -1.67
N TYR A 56 5.17 1.89 -0.53
CA TYR A 56 5.94 1.83 0.71
C TYR A 56 5.08 1.31 1.86
N VAL A 57 5.67 0.43 2.66
CA VAL A 57 4.96 -0.16 3.80
C VAL A 57 5.62 0.24 5.12
N VAL A 58 5.21 1.38 5.67
CA VAL A 58 5.77 1.86 6.93
C VAL A 58 5.52 0.86 8.06
N LYS A 59 6.51 0.72 8.93
CA LYS A 59 6.39 -0.19 10.06
C LYS A 59 6.35 0.56 11.38
N ASN A 60 6.67 -0.12 12.47
CA ASN A 60 6.66 0.48 13.79
C ASN A 60 7.36 1.84 13.78
N ASP A 61 8.37 1.96 12.92
CA ASP A 61 9.13 3.20 12.79
C ASP A 61 10.21 3.07 11.73
N VAL A 62 9.91 2.34 10.66
CA VAL A 62 10.86 2.14 9.57
C VAL A 62 10.14 2.01 8.23
N ALA A 63 10.81 2.41 7.17
CA ALA A 63 10.25 2.34 5.83
C ALA A 63 10.62 1.04 5.14
N LEU A 64 9.99 0.76 4.01
CA LEU A 64 10.25 -0.46 3.25
C LEU A 64 9.80 -0.32 1.81
N PRO A 65 10.65 0.31 0.98
CA PRO A 65 10.36 0.52 -0.44
C PRO A 65 10.38 -0.77 -1.24
N PHE A 66 9.27 -1.09 -1.89
CA PHE A 66 9.16 -2.30 -2.69
C PHE A 66 10.20 -2.31 -3.80
N SER A 67 10.19 -3.38 -4.60
CA SER A 67 11.15 -3.51 -5.70
C SER A 67 10.41 -3.68 -7.03
N ASP A 68 9.32 -4.46 -7.00
CA ASP A 68 8.53 -4.71 -8.20
C ASP A 68 7.10 -5.07 -7.83
N LEU A 69 6.24 -5.13 -8.84
CA LEU A 69 4.84 -5.47 -8.62
C LEU A 69 4.70 -6.76 -7.81
N GLU A 70 5.48 -7.77 -8.20
CA GLU A 70 5.45 -9.05 -7.52
C GLU A 70 5.70 -8.88 -6.02
N ALA A 71 6.45 -7.83 -5.67
CA ALA A 71 6.77 -7.56 -4.27
C ALA A 71 5.53 -7.06 -3.53
N CYS A 72 4.81 -6.13 -4.13
CA CYS A 72 3.61 -5.57 -3.53
C CYS A 72 2.55 -6.65 -3.34
N ARG A 73 2.33 -7.46 -4.37
CA ARG A 73 1.34 -8.52 -4.32
C ARG A 73 1.70 -9.55 -3.26
N ALA A 74 3.01 -9.74 -3.05
CA ALA A 74 3.49 -10.70 -2.06
C ALA A 74 3.67 -10.03 -0.69
N TYR A 75 3.34 -8.75 -0.62
CA TYR A 75 3.46 -8.00 0.63
C TYR A 75 2.14 -7.95 1.37
N LEU A 76 1.06 -8.31 0.67
CA LEU A 76 -0.27 -8.30 1.26
C LEU A 76 -0.78 -9.72 1.48
N THR A 77 0.00 -10.70 1.02
CA THR A 77 -0.37 -12.11 1.18
C THR A 77 0.77 -12.90 1.78
N SER A 78 1.82 -12.21 2.21
CA SER A 78 2.98 -12.86 2.80
C SER A 78 3.61 -11.98 3.89
N ARG A 79 2.85 -10.98 4.33
CA ARG A 79 3.32 -10.07 5.36
C ARG A 79 3.41 -10.77 6.72
N ALA A 80 2.62 -11.84 6.87
CA ALA A 80 2.61 -12.60 8.12
C ALA A 80 3.22 -13.98 7.91
N ALA A 81 3.78 -14.54 8.98
CA ALA A 81 4.39 -15.86 8.92
C ALA A 81 3.35 -16.94 8.66
N SER A 1 -9.41 10.95 -12.83
CA SER A 1 -8.40 10.15 -13.51
C SER A 1 -8.97 8.81 -13.96
N HIS A 2 -8.51 8.33 -15.11
CA HIS A 2 -8.99 7.06 -15.66
C HIS A 2 -7.81 6.16 -16.02
N MET A 3 -6.70 6.32 -15.31
CA MET A 3 -5.50 5.53 -15.57
C MET A 3 -4.58 5.54 -14.35
N GLN A 4 -4.79 4.60 -13.43
CA GLN A 4 -3.97 4.51 -12.23
C GLN A 4 -2.65 3.80 -12.52
N THR A 5 -1.87 3.56 -11.48
CA THR A 5 -0.58 2.89 -11.62
C THR A 5 -0.74 1.38 -11.53
N PRO A 6 0.26 0.65 -12.06
CA PRO A 6 0.25 -0.82 -12.05
C PRO A 6 0.43 -1.39 -10.65
N GLU A 7 1.14 -0.66 -9.80
CA GLU A 7 1.39 -1.09 -8.43
C GLU A 7 0.10 -1.14 -7.63
N THR A 8 -0.63 -0.03 -7.62
CA THR A 8 -1.89 0.06 -6.89
C THR A 8 -3.05 -0.48 -7.72
N ALA A 9 -2.74 -0.88 -8.96
CA ALA A 9 -3.76 -1.41 -9.86
C ALA A 9 -4.36 -2.69 -9.31
N PHE A 10 -3.50 -3.67 -9.02
CA PHE A 10 -3.95 -4.95 -8.49
C PHE A 10 -4.50 -4.79 -7.07
N ILE A 11 -4.00 -3.79 -6.35
CA ILE A 11 -4.44 -3.53 -4.99
C ILE A 11 -5.85 -2.98 -4.97
N ASN A 12 -6.10 -1.95 -5.77
CA ASN A 12 -7.41 -1.33 -5.85
C ASN A 12 -8.51 -2.38 -6.03
N ASN A 13 -8.17 -3.44 -6.78
CA ASN A 13 -9.12 -4.51 -7.04
C ASN A 13 -9.67 -5.08 -5.73
N VAL A 14 -8.81 -5.11 -4.71
CA VAL A 14 -9.20 -5.63 -3.40
C VAL A 14 -9.55 -4.50 -2.44
N THR A 15 -8.91 -3.35 -2.63
CA THR A 15 -9.14 -2.19 -1.78
C THR A 15 -10.61 -1.77 -1.82
N SER A 16 -11.31 -2.15 -2.89
CA SER A 16 -12.71 -1.81 -3.05
C SER A 16 -13.61 -2.90 -2.45
N ASN A 17 -12.98 -3.97 -1.97
CA ASN A 17 -13.72 -5.07 -1.38
C ASN A 17 -13.76 -4.94 0.14
N GLY A 18 -12.91 -4.07 0.69
CA GLY A 18 -12.88 -3.87 2.12
C GLY A 18 -11.49 -4.07 2.70
N GLY A 19 -10.48 -3.99 1.85
CA GLY A 19 -9.12 -4.18 2.31
C GLY A 19 -8.42 -5.33 1.59
N TYR A 20 -7.25 -5.70 2.09
CA TYR A 20 -6.48 -6.79 1.49
C TYR A 20 -6.26 -7.92 2.49
N HIS A 21 -7.28 -8.78 2.62
CA HIS A 21 -7.20 -9.91 3.55
C HIS A 21 -7.14 -9.43 4.99
N SER A 22 -5.95 -9.03 5.42
CA SER A 22 -5.76 -8.54 6.79
C SER A 22 -5.75 -7.02 6.82
N TRP A 23 -5.12 -6.40 5.83
CA TRP A 23 -5.05 -4.95 5.76
C TRP A 23 -6.44 -4.34 5.70
N HIS A 24 -6.62 -3.23 6.41
CA HIS A 24 -7.91 -2.55 6.43
C HIS A 24 -8.01 -1.53 5.31
N LEU A 25 -9.20 -1.36 4.77
CA LEU A 25 -9.43 -0.42 3.68
C LEU A 25 -9.44 1.01 4.19
N VAL A 26 -8.53 1.84 3.67
CA VAL A 26 -8.45 3.23 4.08
C VAL A 26 -8.09 4.13 2.91
N SER A 27 -7.84 5.41 3.19
CA SER A 27 -7.50 6.37 2.15
C SER A 27 -7.17 7.73 2.76
N GLY A 28 -6.53 7.72 3.92
CA GLY A 28 -6.17 8.96 4.58
C GLY A 28 -5.05 9.69 3.88
N ASP A 29 -3.85 9.61 4.45
CA ASP A 29 -2.68 10.27 3.87
C ASP A 29 -1.44 10.03 4.72
N LEU A 30 -0.27 10.28 4.15
CA LEU A 30 0.99 10.08 4.85
C LEU A 30 2.12 10.85 4.17
N ILE A 31 2.40 12.04 4.68
CA ILE A 31 3.46 12.87 4.12
C ILE A 31 4.79 12.62 4.82
N VAL A 32 5.55 11.65 4.31
CA VAL A 32 6.84 11.31 4.89
C VAL A 32 7.98 11.62 3.92
N LYS A 33 9.04 12.24 4.43
CA LYS A 33 10.19 12.59 3.62
C LYS A 33 9.81 13.60 2.54
N ASP A 34 8.78 14.40 2.83
CA ASP A 34 8.33 15.42 1.88
C ASP A 34 7.69 14.77 0.66
N VAL A 35 7.26 13.53 0.81
CA VAL A 35 6.64 12.80 -0.29
C VAL A 35 5.22 12.36 0.07
N CYS A 36 4.27 13.26 -0.08
CA CYS A 36 2.88 12.97 0.22
C CYS A 36 2.46 11.61 -0.34
N TYR A 37 2.19 10.66 0.56
CA TYR A 37 1.78 9.32 0.15
C TYR A 37 0.28 9.13 0.31
N LYS A 38 -0.22 8.02 -0.22
CA LYS A 38 -1.65 7.71 -0.14
C LYS A 38 -1.88 6.47 0.70
N LYS A 39 -2.60 6.64 1.81
CA LYS A 39 -2.90 5.51 2.70
C LYS A 39 -3.95 4.60 2.08
N LEU A 40 -3.55 3.86 1.06
CA LEU A 40 -4.45 2.93 0.38
C LEU A 40 -4.94 1.85 1.33
N LEU A 41 -4.06 1.40 2.21
CA LEU A 41 -4.41 0.36 3.18
C LEU A 41 -3.74 0.63 4.53
N HIS A 42 -4.37 0.18 5.60
CA HIS A 42 -3.83 0.37 6.94
C HIS A 42 -4.10 -0.86 7.81
N TRP A 43 -3.07 -1.32 8.51
CA TRP A 43 -3.19 -2.48 9.38
C TRP A 43 -2.43 -2.27 10.69
N SER A 44 -2.94 -2.86 11.76
CA SER A 44 -2.31 -2.73 13.08
C SER A 44 -0.88 -3.25 13.04
N GLY A 45 0.07 -2.34 12.85
CA GLY A 45 1.46 -2.71 12.80
C GLY A 45 2.20 -2.07 11.63
N GLN A 46 1.49 -1.86 10.54
CA GLN A 46 2.07 -1.25 9.35
C GLN A 46 1.10 -0.28 8.69
N THR A 47 1.50 0.28 7.55
CA THR A 47 0.66 1.22 6.82
C THR A 47 1.03 1.25 5.34
N ILE A 48 0.05 0.95 4.50
CA ILE A 48 0.27 0.95 3.05
C ILE A 48 0.23 2.37 2.49
N CYS A 49 1.35 2.83 1.97
CA CYS A 49 1.45 4.17 1.40
C CYS A 49 2.10 4.13 0.03
N TYR A 50 1.32 4.43 -1.01
CA TYR A 50 1.83 4.43 -2.38
C TYR A 50 1.87 5.84 -2.94
N ALA A 51 2.89 6.11 -3.76
CA ALA A 51 3.05 7.42 -4.37
C ALA A 51 2.66 7.39 -5.85
N ASP A 52 3.09 8.41 -6.59
CA ASP A 52 2.78 8.51 -8.01
C ASP A 52 3.06 7.17 -8.72
N ASN A 53 4.12 6.50 -8.30
CA ASN A 53 4.50 5.23 -8.88
C ASN A 53 5.51 4.50 -8.01
N LYS A 54 5.32 4.60 -6.69
CA LYS A 54 6.22 3.94 -5.74
C LYS A 54 5.46 3.53 -4.48
N PHE A 55 5.32 2.22 -4.29
CA PHE A 55 4.62 1.70 -3.11
C PHE A 55 5.56 1.60 -1.92
N TYR A 56 5.02 1.84 -0.73
CA TYR A 56 5.81 1.77 0.50
C TYR A 56 5.01 1.13 1.62
N VAL A 57 5.66 0.27 2.40
CA VAL A 57 5.03 -0.40 3.52
C VAL A 57 5.69 -0.06 4.84
N VAL A 58 5.26 1.03 5.45
CA VAL A 58 5.82 1.47 6.72
C VAL A 58 5.37 0.58 7.87
N LYS A 59 6.31 0.22 8.74
CA LYS A 59 6.01 -0.64 9.88
C LYS A 59 5.80 0.19 11.14
N ASN A 60 5.95 -0.46 12.30
CA ASN A 60 5.77 0.22 13.57
C ASN A 60 6.61 1.50 13.63
N ASP A 61 7.70 1.52 12.88
CA ASP A 61 8.58 2.68 12.84
C ASP A 61 9.71 2.47 11.84
N VAL A 62 9.35 2.15 10.61
CA VAL A 62 10.33 1.93 9.55
C VAL A 62 9.67 1.91 8.17
N ALA A 63 10.48 2.00 7.14
CA ALA A 63 9.97 1.99 5.77
C ALA A 63 10.45 0.75 5.02
N LEU A 64 9.90 0.53 3.83
CA LEU A 64 10.27 -0.62 3.02
C LEU A 64 9.84 -0.41 1.57
N PRO A 65 10.70 0.25 0.79
CA PRO A 65 10.43 0.52 -0.64
C PRO A 65 10.49 -0.74 -1.49
N PHE A 66 9.37 -1.06 -2.13
CA PHE A 66 9.29 -2.25 -2.97
C PHE A 66 10.28 -2.15 -4.14
N SER A 67 10.33 -3.21 -4.95
CA SER A 67 11.24 -3.23 -6.10
C SER A 67 10.46 -3.45 -7.39
N ASP A 68 9.48 -4.34 -7.35
CA ASP A 68 8.66 -4.64 -8.52
C ASP A 68 7.24 -5.01 -8.10
N LEU A 69 6.35 -5.08 -9.09
CA LEU A 69 4.96 -5.41 -8.83
C LEU A 69 4.85 -6.71 -8.02
N GLU A 70 5.62 -7.71 -8.42
CA GLU A 70 5.62 -9.00 -7.73
C GLU A 70 5.94 -8.83 -6.25
N ALA A 71 6.66 -7.75 -5.93
CA ALA A 71 7.04 -7.47 -4.56
C ALA A 71 5.86 -6.92 -3.76
N CYS A 72 5.08 -6.06 -4.40
CA CYS A 72 3.91 -5.46 -3.75
C CYS A 72 2.83 -6.50 -3.51
N ARG A 73 2.59 -7.33 -4.52
CA ARG A 73 1.57 -8.38 -4.42
C ARG A 73 1.91 -9.36 -3.30
N ALA A 74 3.19 -9.52 -3.02
CA ALA A 74 3.65 -10.43 -1.98
C ALA A 74 3.75 -9.71 -0.64
N TYR A 75 3.37 -8.43 -0.62
CA TYR A 75 3.42 -7.64 0.60
C TYR A 75 2.05 -7.58 1.27
N LEU A 76 1.01 -7.91 0.51
CA LEU A 76 -0.35 -7.89 1.03
C LEU A 76 -0.96 -9.29 1.02
N THR A 77 -0.24 -10.23 0.40
CA THR A 77 -0.70 -11.62 0.33
C THR A 77 0.25 -12.55 1.05
N SER A 78 1.32 -12.00 1.60
CA SER A 78 2.32 -12.79 2.33
C SER A 78 2.61 -12.18 3.70
N ARG A 79 1.90 -11.11 4.02
CA ARG A 79 2.08 -10.43 5.30
C ARG A 79 1.39 -11.19 6.42
N ALA A 80 0.28 -11.84 6.10
CA ALA A 80 -0.47 -12.61 7.09
C ALA A 80 -0.46 -14.09 6.75
N ALA A 81 -0.11 -14.92 7.73
CA ALA A 81 -0.05 -16.36 7.54
C ALA A 81 -1.45 -16.94 7.33
N SER A 1 0.83 5.97 -17.55
CA SER A 1 -0.07 5.18 -16.72
C SER A 1 -1.51 5.29 -17.22
N HIS A 2 -2.30 4.26 -16.95
CA HIS A 2 -3.70 4.24 -17.37
C HIS A 2 -4.63 4.53 -16.20
N MET A 3 -4.93 5.80 -15.98
CA MET A 3 -5.80 6.21 -14.89
C MET A 3 -5.10 6.06 -13.54
N GLN A 4 -4.86 4.82 -13.14
CA GLN A 4 -4.20 4.54 -11.87
C GLN A 4 -2.89 3.80 -12.09
N THR A 5 -2.06 3.73 -11.05
CA THR A 5 -0.77 3.05 -11.14
C THR A 5 -0.94 1.55 -11.13
N PRO A 6 0.09 0.83 -11.62
CA PRO A 6 0.06 -0.64 -11.68
C PRO A 6 0.15 -1.27 -10.30
N GLU A 7 0.84 -0.60 -9.38
CA GLU A 7 0.99 -1.11 -8.02
C GLU A 7 -0.36 -1.18 -7.31
N THR A 8 -1.08 -0.05 -7.30
CA THR A 8 -2.38 0.02 -6.66
C THR A 8 -3.47 -0.54 -7.55
N ALA A 9 -3.08 -1.00 -8.74
CA ALA A 9 -4.03 -1.56 -9.70
C ALA A 9 -4.62 -2.86 -9.17
N PHE A 10 -3.76 -3.81 -8.85
CA PHE A 10 -4.19 -5.10 -8.33
C PHE A 10 -4.79 -4.97 -6.94
N ILE A 11 -4.37 -3.94 -6.22
CA ILE A 11 -4.86 -3.68 -4.87
C ILE A 11 -6.28 -3.11 -4.91
N ASN A 12 -6.47 -2.09 -5.74
CA ASN A 12 -7.78 -1.45 -5.87
C ASN A 12 -8.89 -2.49 -6.02
N ASN A 13 -8.61 -3.53 -6.80
CA ASN A 13 -9.58 -4.60 -7.02
C ASN A 13 -10.15 -5.11 -5.70
N VAL A 14 -9.30 -5.14 -4.67
CA VAL A 14 -9.72 -5.61 -3.36
C VAL A 14 -10.04 -4.43 -2.43
N THR A 15 -9.40 -3.29 -2.70
CA THR A 15 -9.62 -2.10 -1.89
C THR A 15 -11.07 -1.66 -1.93
N SER A 16 -11.75 -1.97 -3.03
CA SER A 16 -13.15 -1.61 -3.20
C SER A 16 -14.05 -2.56 -2.42
N ASN A 17 -13.47 -3.62 -1.88
CA ASN A 17 -14.21 -4.60 -1.11
C ASN A 17 -14.08 -4.33 0.39
N GLY A 18 -13.14 -3.47 0.75
CA GLY A 18 -12.94 -3.15 2.15
C GLY A 18 -11.50 -3.38 2.58
N GLY A 19 -10.62 -3.63 1.63
CA GLY A 19 -9.23 -3.87 1.94
C GLY A 19 -8.81 -5.31 1.71
N TYR A 20 -7.51 -5.56 1.73
CA TYR A 20 -7.00 -6.91 1.51
C TYR A 20 -7.45 -7.85 2.62
N HIS A 21 -6.87 -9.05 2.65
CA HIS A 21 -7.22 -10.05 3.65
C HIS A 21 -7.21 -9.43 5.05
N SER A 22 -6.03 -9.03 5.51
CA SER A 22 -5.90 -8.42 6.83
C SER A 22 -5.85 -6.91 6.74
N TRP A 23 -5.40 -6.40 5.59
CA TRP A 23 -5.30 -4.97 5.38
C TRP A 23 -6.69 -4.36 5.21
N HIS A 24 -6.93 -3.25 5.91
CA HIS A 24 -8.21 -2.57 5.83
C HIS A 24 -8.16 -1.41 4.82
N LEU A 25 -9.33 -0.98 4.37
CA LEU A 25 -9.42 0.12 3.40
C LEU A 25 -9.41 1.46 4.11
N VAL A 26 -8.40 2.27 3.81
CA VAL A 26 -8.28 3.60 4.41
C VAL A 26 -7.73 4.61 3.41
N SER A 27 -7.40 5.80 3.91
CA SER A 27 -6.85 6.86 3.05
C SER A 27 -6.60 8.13 3.87
N GLY A 28 -6.12 7.95 5.09
CA GLY A 28 -5.83 9.08 5.95
C GLY A 28 -4.78 10.01 5.38
N ASP A 29 -4.04 9.50 4.39
CA ASP A 29 -2.98 10.28 3.75
C ASP A 29 -1.89 10.63 4.75
N LEU A 30 -0.74 9.98 4.61
CA LEU A 30 0.39 10.21 5.49
C LEU A 30 1.52 10.92 4.77
N ILE A 31 1.92 12.08 5.29
CA ILE A 31 3.00 12.86 4.67
C ILE A 31 4.32 12.64 5.41
N VAL A 32 5.34 12.19 4.67
CA VAL A 32 6.65 11.94 5.24
C VAL A 32 7.76 12.25 4.24
N LYS A 33 8.81 12.91 4.72
CA LYS A 33 9.93 13.28 3.87
C LYS A 33 9.51 14.27 2.80
N ASP A 34 8.49 15.06 3.11
CA ASP A 34 7.98 16.06 2.17
C ASP A 34 7.35 15.39 0.94
N VAL A 35 6.99 14.12 1.09
CA VAL A 35 6.39 13.36 0.00
C VAL A 35 5.01 12.84 0.40
N CYS A 36 4.00 13.69 0.32
CA CYS A 36 2.64 13.31 0.66
C CYS A 36 2.27 11.96 0.04
N TYR A 37 2.11 10.95 0.88
CA TYR A 37 1.77 9.61 0.41
C TYR A 37 0.27 9.39 0.47
N LYS A 38 -0.17 8.19 0.09
CA LYS A 38 -1.58 7.84 0.10
C LYS A 38 -1.81 6.50 0.79
N LYS A 39 -2.43 6.53 1.96
CA LYS A 39 -2.71 5.31 2.71
C LYS A 39 -3.79 4.49 2.03
N LEU A 40 -3.42 3.81 0.95
CA LEU A 40 -4.36 2.98 0.20
C LEU A 40 -4.97 1.92 1.11
N LEU A 41 -4.14 1.29 1.94
CA LEU A 41 -4.60 0.26 2.85
C LEU A 41 -3.94 0.40 4.22
N HIS A 42 -4.57 -0.16 5.24
CA HIS A 42 -4.04 -0.10 6.60
C HIS A 42 -4.49 -1.30 7.41
N TRP A 43 -3.52 -2.09 7.88
CA TRP A 43 -3.82 -3.28 8.67
C TRP A 43 -3.61 -3.00 10.15
N SER A 44 -2.36 -3.03 10.59
CA SER A 44 -2.02 -2.79 11.99
C SER A 44 -0.52 -2.59 12.17
N GLY A 45 0.25 -3.60 11.81
CA GLY A 45 1.70 -3.52 11.94
C GLY A 45 2.35 -2.92 10.71
N GLN A 46 1.56 -2.68 9.67
CA GLN A 46 2.06 -2.11 8.43
C GLN A 46 1.05 -1.13 7.83
N THR A 47 1.43 -0.54 6.70
CA THR A 47 0.55 0.42 6.02
C THR A 47 0.97 0.60 4.56
N ILE A 48 -0.02 0.57 3.67
CA ILE A 48 0.25 0.74 2.24
C ILE A 48 0.18 2.22 1.85
N CYS A 49 1.35 2.84 1.73
CA CYS A 49 1.43 4.24 1.35
C CYS A 49 2.14 4.41 0.01
N TYR A 50 1.36 4.62 -1.04
CA TYR A 50 1.90 4.78 -2.39
C TYR A 50 2.03 6.26 -2.74
N ALA A 51 3.01 6.58 -3.57
CA ALA A 51 3.24 7.96 -3.99
C ALA A 51 2.85 8.15 -5.46
N ASP A 52 3.36 9.22 -6.05
CA ASP A 52 3.07 9.53 -7.45
C ASP A 52 3.24 8.29 -8.32
N ASN A 53 4.20 7.45 -7.97
CA ASN A 53 4.46 6.22 -8.72
C ASN A 53 5.45 5.33 -7.97
N LYS A 54 5.29 5.24 -6.66
CA LYS A 54 6.16 4.42 -5.83
C LYS A 54 5.42 3.91 -4.59
N PHE A 55 5.28 2.60 -4.49
CA PHE A 55 4.59 2.00 -3.36
C PHE A 55 5.53 1.84 -2.17
N TYR A 56 5.03 2.15 -0.98
CA TYR A 56 5.83 2.05 0.24
C TYR A 56 5.04 1.36 1.35
N VAL A 57 5.71 0.48 2.09
CA VAL A 57 5.08 -0.24 3.18
C VAL A 57 5.73 0.11 4.51
N VAL A 58 5.17 1.11 5.19
CA VAL A 58 5.69 1.54 6.48
C VAL A 58 5.47 0.48 7.55
N LYS A 59 6.43 0.34 8.46
CA LYS A 59 6.33 -0.64 9.54
C LYS A 59 6.21 0.05 10.90
N ASN A 60 6.55 -0.68 11.95
CA ASN A 60 6.48 -0.13 13.31
C ASN A 60 7.10 1.27 13.37
N ASP A 61 8.11 1.48 12.55
CA ASP A 61 8.80 2.78 12.50
C ASP A 61 9.92 2.77 11.46
N VAL A 62 9.67 2.08 10.35
CA VAL A 62 10.66 1.99 9.28
C VAL A 62 9.99 1.87 7.92
N ALA A 63 10.64 2.41 6.89
CA ALA A 63 10.10 2.37 5.54
C ALA A 63 10.55 1.11 4.81
N LEU A 64 9.96 0.86 3.65
CA LEU A 64 10.30 -0.32 2.85
C LEU A 64 9.84 -0.15 1.41
N PRO A 65 10.70 0.48 0.59
CA PRO A 65 10.40 0.72 -0.83
C PRO A 65 10.42 -0.57 -1.65
N PHE A 66 9.28 -0.89 -2.25
CA PHE A 66 9.17 -2.10 -3.07
C PHE A 66 10.13 -2.05 -4.25
N SER A 67 10.15 -3.12 -5.03
CA SER A 67 11.03 -3.21 -6.19
C SER A 67 10.23 -3.46 -7.47
N ASP A 68 9.19 -4.28 -7.36
CA ASP A 68 8.34 -4.60 -8.49
C ASP A 68 6.92 -4.95 -8.04
N LEU A 69 6.01 -5.03 -9.00
CA LEU A 69 4.61 -5.36 -8.69
C LEU A 69 4.52 -6.62 -7.85
N GLU A 70 5.29 -7.64 -8.23
CA GLU A 70 5.29 -8.91 -7.52
C GLU A 70 5.65 -8.70 -6.05
N ALA A 71 6.38 -7.62 -5.78
CA ALA A 71 6.80 -7.31 -4.42
C ALA A 71 5.65 -6.73 -3.60
N CYS A 72 4.86 -5.87 -4.24
CA CYS A 72 3.72 -5.24 -3.58
C CYS A 72 2.63 -6.28 -3.26
N ARG A 73 2.42 -7.21 -4.19
CA ARG A 73 1.42 -8.25 -4.01
C ARG A 73 1.85 -9.24 -2.92
N ALA A 74 3.16 -9.44 -2.81
CA ALA A 74 3.70 -10.36 -1.81
C ALA A 74 3.84 -9.67 -0.45
N TYR A 75 3.38 -8.43 -0.38
CA TYR A 75 3.46 -7.66 0.87
C TYR A 75 2.09 -7.59 1.55
N LEU A 76 1.10 -8.23 0.94
CA LEU A 76 -0.25 -8.25 1.48
C LEU A 76 -0.69 -9.67 1.79
N THR A 77 0.09 -10.64 1.33
CA THR A 77 -0.23 -12.05 1.56
C THR A 77 0.96 -12.79 2.16
N SER A 78 2.10 -12.10 2.23
CA SER A 78 3.31 -12.70 2.78
C SER A 78 3.87 -11.85 3.92
N ARG A 79 3.33 -10.64 4.06
CA ARG A 79 3.77 -9.72 5.10
C ARG A 79 3.78 -10.41 6.47
N ALA A 80 2.96 -11.44 6.60
CA ALA A 80 2.87 -12.19 7.85
C ALA A 80 2.89 -13.69 7.59
N ALA A 81 4.05 -14.31 7.78
CA ALA A 81 4.20 -15.74 7.57
C ALA A 81 3.89 -16.52 8.84
N SER A 1 -9.65 11.72 -15.64
CA SER A 1 -8.30 11.24 -15.91
C SER A 1 -7.64 10.72 -14.64
N HIS A 2 -7.36 9.43 -14.60
CA HIS A 2 -6.73 8.81 -13.43
C HIS A 2 -5.55 7.95 -13.86
N MET A 3 -5.82 6.94 -14.68
CA MET A 3 -4.78 6.04 -15.16
C MET A 3 -4.02 5.41 -13.99
N GLN A 4 -4.73 4.62 -13.19
CA GLN A 4 -4.12 3.97 -12.03
C GLN A 4 -2.88 3.21 -12.44
N THR A 5 -1.98 2.98 -11.47
CA THR A 5 -0.74 2.26 -11.73
C THR A 5 -0.94 0.76 -11.55
N PRO A 6 -0.02 -0.03 -12.13
CA PRO A 6 -0.06 -1.49 -12.05
C PRO A 6 0.25 -2.01 -10.66
N GLU A 7 1.03 -1.23 -9.91
CA GLU A 7 1.41 -1.61 -8.56
C GLU A 7 0.19 -1.65 -7.63
N THR A 8 -0.76 -0.76 -7.89
CA THR A 8 -1.98 -0.68 -7.10
C THR A 8 -3.17 -1.25 -7.86
N ALA A 9 -2.91 -1.71 -9.08
CA ALA A 9 -3.97 -2.28 -9.91
C ALA A 9 -4.51 -3.57 -9.31
N PHE A 10 -3.62 -4.36 -8.71
CA PHE A 10 -4.00 -5.62 -8.09
C PHE A 10 -4.56 -5.39 -6.69
N ILE A 11 -4.18 -4.28 -6.08
CA ILE A 11 -4.64 -3.95 -4.73
C ILE A 11 -6.07 -3.42 -4.76
N ASN A 12 -6.32 -2.44 -5.62
CA ASN A 12 -7.65 -1.85 -5.75
C ASN A 12 -8.72 -2.93 -5.86
N ASN A 13 -8.39 -3.99 -6.59
CA ASN A 13 -9.32 -5.10 -6.77
C ASN A 13 -9.89 -5.57 -5.44
N VAL A 14 -9.03 -5.56 -4.42
CA VAL A 14 -9.44 -5.99 -3.08
C VAL A 14 -9.79 -4.78 -2.20
N THR A 15 -9.16 -3.65 -2.48
CA THR A 15 -9.40 -2.43 -1.72
C THR A 15 -10.87 -2.03 -1.78
N SER A 16 -11.56 -2.46 -2.83
CA SER A 16 -12.97 -2.14 -3.00
C SER A 16 -13.85 -3.16 -2.28
N ASN A 17 -13.22 -4.20 -1.74
CA ASN A 17 -13.94 -5.24 -1.03
C ASN A 17 -13.92 -4.99 0.49
N GLY A 18 -13.03 -4.10 0.91
CA GLY A 18 -12.92 -3.78 2.32
C GLY A 18 -11.52 -4.02 2.85
N GLY A 19 -10.53 -4.00 1.96
CA GLY A 19 -9.16 -4.21 2.38
C GLY A 19 -8.66 -5.61 2.05
N TYR A 20 -7.34 -5.80 2.11
CA TYR A 20 -6.75 -7.10 1.82
C TYR A 20 -7.12 -8.12 2.87
N HIS A 21 -6.43 -9.26 2.84
CA HIS A 21 -6.69 -10.33 3.81
C HIS A 21 -6.75 -9.77 5.23
N SER A 22 -5.63 -9.22 5.69
CA SER A 22 -5.56 -8.65 7.04
C SER A 22 -5.60 -7.13 6.99
N TRP A 23 -5.09 -6.57 5.90
CA TRP A 23 -5.07 -5.11 5.73
C TRP A 23 -6.48 -4.56 5.61
N HIS A 24 -6.70 -3.40 6.21
CA HIS A 24 -8.02 -2.76 6.17
C HIS A 24 -8.09 -1.76 5.02
N LEU A 25 -9.32 -1.37 4.66
CA LEU A 25 -9.54 -0.44 3.57
C LEU A 25 -9.48 1.01 4.07
N VAL A 26 -8.57 1.79 3.49
CA VAL A 26 -8.42 3.19 3.87
C VAL A 26 -8.03 4.05 2.67
N SER A 27 -7.76 5.32 2.93
CA SER A 27 -7.39 6.25 1.87
C SER A 27 -7.10 7.64 2.44
N GLY A 28 -6.53 7.66 3.64
CA GLY A 28 -6.19 8.93 4.27
C GLY A 28 -5.04 9.64 3.60
N ASP A 29 -3.87 9.55 4.20
CA ASP A 29 -2.67 10.20 3.65
C ASP A 29 -1.47 9.96 4.54
N LEU A 30 -0.28 10.16 3.99
CA LEU A 30 0.96 9.96 4.73
C LEU A 30 2.12 10.72 4.07
N ILE A 31 2.42 11.90 4.58
CA ILE A 31 3.50 12.71 4.03
C ILE A 31 4.80 12.46 4.78
N VAL A 32 5.57 11.48 4.29
CA VAL A 32 6.84 11.13 4.91
C VAL A 32 8.00 11.42 3.96
N LYS A 33 9.06 12.02 4.50
CA LYS A 33 10.24 12.36 3.71
C LYS A 33 9.90 13.36 2.62
N ASP A 34 8.89 14.17 2.88
CA ASP A 34 8.46 15.20 1.92
C ASP A 34 7.85 14.55 0.68
N VAL A 35 7.40 13.32 0.82
CA VAL A 35 6.79 12.59 -0.29
C VAL A 35 5.36 12.17 0.04
N CYS A 36 4.43 13.09 -0.15
CA CYS A 36 3.02 12.81 0.13
C CYS A 36 2.61 11.45 -0.44
N TYR A 37 2.30 10.52 0.45
CA TYR A 37 1.88 9.18 0.04
C TYR A 37 0.38 9.02 0.16
N LYS A 38 -0.12 7.86 -0.28
CA LYS A 38 -1.54 7.56 -0.21
C LYS A 38 -1.81 6.32 0.62
N LYS A 39 -2.51 6.49 1.74
CA LYS A 39 -2.84 5.39 2.62
C LYS A 39 -3.88 4.47 1.99
N LEU A 40 -3.48 3.70 0.99
CA LEU A 40 -4.38 2.79 0.31
C LEU A 40 -4.92 1.74 1.27
N LEU A 41 -4.04 1.22 2.13
CA LEU A 41 -4.43 0.22 3.11
C LEU A 41 -3.72 0.43 4.43
N HIS A 42 -4.33 -0.02 5.52
CA HIS A 42 -3.76 0.13 6.85
C HIS A 42 -4.04 -1.10 7.70
N TRP A 43 -3.05 -1.49 8.51
CA TRP A 43 -3.19 -2.66 9.37
C TRP A 43 -2.48 -2.44 10.70
N SER A 44 -2.56 -1.21 11.21
CA SER A 44 -1.92 -0.87 12.48
C SER A 44 -0.42 -1.09 12.41
N GLY A 45 0.00 -2.34 12.65
CA GLY A 45 1.42 -2.67 12.62
C GLY A 45 2.10 -2.13 11.37
N GLN A 46 1.37 -2.05 10.27
CA GLN A 46 1.91 -1.55 9.03
C GLN A 46 0.93 -0.61 8.33
N THR A 47 1.43 0.17 7.38
CA THR A 47 0.60 1.10 6.64
C THR A 47 1.01 1.18 5.18
N ILE A 48 0.09 0.79 4.30
CA ILE A 48 0.36 0.82 2.86
C ILE A 48 0.30 2.24 2.31
N CYS A 49 1.45 2.75 1.87
CA CYS A 49 1.53 4.10 1.32
C CYS A 49 2.21 4.10 -0.04
N TYR A 50 1.45 4.39 -1.09
CA TYR A 50 1.99 4.42 -2.44
C TYR A 50 2.04 5.85 -2.98
N ALA A 51 3.10 6.17 -3.71
CA ALA A 51 3.27 7.49 -4.28
C ALA A 51 2.77 7.53 -5.72
N ASP A 52 3.20 8.55 -6.46
CA ASP A 52 2.81 8.70 -7.86
C ASP A 52 2.93 7.37 -8.61
N ASN A 53 4.10 6.76 -8.53
CA ASN A 53 4.35 5.49 -9.20
C ASN A 53 5.27 4.60 -8.36
N LYS A 54 5.05 4.60 -7.05
CA LYS A 54 5.86 3.79 -6.14
C LYS A 54 5.01 3.27 -4.99
N PHE A 55 5.52 2.27 -4.29
CA PHE A 55 4.82 1.68 -3.15
C PHE A 55 5.73 1.58 -1.93
N TYR A 56 5.18 1.88 -0.77
CA TYR A 56 5.94 1.83 0.48
C TYR A 56 5.10 1.24 1.61
N VAL A 57 5.70 0.35 2.39
CA VAL A 57 5.01 -0.28 3.50
C VAL A 57 5.69 0.04 4.83
N VAL A 58 5.29 1.15 5.44
CA VAL A 58 5.86 1.58 6.71
C VAL A 58 5.43 0.66 7.84
N LYS A 59 6.32 0.43 8.79
CA LYS A 59 6.03 -0.43 9.93
C LYS A 59 5.61 0.39 11.14
N ASN A 60 6.59 0.97 11.84
CA ASN A 60 6.32 1.78 13.02
C ASN A 60 7.08 3.11 12.95
N ASP A 61 8.18 3.11 12.21
CA ASP A 61 9.00 4.30 12.07
C ASP A 61 10.06 4.11 11.00
N VAL A 62 9.80 3.18 10.08
CA VAL A 62 10.75 2.90 9.00
C VAL A 62 10.01 2.52 7.71
N ALA A 63 10.35 3.20 6.62
CA ALA A 63 9.72 2.93 5.33
C ALA A 63 10.28 1.67 4.70
N LEU A 64 9.59 1.17 3.68
CA LEU A 64 10.02 -0.04 2.99
C LEU A 64 9.64 0.02 1.51
N PRO A 65 10.53 0.63 0.71
CA PRO A 65 10.31 0.77 -0.74
C PRO A 65 10.43 -0.57 -1.47
N PHE A 66 9.36 -0.95 -2.16
CA PHE A 66 9.35 -2.20 -2.91
C PHE A 66 10.30 -2.16 -4.09
N SER A 67 10.31 -3.22 -4.88
CA SER A 67 11.19 -3.30 -6.05
C SER A 67 10.38 -3.54 -7.32
N ASP A 68 9.43 -4.46 -7.23
CA ASP A 68 8.59 -4.79 -8.38
C ASP A 68 7.20 -5.23 -7.92
N LEU A 69 6.29 -5.36 -8.87
CA LEU A 69 4.92 -5.77 -8.57
C LEU A 69 4.91 -7.04 -7.71
N GLU A 70 5.72 -8.01 -8.11
CA GLU A 70 5.80 -9.28 -7.38
C GLU A 70 6.11 -9.03 -5.90
N ALA A 71 6.77 -7.91 -5.62
CA ALA A 71 7.14 -7.55 -4.26
C ALA A 71 5.94 -6.99 -3.51
N CYS A 72 5.15 -6.18 -4.18
CA CYS A 72 3.97 -5.57 -3.57
C CYS A 72 2.88 -6.62 -3.33
N ARG A 73 2.73 -7.53 -4.28
CA ARG A 73 1.73 -8.58 -4.17
C ARG A 73 2.08 -9.55 -3.05
N ALA A 74 3.37 -9.70 -2.78
CA ALA A 74 3.85 -10.60 -1.73
C ALA A 74 3.90 -9.88 -0.39
N TYR A 75 3.47 -8.63 -0.37
CA TYR A 75 3.48 -7.84 0.86
C TYR A 75 2.10 -7.83 1.51
N LEU A 76 1.09 -8.20 0.74
CA LEU A 76 -0.29 -8.24 1.25
C LEU A 76 -0.83 -9.66 1.21
N THR A 77 -0.12 -10.55 0.52
CA THR A 77 -0.54 -11.94 0.41
C THR A 77 0.33 -12.85 1.28
N SER A 78 1.51 -12.37 1.63
CA SER A 78 2.42 -13.14 2.46
C SER A 78 2.35 -12.69 3.92
N ARG A 79 2.12 -11.40 4.12
CA ARG A 79 2.03 -10.84 5.47
C ARG A 79 1.02 -11.63 6.31
N ALA A 80 0.00 -12.18 5.64
CA ALA A 80 -1.02 -12.95 6.33
C ALA A 80 -2.03 -13.53 5.34
N ALA A 81 -2.08 -14.85 5.24
CA ALA A 81 -3.00 -15.52 4.33
C ALA A 81 -4.44 -15.37 4.81
N SER A 1 -11.73 7.51 -16.33
CA SER A 1 -10.52 8.31 -16.34
C SER A 1 -9.82 8.24 -14.98
N HIS A 2 -9.04 7.20 -14.77
CA HIS A 2 -8.32 7.02 -13.52
C HIS A 2 -6.81 6.91 -13.77
N MET A 3 -6.43 6.06 -14.71
CA MET A 3 -5.03 5.87 -15.05
C MET A 3 -4.30 5.10 -13.94
N GLN A 4 -4.13 5.75 -12.79
CA GLN A 4 -3.46 5.13 -11.65
C GLN A 4 -2.20 4.40 -12.10
N THR A 5 -1.69 3.53 -11.25
CA THR A 5 -0.48 2.77 -11.55
C THR A 5 -0.73 1.28 -11.48
N PRO A 6 0.16 0.49 -12.11
CA PRO A 6 0.04 -0.97 -12.13
C PRO A 6 0.31 -1.59 -10.77
N GLU A 7 1.07 -0.88 -9.93
CA GLU A 7 1.40 -1.37 -8.60
C GLU A 7 0.18 -1.34 -7.69
N THR A 8 -0.65 -0.32 -7.87
CA THR A 8 -1.86 -0.16 -7.06
C THR A 8 -3.09 -0.65 -7.82
N ALA A 9 -2.88 -1.12 -9.05
CA ALA A 9 -3.98 -1.61 -9.87
C ALA A 9 -4.57 -2.89 -9.29
N PHE A 10 -3.71 -3.80 -8.86
CA PHE A 10 -4.15 -5.06 -8.28
C PHE A 10 -4.70 -4.86 -6.87
N ILE A 11 -4.32 -3.74 -6.25
CA ILE A 11 -4.77 -3.42 -4.90
C ILE A 11 -6.13 -2.74 -4.93
N ASN A 12 -6.29 -1.77 -5.82
CA ASN A 12 -7.54 -1.04 -5.95
C ASN A 12 -8.72 -2.00 -6.05
N ASN A 13 -8.52 -3.11 -6.75
CA ASN A 13 -9.55 -4.12 -6.91
C ASN A 13 -10.07 -4.60 -5.56
N VAL A 14 -9.16 -4.70 -4.59
CA VAL A 14 -9.53 -5.14 -3.25
C VAL A 14 -9.90 -3.96 -2.36
N THR A 15 -9.27 -2.82 -2.61
CA THR A 15 -9.52 -1.62 -1.83
C THR A 15 -10.99 -1.22 -1.91
N SER A 16 -11.69 -1.72 -2.92
CA SER A 16 -13.09 -1.41 -3.11
C SER A 16 -13.98 -2.43 -2.40
N ASN A 17 -13.34 -3.40 -1.75
CA ASN A 17 -14.07 -4.44 -1.03
C ASN A 17 -14.00 -4.22 0.47
N GLY A 18 -13.04 -3.40 0.89
CA GLY A 18 -12.87 -3.12 2.31
C GLY A 18 -11.46 -3.39 2.79
N GLY A 19 -10.52 -3.48 1.85
CA GLY A 19 -9.14 -3.74 2.21
C GLY A 19 -8.71 -5.16 1.90
N TYR A 20 -7.41 -5.39 1.89
CA TYR A 20 -6.88 -6.72 1.60
C TYR A 20 -7.29 -7.73 2.66
N HIS A 21 -6.70 -8.91 2.61
CA HIS A 21 -7.00 -9.97 3.57
C HIS A 21 -6.88 -9.45 5.00
N SER A 22 -5.65 -9.22 5.43
CA SER A 22 -5.39 -8.72 6.78
C SER A 22 -5.38 -7.20 6.81
N TRP A 23 -5.16 -6.59 5.65
CA TRP A 23 -5.13 -5.14 5.53
C TRP A 23 -6.53 -4.57 5.35
N HIS A 24 -6.81 -3.46 6.02
CA HIS A 24 -8.11 -2.82 5.92
C HIS A 24 -8.09 -1.67 4.93
N LEU A 25 -9.24 -1.35 4.36
CA LEU A 25 -9.35 -0.27 3.38
C LEU A 25 -9.33 1.08 4.07
N VAL A 26 -8.48 1.98 3.59
CA VAL A 26 -8.37 3.32 4.16
C VAL A 26 -7.96 4.33 3.09
N SER A 27 -7.79 5.58 3.51
CA SER A 27 -7.39 6.65 2.60
C SER A 27 -7.29 7.99 3.33
N GLY A 28 -6.39 8.06 4.30
CA GLY A 28 -6.21 9.29 5.06
C GLY A 28 -5.11 10.16 4.50
N ASP A 29 -4.31 9.59 3.60
CA ASP A 29 -3.21 10.33 3.00
C ASP A 29 -2.16 10.71 4.05
N LEU A 30 -1.01 10.05 3.99
CA LEU A 30 0.07 10.33 4.93
C LEU A 30 1.26 10.98 4.23
N ILE A 31 1.77 12.05 4.82
CA ILE A 31 2.90 12.76 4.26
C ILE A 31 4.17 12.54 5.08
N VAL A 32 5.24 12.13 4.42
CA VAL A 32 6.51 11.88 5.09
C VAL A 32 7.68 12.13 4.15
N LYS A 33 8.71 12.81 4.67
CA LYS A 33 9.90 13.11 3.88
C LYS A 33 9.55 14.03 2.72
N ASP A 34 8.51 14.83 2.88
CA ASP A 34 8.08 15.75 1.84
C ASP A 34 7.54 14.99 0.63
N VAL A 35 7.13 13.75 0.86
CA VAL A 35 6.59 12.92 -0.22
C VAL A 35 5.17 12.47 0.09
N CYS A 36 4.21 13.36 -0.16
CA CYS A 36 2.80 13.06 0.10
C CYS A 36 2.45 11.67 -0.42
N TYR A 37 2.22 10.73 0.50
CA TYR A 37 1.87 9.37 0.14
C TYR A 37 0.36 9.16 0.18
N LYS A 38 -0.08 7.99 -0.24
CA LYS A 38 -1.50 7.66 -0.25
C LYS A 38 -1.78 6.42 0.60
N LYS A 39 -2.49 6.63 1.71
CA LYS A 39 -2.82 5.53 2.61
C LYS A 39 -3.88 4.62 1.99
N LEU A 40 -3.48 3.86 0.98
CA LEU A 40 -4.39 2.95 0.29
C LEU A 40 -4.93 1.90 1.26
N LEU A 41 -4.03 1.31 2.04
CA LEU A 41 -4.42 0.29 3.02
C LEU A 41 -3.72 0.52 4.35
N HIS A 42 -4.36 0.09 5.43
CA HIS A 42 -3.80 0.24 6.77
C HIS A 42 -4.07 -1.00 7.61
N TRP A 43 -3.07 -1.41 8.39
CA TRP A 43 -3.19 -2.57 9.25
C TRP A 43 -2.36 -2.42 10.52
N SER A 44 -2.95 -2.76 11.65
CA SER A 44 -2.26 -2.66 12.93
C SER A 44 -0.85 -3.23 12.84
N GLY A 45 0.13 -2.34 12.77
CA GLY A 45 1.52 -2.77 12.67
C GLY A 45 2.25 -2.13 11.51
N GLN A 46 1.53 -1.91 10.42
CA GLN A 46 2.11 -1.30 9.23
C GLN A 46 1.14 -0.33 8.57
N THR A 47 1.54 0.21 7.42
CA THR A 47 0.70 1.16 6.70
C THR A 47 1.07 1.20 5.22
N ILE A 48 0.12 0.84 4.35
CA ILE A 48 0.35 0.85 2.92
C ILE A 48 0.28 2.27 2.35
N CYS A 49 1.42 2.77 1.88
CA CYS A 49 1.49 4.11 1.32
C CYS A 49 2.19 4.09 -0.03
N TYR A 50 1.44 4.38 -1.09
CA TYR A 50 1.98 4.39 -2.44
C TYR A 50 2.07 5.82 -2.98
N ALA A 51 3.17 6.11 -3.68
CA ALA A 51 3.37 7.44 -4.24
C ALA A 51 2.99 7.47 -5.72
N ASP A 52 3.44 8.50 -6.43
CA ASP A 52 3.15 8.65 -7.85
C ASP A 52 3.39 7.34 -8.58
N ASN A 53 4.43 6.61 -8.18
CA ASN A 53 4.77 5.34 -8.80
C ASN A 53 5.76 4.56 -7.95
N LYS A 54 5.56 4.61 -6.63
CA LYS A 54 6.42 3.90 -5.70
C LYS A 54 5.65 3.48 -4.45
N PHE A 55 5.46 2.17 -4.30
CA PHE A 55 4.73 1.64 -3.15
C PHE A 55 5.66 1.52 -1.94
N TYR A 56 5.14 1.86 -0.76
CA TYR A 56 5.91 1.79 0.47
C TYR A 56 5.09 1.16 1.60
N VAL A 57 5.73 0.28 2.36
CA VAL A 57 5.06 -0.39 3.46
C VAL A 57 5.73 -0.06 4.79
N VAL A 58 5.33 1.04 5.40
CA VAL A 58 5.89 1.47 6.67
C VAL A 58 5.39 0.59 7.81
N LYS A 59 6.28 0.30 8.76
CA LYS A 59 5.93 -0.52 9.91
C LYS A 59 5.81 0.32 11.18
N ASN A 60 5.96 -0.32 12.33
CA ASN A 60 5.85 0.36 13.61
C ASN A 60 6.66 1.67 13.59
N ASP A 61 7.77 1.66 12.85
CA ASP A 61 8.62 2.83 12.75
C ASP A 61 9.76 2.58 11.76
N VAL A 62 9.40 2.12 10.57
CA VAL A 62 10.40 1.85 9.52
C VAL A 62 9.76 1.81 8.15
N ALA A 63 10.57 2.00 7.12
CA ALA A 63 10.08 1.99 5.74
C ALA A 63 10.54 0.73 5.00
N LEU A 64 9.93 0.47 3.86
CA LEU A 64 10.27 -0.70 3.06
C LEU A 64 9.86 -0.51 1.59
N PRO A 65 10.73 0.12 0.81
CA PRO A 65 10.47 0.38 -0.61
C PRO A 65 10.49 -0.90 -1.45
N PHE A 66 9.35 -1.20 -2.07
CA PHE A 66 9.24 -2.39 -2.90
C PHE A 66 10.22 -2.36 -4.06
N SER A 67 10.23 -3.42 -4.86
CA SER A 67 11.13 -3.50 -6.01
C SER A 67 10.35 -3.72 -7.30
N ASP A 68 9.33 -4.56 -7.23
CA ASP A 68 8.49 -4.86 -8.39
C ASP A 68 7.07 -5.20 -7.97
N LEU A 69 6.17 -5.30 -8.95
CA LEU A 69 4.78 -5.61 -8.68
C LEU A 69 4.66 -6.86 -7.81
N GLU A 70 5.41 -7.90 -8.17
CA GLU A 70 5.38 -9.15 -7.42
C GLU A 70 5.74 -8.91 -5.95
N ALA A 71 6.49 -7.85 -5.70
CA ALA A 71 6.90 -7.50 -4.34
C ALA A 71 5.73 -6.91 -3.55
N CYS A 72 4.93 -6.08 -4.22
CA CYS A 72 3.78 -5.45 -3.58
C CYS A 72 2.70 -6.47 -3.26
N ARG A 73 2.39 -7.31 -4.24
CA ARG A 73 1.37 -8.34 -4.07
C ARG A 73 1.73 -9.29 -2.93
N ALA A 74 3.01 -9.65 -2.85
CA ALA A 74 3.49 -10.55 -1.81
C ALA A 74 3.55 -9.83 -0.46
N TYR A 75 3.33 -8.52 -0.47
CA TYR A 75 3.37 -7.72 0.74
C TYR A 75 1.99 -7.63 1.38
N LEU A 76 0.97 -8.09 0.65
CA LEU A 76 -0.39 -8.06 1.13
C LEU A 76 -0.99 -9.47 1.19
N THR A 77 -0.25 -10.43 0.65
CA THR A 77 -0.70 -11.82 0.63
C THR A 77 0.45 -12.78 0.92
N SER A 78 1.57 -12.22 1.35
CA SER A 78 2.75 -13.02 1.67
C SER A 78 3.65 -12.30 2.67
N ARG A 79 3.08 -11.33 3.37
CA ARG A 79 3.83 -10.56 4.36
C ARG A 79 3.63 -11.13 5.76
N ALA A 80 2.55 -11.90 5.93
CA ALA A 80 2.24 -12.50 7.22
C ALA A 80 2.37 -14.02 7.15
N ALA A 81 3.20 -14.49 6.24
CA ALA A 81 3.41 -15.93 6.08
C ALA A 81 4.24 -16.50 7.22
N SER A 1 -8.95 7.35 -11.26
CA SER A 1 -10.18 7.26 -12.03
C SER A 1 -9.94 6.49 -13.33
N HIS A 2 -9.16 7.09 -14.23
CA HIS A 2 -8.84 6.45 -15.51
C HIS A 2 -7.36 6.61 -15.84
N MET A 3 -6.50 6.34 -14.86
CA MET A 3 -5.06 6.45 -15.05
C MET A 3 -4.31 6.00 -13.81
N GLN A 4 -4.83 4.97 -13.15
CA GLN A 4 -4.21 4.44 -11.94
C GLN A 4 -2.89 3.75 -12.27
N THR A 5 -2.09 3.49 -11.23
CA THR A 5 -0.81 2.83 -11.41
C THR A 5 -0.95 1.31 -11.39
N PRO A 6 0.05 0.61 -11.94
CA PRO A 6 0.05 -0.86 -11.99
C PRO A 6 0.23 -1.49 -10.61
N GLU A 7 0.89 -0.76 -9.72
CA GLU A 7 1.13 -1.25 -8.36
C GLU A 7 -0.18 -1.32 -7.57
N THR A 8 -0.93 -0.22 -7.60
CA THR A 8 -2.20 -0.16 -6.88
C THR A 8 -3.34 -0.70 -7.74
N ALA A 9 -3.02 -1.10 -8.96
CA ALA A 9 -4.03 -1.64 -9.87
C ALA A 9 -4.57 -2.97 -9.36
N PHE A 10 -3.68 -3.85 -8.94
CA PHE A 10 -4.07 -5.16 -8.43
C PHE A 10 -4.60 -5.05 -7.00
N ILE A 11 -4.21 -3.99 -6.31
CA ILE A 11 -4.64 -3.77 -4.93
C ILE A 11 -6.05 -3.21 -4.90
N ASN A 12 -6.30 -2.15 -5.67
CA ASN A 12 -7.61 -1.52 -5.72
C ASN A 12 -8.71 -2.57 -5.85
N ASN A 13 -8.44 -3.60 -6.65
CA ASN A 13 -9.41 -4.67 -6.87
C ASN A 13 -9.95 -5.20 -5.53
N VAL A 14 -9.07 -5.23 -4.53
CA VAL A 14 -9.46 -5.72 -3.21
C VAL A 14 -9.75 -4.55 -2.26
N THR A 15 -9.04 -3.45 -2.46
CA THR A 15 -9.20 -2.27 -1.63
C THR A 15 -10.65 -1.77 -1.67
N SER A 16 -11.32 -2.01 -2.80
CA SER A 16 -12.69 -1.58 -2.96
C SER A 16 -13.66 -2.59 -2.35
N ASN A 17 -13.11 -3.67 -1.80
CA ASN A 17 -13.92 -4.71 -1.19
C ASN A 17 -13.88 -4.61 0.33
N GLY A 18 -12.99 -3.74 0.83
CA GLY A 18 -12.86 -3.57 2.27
C GLY A 18 -11.45 -3.80 2.75
N GLY A 19 -10.50 -3.84 1.82
CA GLY A 19 -9.11 -4.06 2.19
C GLY A 19 -8.63 -5.46 1.84
N TYR A 20 -7.32 -5.67 1.90
CA TYR A 20 -6.74 -6.97 1.59
C TYR A 20 -7.23 -8.03 2.56
N HIS A 21 -6.74 -9.25 2.39
CA HIS A 21 -7.13 -10.36 3.25
C HIS A 21 -7.01 -9.97 4.72
N SER A 22 -6.00 -9.18 5.04
CA SER A 22 -5.77 -8.74 6.42
C SER A 22 -5.82 -7.21 6.50
N TRP A 23 -5.15 -6.55 5.57
CA TRP A 23 -5.12 -5.09 5.56
C TRP A 23 -6.53 -4.52 5.43
N HIS A 24 -6.74 -3.34 6.03
CA HIS A 24 -8.04 -2.69 5.98
C HIS A 24 -8.11 -1.69 4.83
N LEU A 25 -9.32 -1.27 4.49
CA LEU A 25 -9.52 -0.32 3.41
C LEU A 25 -9.44 1.12 3.92
N VAL A 26 -8.53 1.90 3.35
CA VAL A 26 -8.34 3.29 3.74
C VAL A 26 -7.93 4.15 2.56
N SER A 27 -7.64 5.42 2.83
CA SER A 27 -7.24 6.35 1.78
C SER A 27 -6.95 7.73 2.37
N GLY A 28 -6.45 7.75 3.60
CA GLY A 28 -6.14 9.01 4.26
C GLY A 28 -5.05 9.78 3.53
N ASP A 29 -3.84 9.77 4.11
CA ASP A 29 -2.71 10.47 3.51
C ASP A 29 -1.48 10.33 4.38
N LEU A 30 -0.34 10.79 3.87
CA LEU A 30 0.92 10.72 4.61
C LEU A 30 2.04 11.39 3.83
N ILE A 31 2.34 12.64 4.16
CA ILE A 31 3.40 13.38 3.49
C ILE A 31 4.71 13.30 4.27
N VAL A 32 5.53 12.31 3.93
CA VAL A 32 6.81 12.12 4.60
C VAL A 32 7.97 12.40 3.65
N LYS A 33 8.88 13.28 4.08
CA LYS A 33 10.03 13.63 3.27
C LYS A 33 9.62 14.41 2.03
N ASP A 34 8.48 15.10 2.13
CA ASP A 34 7.96 15.90 1.02
C ASP A 34 7.39 15.00 -0.06
N VAL A 35 7.34 13.70 0.22
CA VAL A 35 6.81 12.73 -0.75
C VAL A 35 5.37 12.36 -0.40
N CYS A 36 4.44 13.26 -0.70
CA CYS A 36 3.03 13.02 -0.44
C CYS A 36 2.63 11.61 -0.83
N TYR A 37 2.42 10.76 0.17
CA TYR A 37 2.04 9.37 -0.09
C TYR A 37 0.52 9.21 -0.01
N LYS A 38 0.06 7.97 -0.22
CA LYS A 38 -1.37 7.68 -0.17
C LYS A 38 -1.63 6.42 0.64
N LYS A 39 -2.33 6.58 1.77
CA LYS A 39 -2.65 5.44 2.63
C LYS A 39 -3.72 4.56 2.00
N LEU A 40 -3.32 3.78 1.00
CA LEU A 40 -4.26 2.89 0.31
C LEU A 40 -4.82 1.84 1.26
N LEU A 41 -3.94 1.28 2.09
CA LEU A 41 -4.36 0.27 3.06
C LEU A 41 -3.67 0.49 4.40
N HIS A 42 -4.31 0.03 5.47
CA HIS A 42 -3.76 0.17 6.81
C HIS A 42 -4.04 -1.07 7.66
N TRP A 43 -3.08 -1.45 8.48
CA TRP A 43 -3.23 -2.62 9.34
C TRP A 43 -2.43 -2.47 10.62
N SER A 44 -2.99 -2.91 11.74
CA SER A 44 -2.32 -2.81 13.03
C SER A 44 -0.91 -3.37 12.95
N GLY A 45 0.07 -2.48 12.85
CA GLY A 45 1.46 -2.90 12.77
C GLY A 45 2.18 -2.27 11.59
N GLN A 46 1.46 -2.04 10.51
CA GLN A 46 2.03 -1.43 9.31
C GLN A 46 1.06 -0.46 8.66
N THR A 47 1.45 0.07 7.50
CA THR A 47 0.62 1.02 6.78
C THR A 47 1.04 1.12 5.32
N ILE A 48 0.13 0.75 4.42
CA ILE A 48 0.42 0.81 2.98
C ILE A 48 0.34 2.24 2.46
N CYS A 49 1.49 2.78 2.07
CA CYS A 49 1.54 4.14 1.55
C CYS A 49 2.27 4.18 0.21
N TYR A 50 1.50 4.25 -0.87
CA TYR A 50 2.07 4.30 -2.21
C TYR A 50 2.18 5.73 -2.71
N ALA A 51 3.25 6.00 -3.45
CA ALA A 51 3.48 7.34 -4.00
C ALA A 51 2.91 7.46 -5.41
N ASP A 52 3.34 8.49 -6.13
CA ASP A 52 2.88 8.72 -7.49
C ASP A 52 2.97 7.44 -8.31
N ASN A 53 4.11 6.76 -8.22
CA ASN A 53 4.32 5.52 -8.96
C ASN A 53 5.20 4.56 -8.17
N LYS A 54 5.15 4.69 -6.84
CA LYS A 54 5.94 3.82 -5.97
C LYS A 54 5.07 3.23 -4.86
N PHE A 55 5.62 2.27 -4.13
CA PHE A 55 4.90 1.63 -3.04
C PHE A 55 5.79 1.45 -1.83
N TYR A 56 5.29 1.84 -0.66
CA TYR A 56 6.04 1.72 0.58
C TYR A 56 5.18 1.14 1.70
N VAL A 57 5.74 0.18 2.44
CA VAL A 57 5.01 -0.44 3.53
C VAL A 57 5.66 -0.11 4.88
N VAL A 58 5.24 0.99 5.49
CA VAL A 58 5.77 1.41 6.77
C VAL A 58 5.31 0.49 7.89
N LYS A 59 6.26 0.06 8.72
CA LYS A 59 5.95 -0.83 9.84
C LYS A 59 5.71 -0.03 11.12
N ASN A 60 5.91 -0.69 12.26
CA ASN A 60 5.72 -0.04 13.55
C ASN A 60 6.48 1.28 13.62
N ASP A 61 7.66 1.31 13.00
CA ASP A 61 8.49 2.50 12.99
C ASP A 61 9.62 2.37 11.97
N VAL A 62 9.25 2.15 10.72
CA VAL A 62 10.24 2.01 9.65
C VAL A 62 9.55 1.92 8.28
N ALA A 63 10.35 2.09 7.22
CA ALA A 63 9.82 2.04 5.87
C ALA A 63 10.30 0.78 5.15
N LEU A 64 9.85 0.61 3.91
CA LEU A 64 10.24 -0.55 3.11
C LEU A 64 9.82 -0.37 1.66
N PRO A 65 10.70 0.26 0.87
CA PRO A 65 10.45 0.51 -0.56
C PRO A 65 10.48 -0.78 -1.39
N PHE A 66 9.40 -1.03 -2.11
CA PHE A 66 9.30 -2.22 -2.95
C PHE A 66 10.30 -2.16 -4.10
N SER A 67 10.30 -3.20 -4.93
CA SER A 67 11.20 -3.27 -6.07
C SER A 67 10.42 -3.50 -7.36
N ASP A 68 9.35 -4.27 -7.27
CA ASP A 68 8.52 -4.57 -8.43
C ASP A 68 7.12 -4.99 -8.00
N LEU A 69 6.21 -5.08 -8.97
CA LEU A 69 4.83 -5.47 -8.69
C LEU A 69 4.79 -6.77 -7.89
N GLU A 70 5.60 -7.74 -8.30
CA GLU A 70 5.64 -9.03 -7.62
C GLU A 70 5.97 -8.85 -6.14
N ALA A 71 6.65 -7.75 -5.83
CA ALA A 71 7.02 -7.47 -4.44
C ALA A 71 5.81 -7.02 -3.63
N CYS A 72 5.00 -6.15 -4.21
CA CYS A 72 3.81 -5.65 -3.54
C CYS A 72 2.78 -6.75 -3.37
N ARG A 73 2.53 -7.51 -4.44
CA ARG A 73 1.56 -8.59 -4.40
C ARG A 73 1.93 -9.62 -3.34
N ALA A 74 3.22 -9.67 -3.00
CA ALA A 74 3.70 -10.60 -1.99
C ALA A 74 3.85 -9.93 -0.63
N TYR A 75 3.49 -8.65 -0.57
CA TYR A 75 3.58 -7.88 0.66
C TYR A 75 2.22 -7.76 1.33
N LEU A 76 1.17 -8.10 0.59
CA LEU A 76 -0.19 -8.02 1.10
C LEU A 76 -0.82 -9.41 1.18
N THR A 77 -0.27 -10.34 0.42
CA THR A 77 -0.78 -11.72 0.41
C THR A 77 0.24 -12.69 1.01
N SER A 78 1.31 -12.14 1.56
CA SER A 78 2.35 -12.97 2.17
C SER A 78 2.91 -12.30 3.42
N ARG A 79 2.21 -11.27 3.91
CA ARG A 79 2.63 -10.55 5.10
C ARG A 79 2.42 -11.39 6.35
N ALA A 80 1.37 -12.21 6.33
CA ALA A 80 1.04 -13.06 7.47
C ALA A 80 0.86 -14.51 7.03
N ALA A 81 0.96 -15.44 7.98
CA ALA A 81 0.81 -16.85 7.70
C ALA A 81 -0.66 -17.26 7.68
N SER A 1 -4.96 11.84 -9.11
CA SER A 1 -4.93 10.45 -9.50
C SER A 1 -5.25 10.28 -10.98
N HIS A 2 -4.23 9.94 -11.77
CA HIS A 2 -4.41 9.76 -13.20
C HIS A 2 -3.65 8.51 -13.68
N MET A 3 -4.31 7.72 -14.51
CA MET A 3 -3.70 6.50 -15.04
C MET A 3 -3.25 5.59 -13.91
N GLN A 4 -4.19 4.85 -13.33
CA GLN A 4 -3.88 3.93 -12.24
C GLN A 4 -2.73 3.00 -12.61
N THR A 5 -1.77 2.87 -11.72
CA THR A 5 -0.61 2.01 -11.96
C THR A 5 -0.94 0.55 -11.68
N PRO A 6 -0.12 -0.36 -12.21
CA PRO A 6 -0.30 -1.80 -12.02
C PRO A 6 -0.03 -2.25 -10.59
N GLU A 7 0.74 -1.43 -9.87
CA GLU A 7 1.08 -1.75 -8.48
C GLU A 7 -0.12 -1.56 -7.57
N THR A 8 -1.10 -0.79 -8.04
CA THR A 8 -2.31 -0.53 -7.26
C THR A 8 -3.54 -1.11 -7.95
N ALA A 9 -3.48 -1.22 -9.27
CA ALA A 9 -4.58 -1.76 -10.04
C ALA A 9 -5.03 -3.12 -9.49
N PHE A 10 -4.07 -3.92 -9.05
CA PHE A 10 -4.35 -5.23 -8.51
C PHE A 10 -4.88 -5.13 -7.08
N ILE A 11 -4.60 -4.00 -6.44
CA ILE A 11 -5.05 -3.77 -5.07
C ILE A 11 -6.47 -3.23 -5.04
N ASN A 12 -6.74 -2.20 -5.84
CA ASN A 12 -8.06 -1.59 -5.91
C ASN A 12 -9.14 -2.66 -6.06
N ASN A 13 -8.85 -3.68 -6.86
CA ASN A 13 -9.80 -4.76 -7.09
C ASN A 13 -10.34 -5.30 -5.76
N VAL A 14 -9.47 -5.36 -4.76
CA VAL A 14 -9.85 -5.85 -3.45
C VAL A 14 -10.16 -4.71 -2.50
N THR A 15 -9.58 -3.54 -2.77
CA THR A 15 -9.80 -2.37 -1.93
C THR A 15 -11.28 -1.96 -1.93
N SER A 16 -11.96 -2.23 -3.04
CA SER A 16 -13.37 -1.89 -3.16
C SER A 16 -14.24 -2.87 -2.39
N ASN A 17 -13.61 -3.93 -1.87
CA ASN A 17 -14.32 -4.94 -1.11
C ASN A 17 -14.17 -4.70 0.39
N GLY A 18 -13.28 -3.79 0.76
CA GLY A 18 -13.05 -3.48 2.15
C GLY A 18 -11.61 -3.67 2.57
N GLY A 19 -10.72 -3.80 1.59
CA GLY A 19 -9.31 -3.99 1.88
C GLY A 19 -8.85 -5.40 1.58
N TYR A 20 -7.55 -5.65 1.76
CA TYR A 20 -6.98 -6.95 1.51
C TYR A 20 -7.39 -7.95 2.59
N HIS A 21 -6.75 -9.12 2.58
CA HIS A 21 -7.03 -10.16 3.56
C HIS A 21 -7.03 -9.59 4.98
N SER A 22 -5.83 -9.31 5.49
CA SER A 22 -5.69 -8.76 6.84
C SER A 22 -5.71 -7.23 6.81
N TRP A 23 -5.38 -6.66 5.65
CA TRP A 23 -5.35 -5.22 5.49
C TRP A 23 -6.75 -4.66 5.30
N HIS A 24 -7.01 -3.51 5.92
CA HIS A 24 -8.31 -2.86 5.82
C HIS A 24 -8.28 -1.70 4.85
N LEU A 25 -9.44 -1.34 4.32
CA LEU A 25 -9.54 -0.23 3.37
C LEU A 25 -9.43 1.11 4.09
N VAL A 26 -8.42 1.90 3.72
CA VAL A 26 -8.21 3.20 4.33
C VAL A 26 -7.74 4.22 3.29
N SER A 27 -7.53 5.46 3.73
CA SER A 27 -7.10 6.53 2.85
C SER A 27 -6.88 7.82 3.62
N GLY A 28 -6.21 7.72 4.76
CA GLY A 28 -5.96 8.90 5.58
C GLY A 28 -4.92 9.81 4.96
N ASP A 29 -4.18 9.30 3.99
CA ASP A 29 -3.15 10.08 3.32
C ASP A 29 -2.05 10.48 4.29
N LEU A 30 -0.89 9.84 4.17
CA LEU A 30 0.25 10.13 5.04
C LEU A 30 1.35 10.83 4.28
N ILE A 31 1.73 12.01 4.74
CA ILE A 31 2.79 12.79 4.11
C ILE A 31 4.11 12.64 4.85
N VAL A 32 5.13 12.18 4.14
CA VAL A 32 6.46 11.99 4.74
C VAL A 32 7.56 12.31 3.74
N LYS A 33 8.60 13.00 4.21
CA LYS A 33 9.72 13.37 3.35
C LYS A 33 9.28 14.31 2.24
N ASP A 34 8.22 15.07 2.50
CA ASP A 34 7.69 16.01 1.52
C ASP A 34 7.11 15.27 0.32
N VAL A 35 6.78 14.00 0.52
CA VAL A 35 6.20 13.18 -0.55
C VAL A 35 4.84 12.63 -0.14
N CYS A 36 3.81 13.44 -0.29
CA CYS A 36 2.45 13.03 0.07
C CYS A 36 2.15 11.64 -0.49
N TYR A 37 2.00 10.67 0.40
CA TYR A 37 1.71 9.30 0.00
C TYR A 37 0.21 9.02 0.08
N LYS A 38 -0.20 7.85 -0.39
CA LYS A 38 -1.59 7.45 -0.38
C LYS A 38 -1.80 6.20 0.48
N LYS A 39 -2.48 6.35 1.60
CA LYS A 39 -2.74 5.25 2.50
C LYS A 39 -3.80 4.31 1.92
N LEU A 40 -3.43 3.59 0.86
CA LEU A 40 -4.35 2.66 0.21
C LEU A 40 -4.90 1.64 1.22
N LEU A 41 -4.00 1.08 2.03
CA LEU A 41 -4.40 0.10 3.03
C LEU A 41 -3.71 0.36 4.36
N HIS A 42 -4.19 -0.27 5.42
CA HIS A 42 -3.61 -0.10 6.75
C HIS A 42 -3.98 -1.28 7.65
N TRP A 43 -3.05 -1.66 8.51
CA TRP A 43 -3.27 -2.77 9.44
C TRP A 43 -2.31 -2.70 10.62
N SER A 44 -2.79 -3.05 11.80
CA SER A 44 -1.99 -3.03 13.01
C SER A 44 -0.65 -3.75 12.77
N GLY A 45 0.40 -2.96 12.58
CA GLY A 45 1.72 -3.52 12.34
C GLY A 45 2.44 -2.87 11.18
N GLN A 46 1.69 -2.53 10.14
CA GLN A 46 2.26 -1.89 8.96
C GLN A 46 1.28 -0.91 8.34
N THR A 47 1.64 -0.37 7.18
CA THR A 47 0.79 0.58 6.48
C THR A 47 1.19 0.69 5.01
N ILE A 48 0.20 0.54 4.13
CA ILE A 48 0.44 0.62 2.69
C ILE A 48 0.36 2.06 2.20
N CYS A 49 1.47 2.59 1.74
CA CYS A 49 1.53 3.96 1.24
C CYS A 49 2.26 4.02 -0.09
N TYR A 50 1.50 4.18 -1.17
CA TYR A 50 2.07 4.25 -2.51
C TYR A 50 2.12 5.69 -3.01
N ALA A 51 3.16 6.02 -3.76
CA ALA A 51 3.32 7.37 -4.30
C ALA A 51 2.96 7.40 -5.78
N ASP A 52 3.52 8.38 -6.49
CA ASP A 52 3.26 8.53 -7.92
C ASP A 52 3.27 7.18 -8.62
N ASN A 53 4.40 6.48 -8.53
CA ASN A 53 4.54 5.18 -9.16
C ASN A 53 5.39 4.24 -8.30
N LYS A 54 5.27 4.40 -6.98
CA LYS A 54 6.03 3.58 -6.04
C LYS A 54 5.13 3.08 -4.91
N PHE A 55 5.59 2.06 -4.20
CA PHE A 55 4.83 1.49 -3.10
C PHE A 55 5.71 1.31 -1.87
N TYR A 56 5.26 1.87 -0.75
CA TYR A 56 6.01 1.79 0.50
C TYR A 56 5.16 1.18 1.61
N VAL A 57 5.73 0.22 2.33
CA VAL A 57 5.01 -0.44 3.42
C VAL A 57 5.68 -0.16 4.76
N VAL A 58 5.33 0.97 5.36
CA VAL A 58 5.88 1.37 6.65
C VAL A 58 5.53 0.35 7.73
N LYS A 59 6.48 0.08 8.62
CA LYS A 59 6.27 -0.87 9.71
C LYS A 59 5.72 -0.17 10.95
N ASN A 60 6.61 0.45 11.71
CA ASN A 60 6.22 1.16 12.93
C ASN A 60 6.86 2.54 12.97
N ASP A 61 7.97 2.70 12.25
CA ASP A 61 8.68 3.98 12.21
C ASP A 61 9.75 3.97 11.12
N VAL A 62 9.56 3.12 10.13
CA VAL A 62 10.50 3.01 9.02
C VAL A 62 9.79 2.64 7.72
N ALA A 63 10.21 3.29 6.63
CA ALA A 63 9.61 3.02 5.32
C ALA A 63 10.21 1.75 4.69
N LEU A 64 9.59 1.30 3.61
CA LEU A 64 10.04 0.10 2.92
C LEU A 64 9.61 0.11 1.45
N PRO A 65 10.45 0.70 0.59
CA PRO A 65 10.16 0.78 -0.84
C PRO A 65 10.25 -0.57 -1.54
N PHE A 66 9.19 -0.93 -2.24
CA PHE A 66 9.13 -2.21 -2.95
C PHE A 66 10.10 -2.21 -4.13
N SER A 67 10.10 -3.31 -4.88
CA SER A 67 10.99 -3.44 -6.03
C SER A 67 10.19 -3.72 -7.30
N ASP A 68 9.19 -4.59 -7.18
CA ASP A 68 8.33 -4.94 -8.31
C ASP A 68 6.95 -5.36 -7.84
N LEU A 69 6.03 -5.50 -8.78
CA LEU A 69 4.66 -5.90 -8.47
C LEU A 69 4.64 -7.14 -7.59
N GLU A 70 5.43 -8.14 -7.96
CA GLU A 70 5.50 -9.38 -7.21
C GLU A 70 5.81 -9.11 -5.73
N ALA A 71 6.50 -8.00 -5.49
CA ALA A 71 6.87 -7.62 -4.12
C ALA A 71 5.66 -7.10 -3.35
N CYS A 72 4.85 -6.27 -4.02
CA CYS A 72 3.66 -5.71 -3.40
C CYS A 72 2.60 -6.78 -3.17
N ARG A 73 2.38 -7.61 -4.18
CA ARG A 73 1.39 -8.68 -4.11
C ARG A 73 1.74 -9.66 -3.00
N ALA A 74 3.04 -9.89 -2.81
CA ALA A 74 3.51 -10.81 -1.79
C ALA A 74 3.67 -10.11 -0.44
N TYR A 75 3.35 -8.81 -0.42
CA TYR A 75 3.45 -8.02 0.80
C TYR A 75 2.09 -7.89 1.48
N LEU A 76 1.05 -8.36 0.80
CA LEU A 76 -0.30 -8.29 1.34
C LEU A 76 -0.88 -9.69 1.55
N THR A 77 -0.11 -10.70 1.15
CA THR A 77 -0.54 -12.09 1.28
C THR A 77 0.61 -12.99 1.73
N SER A 78 1.71 -12.37 2.13
CA SER A 78 2.89 -13.10 2.57
C SER A 78 3.69 -12.30 3.59
N ARG A 79 3.05 -11.29 4.17
CA ARG A 79 3.70 -10.44 5.16
C ARG A 79 3.41 -10.94 6.58
N ALA A 80 2.35 -11.73 6.72
CA ALA A 80 1.97 -12.27 8.02
C ALA A 80 1.39 -13.68 7.88
N ALA A 81 1.75 -14.37 6.80
CA ALA A 81 1.26 -15.71 6.55
C ALA A 81 2.20 -16.76 7.14
N SER A 1 -12.04 3.05 -13.81
CA SER A 1 -10.64 3.21 -14.21
C SER A 1 -10.33 4.66 -14.55
N HIS A 2 -9.11 5.08 -14.25
CA HIS A 2 -8.69 6.46 -14.52
C HIS A 2 -7.21 6.51 -14.84
N MET A 3 -6.70 5.48 -15.50
CA MET A 3 -5.30 5.41 -15.87
C MET A 3 -4.41 5.44 -14.63
N GLN A 4 -4.53 4.41 -13.80
CA GLN A 4 -3.75 4.32 -12.58
C GLN A 4 -2.45 3.55 -12.83
N THR A 5 -1.69 3.32 -11.76
CA THR A 5 -0.42 2.61 -11.86
C THR A 5 -0.63 1.10 -11.70
N PRO A 6 0.35 0.32 -12.19
CA PRO A 6 0.30 -1.14 -12.11
C PRO A 6 0.46 -1.66 -10.69
N GLU A 7 1.12 -0.86 -9.85
CA GLU A 7 1.33 -1.23 -8.45
C GLU A 7 0.02 -1.30 -7.69
N THR A 8 -0.71 -0.19 -7.69
CA THR A 8 -1.99 -0.11 -7.01
C THR A 8 -3.11 -0.71 -7.85
N ALA A 9 -2.76 -1.20 -9.03
CA ALA A 9 -3.73 -1.80 -9.94
C ALA A 9 -4.33 -3.06 -9.34
N PHE A 10 -3.46 -3.98 -8.92
CA PHE A 10 -3.92 -5.24 -8.33
C PHE A 10 -4.57 -4.99 -6.96
N ILE A 11 -4.14 -3.93 -6.30
CA ILE A 11 -4.68 -3.58 -4.99
C ILE A 11 -6.10 -3.04 -5.10
N ASN A 12 -6.29 -2.08 -5.99
CA ASN A 12 -7.61 -1.47 -6.20
C ASN A 12 -8.67 -2.55 -6.36
N ASN A 13 -8.33 -3.61 -7.08
CA ASN A 13 -9.26 -4.71 -7.32
C ASN A 13 -9.87 -5.20 -6.00
N VAL A 14 -9.05 -5.22 -4.95
CA VAL A 14 -9.50 -5.66 -3.64
C VAL A 14 -9.88 -4.47 -2.76
N THR A 15 -9.33 -3.31 -3.08
CA THR A 15 -9.61 -2.10 -2.32
C THR A 15 -11.09 -1.74 -2.39
N SER A 16 -11.69 -1.97 -3.54
CA SER A 16 -13.11 -1.66 -3.75
C SER A 16 -13.99 -2.60 -2.92
N ASN A 17 -13.38 -3.65 -2.38
CA ASN A 17 -14.11 -4.64 -1.58
C ASN A 17 -14.02 -4.28 -0.09
N GLY A 18 -13.08 -3.41 0.25
CA GLY A 18 -12.91 -3.01 1.63
C GLY A 18 -11.51 -3.29 2.14
N GLY A 19 -10.56 -3.37 1.22
CA GLY A 19 -9.18 -3.63 1.61
C GLY A 19 -8.78 -5.08 1.41
N TYR A 20 -7.49 -5.36 1.56
CA TYR A 20 -6.99 -6.73 1.39
C TYR A 20 -7.48 -7.63 2.52
N HIS A 21 -6.91 -8.82 2.61
CA HIS A 21 -7.28 -9.79 3.64
C HIS A 21 -7.29 -9.12 5.01
N SER A 22 -6.10 -8.81 5.52
CA SER A 22 -5.97 -8.18 6.83
C SER A 22 -5.96 -6.66 6.71
N TRP A 23 -5.51 -6.17 5.55
CA TRP A 23 -5.44 -4.73 5.31
C TRP A 23 -6.83 -4.17 5.06
N HIS A 24 -7.16 -3.09 5.78
CA HIS A 24 -8.46 -2.45 5.64
C HIS A 24 -8.36 -1.17 4.80
N LEU A 25 -9.31 -0.99 3.89
CA LEU A 25 -9.32 0.19 3.03
C LEU A 25 -9.21 1.46 3.86
N VAL A 26 -8.23 2.30 3.52
CA VAL A 26 -8.03 3.56 4.23
C VAL A 26 -7.63 4.66 3.26
N SER A 27 -7.36 5.85 3.80
CA SER A 27 -6.97 7.00 3.00
C SER A 27 -6.68 8.22 3.87
N GLY A 28 -5.89 7.99 4.93
CA GLY A 28 -5.55 9.07 5.83
C GLY A 28 -4.54 10.04 5.23
N ASP A 29 -3.89 9.61 4.14
CA ASP A 29 -2.90 10.44 3.47
C ASP A 29 -1.78 10.84 4.43
N LEU A 30 -0.67 10.12 4.37
CA LEU A 30 0.48 10.38 5.23
C LEU A 30 1.60 11.06 4.45
N ILE A 31 2.04 12.21 4.93
CA ILE A 31 3.11 12.96 4.28
C ILE A 31 4.42 12.81 5.04
N VAL A 32 5.46 12.38 4.34
CA VAL A 32 6.78 12.20 4.95
C VAL A 32 7.89 12.44 3.94
N LYS A 33 8.92 13.16 4.37
CA LYS A 33 10.05 13.47 3.50
C LYS A 33 9.62 14.34 2.32
N ASP A 34 8.57 15.12 2.52
CA ASP A 34 8.05 15.99 1.47
C ASP A 34 7.46 15.17 0.32
N VAL A 35 7.09 13.93 0.62
CA VAL A 35 6.50 13.05 -0.39
C VAL A 35 5.13 12.56 0.05
N CYS A 36 4.12 13.40 -0.12
CA CYS A 36 2.76 13.05 0.25
C CYS A 36 2.40 11.65 -0.24
N TYR A 37 2.26 10.71 0.69
CA TYR A 37 1.92 9.34 0.35
C TYR A 37 0.42 9.10 0.44
N LYS A 38 -0.05 8.05 -0.22
CA LYS A 38 -1.47 7.71 -0.21
C LYS A 38 -1.73 6.47 0.64
N LYS A 39 -2.51 6.63 1.70
CA LYS A 39 -2.84 5.53 2.59
C LYS A 39 -3.84 4.58 1.93
N LEU A 40 -3.39 3.88 0.89
CA LEU A 40 -4.25 2.94 0.18
C LEU A 40 -4.80 1.89 1.13
N LEU A 41 -3.92 1.30 1.93
CA LEU A 41 -4.33 0.28 2.89
C LEU A 41 -3.64 0.49 4.24
N HIS A 42 -4.18 -0.14 5.27
CA HIS A 42 -3.62 -0.02 6.62
C HIS A 42 -3.98 -1.23 7.46
N TRP A 43 -3.13 -1.55 8.43
CA TRP A 43 -3.36 -2.69 9.31
C TRP A 43 -2.40 -2.66 10.49
N SER A 44 -2.88 -3.09 11.66
CA SER A 44 -2.07 -3.10 12.87
C SER A 44 -0.73 -3.79 12.61
N GLY A 45 0.32 -2.99 12.46
CA GLY A 45 1.65 -3.53 12.21
C GLY A 45 2.37 -2.81 11.10
N GLN A 46 1.66 -2.51 10.02
CA GLN A 46 2.25 -1.81 8.89
C GLN A 46 1.24 -0.84 8.26
N THR A 47 1.64 -0.21 7.17
CA THR A 47 0.78 0.75 6.48
C THR A 47 1.18 0.89 5.01
N ILE A 48 0.23 0.65 4.12
CA ILE A 48 0.48 0.75 2.68
C ILE A 48 0.44 2.20 2.22
N CYS A 49 1.58 2.72 1.79
CA CYS A 49 1.66 4.10 1.31
C CYS A 49 2.38 4.17 -0.04
N TYR A 50 1.63 4.52 -1.08
CA TYR A 50 2.19 4.62 -2.43
C TYR A 50 2.22 6.07 -2.89
N ALA A 51 3.31 6.44 -3.54
CA ALA A 51 3.48 7.80 -4.04
C ALA A 51 3.04 7.90 -5.50
N ASP A 52 3.56 8.91 -6.19
CA ASP A 52 3.23 9.12 -7.60
C ASP A 52 3.24 7.79 -8.37
N ASN A 53 4.39 7.13 -8.38
CA ASN A 53 4.54 5.86 -9.07
C ASN A 53 5.41 4.90 -8.27
N LYS A 54 5.34 5.00 -6.95
CA LYS A 54 6.12 4.14 -6.07
C LYS A 54 5.25 3.59 -4.94
N PHE A 55 5.74 2.53 -4.30
CA PHE A 55 5.01 1.90 -3.21
C PHE A 55 5.91 1.72 -1.98
N TYR A 56 5.35 1.96 -0.80
CA TYR A 56 6.10 1.83 0.44
C TYR A 56 5.23 1.22 1.54
N VAL A 57 5.81 0.31 2.30
CA VAL A 57 5.10 -0.35 3.39
C VAL A 57 5.74 -0.04 4.74
N VAL A 58 5.32 1.05 5.37
CA VAL A 58 5.86 1.45 6.66
C VAL A 58 5.45 0.47 7.75
N LYS A 59 6.42 0.09 8.59
CA LYS A 59 6.17 -0.85 9.68
C LYS A 59 5.87 -0.10 10.98
N ASN A 60 6.13 -0.76 12.10
CA ASN A 60 5.89 -0.17 13.41
C ASN A 60 6.46 1.25 13.48
N ASP A 61 7.55 1.47 12.75
CA ASP A 61 8.19 2.78 12.72
C ASP A 61 9.38 2.78 11.76
N VAL A 62 9.18 2.18 10.60
CA VAL A 62 10.23 2.11 9.58
C VAL A 62 9.64 2.04 8.18
N ALA A 63 10.46 2.35 7.17
CA ALA A 63 10.03 2.32 5.79
C ALA A 63 10.47 1.04 5.10
N LEU A 64 9.99 0.82 3.88
CA LEU A 64 10.34 -0.36 3.12
C LEU A 64 9.95 -0.20 1.65
N PRO A 65 10.85 0.41 0.85
CA PRO A 65 10.62 0.64 -0.57
C PRO A 65 10.65 -0.66 -1.38
N PHE A 66 9.52 -1.00 -1.98
CA PHE A 66 9.42 -2.21 -2.79
C PHE A 66 10.41 -2.18 -3.95
N SER A 67 10.47 -3.28 -4.70
CA SER A 67 11.37 -3.38 -5.83
C SER A 67 10.61 -3.69 -7.12
N ASP A 68 9.53 -4.46 -6.98
CA ASP A 68 8.71 -4.83 -8.14
C ASP A 68 7.29 -5.18 -7.69
N LEU A 69 6.39 -5.28 -8.66
CA LEU A 69 5.00 -5.62 -8.38
C LEU A 69 4.90 -6.87 -7.51
N GLU A 70 5.68 -7.88 -7.85
CA GLU A 70 5.69 -9.13 -7.11
C GLU A 70 6.00 -8.88 -5.63
N ALA A 71 6.68 -7.78 -5.35
CA ALA A 71 7.04 -7.42 -3.98
C ALA A 71 5.84 -6.85 -3.23
N CYS A 72 5.05 -6.03 -3.92
CA CYS A 72 3.88 -5.42 -3.32
C CYS A 72 2.77 -6.45 -3.11
N ARG A 73 2.56 -7.29 -4.12
CA ARG A 73 1.52 -8.32 -4.06
C ARG A 73 1.83 -9.32 -2.94
N ALA A 74 3.11 -9.63 -2.77
CA ALA A 74 3.53 -10.57 -1.73
C ALA A 74 3.57 -9.90 -0.36
N TYR A 75 3.24 -8.61 -0.33
CA TYR A 75 3.24 -7.86 0.92
C TYR A 75 1.84 -7.78 1.50
N LEU A 76 0.85 -8.20 0.72
CA LEU A 76 -0.54 -8.18 1.16
C LEU A 76 -1.12 -9.60 1.18
N THR A 77 -0.33 -10.57 0.74
CA THR A 77 -0.77 -11.96 0.71
C THR A 77 0.35 -12.90 1.15
N SER A 78 1.43 -12.31 1.66
CA SER A 78 2.57 -13.10 2.12
C SER A 78 3.31 -12.38 3.24
N ARG A 79 2.65 -11.41 3.84
CA ARG A 79 3.24 -10.63 4.93
C ARG A 79 3.18 -11.41 6.25
N ALA A 80 2.13 -12.21 6.40
CA ALA A 80 1.95 -13.00 7.61
C ALA A 80 2.18 -14.49 7.33
N ALA A 81 3.02 -15.12 8.15
CA ALA A 81 3.33 -16.53 8.00
C ALA A 81 2.09 -17.39 8.27
N SER A 1 -8.02 6.51 -10.04
CA SER A 1 -9.25 6.45 -10.83
C SER A 1 -8.93 6.54 -12.33
N HIS A 2 -8.34 7.66 -12.74
CA HIS A 2 -7.98 7.88 -14.13
C HIS A 2 -6.54 7.47 -14.38
N MET A 3 -6.36 6.35 -15.09
CA MET A 3 -5.03 5.85 -15.41
C MET A 3 -4.20 5.68 -14.14
N GLN A 4 -4.46 4.62 -13.39
CA GLN A 4 -3.73 4.35 -12.15
C GLN A 4 -2.53 3.47 -12.42
N THR A 5 -1.55 3.52 -11.52
CA THR A 5 -0.33 2.73 -11.66
C THR A 5 -0.63 1.25 -11.50
N PRO A 6 0.28 0.40 -12.02
CA PRO A 6 0.14 -1.05 -11.95
C PRO A 6 0.30 -1.59 -10.53
N GLU A 7 1.19 -0.96 -9.77
CA GLU A 7 1.44 -1.37 -8.39
C GLU A 7 0.15 -1.43 -7.59
N THR A 8 -0.63 -0.36 -7.66
CA THR A 8 -1.90 -0.29 -6.94
C THR A 8 -3.05 -0.81 -7.80
N ALA A 9 -2.72 -1.24 -9.02
CA ALA A 9 -3.72 -1.77 -9.93
C ALA A 9 -4.32 -3.07 -9.40
N PHE A 10 -3.46 -4.02 -9.06
CA PHE A 10 -3.91 -5.30 -8.53
C PHE A 10 -4.50 -5.14 -7.13
N ILE A 11 -4.00 -4.16 -6.41
CA ILE A 11 -4.49 -3.90 -5.05
C ILE A 11 -5.92 -3.37 -5.06
N ASN A 12 -6.15 -2.33 -5.85
CA ASN A 12 -7.48 -1.74 -5.96
C ASN A 12 -8.55 -2.81 -6.16
N ASN A 13 -8.21 -3.84 -6.93
CA ASN A 13 -9.13 -4.93 -7.19
C ASN A 13 -9.71 -5.48 -5.90
N VAL A 14 -8.89 -5.50 -4.85
CA VAL A 14 -9.32 -5.99 -3.55
C VAL A 14 -9.68 -4.85 -2.60
N THR A 15 -9.01 -3.71 -2.79
CA THR A 15 -9.25 -2.54 -1.96
C THR A 15 -10.71 -2.11 -2.03
N SER A 16 -11.36 -2.40 -3.16
CA SER A 16 -12.76 -2.05 -3.36
C SER A 16 -13.68 -2.98 -2.57
N ASN A 17 -13.09 -4.03 -1.98
CA ASN A 17 -13.85 -4.99 -1.20
C ASN A 17 -13.77 -4.68 0.29
N GLY A 18 -12.84 -3.80 0.65
CA GLY A 18 -12.69 -3.42 2.05
C GLY A 18 -11.27 -3.63 2.55
N GLY A 19 -10.34 -3.82 1.62
CA GLY A 19 -8.95 -4.04 1.99
C GLY A 19 -8.34 -5.22 1.28
N TYR A 20 -7.20 -5.70 1.78
CA TYR A 20 -6.52 -6.83 1.17
C TYR A 20 -6.46 -8.00 2.15
N HIS A 21 -7.55 -8.76 2.23
CA HIS A 21 -7.63 -9.91 3.11
C HIS A 21 -7.54 -9.48 4.57
N SER A 22 -6.32 -9.24 5.05
CA SER A 22 -6.10 -8.82 6.43
C SER A 22 -6.05 -7.31 6.54
N TRP A 23 -5.32 -6.67 5.62
CA TRP A 23 -5.19 -5.23 5.62
C TRP A 23 -6.55 -4.55 5.53
N HIS A 24 -6.70 -3.42 6.20
CA HIS A 24 -7.95 -2.68 6.20
C HIS A 24 -7.91 -1.55 5.17
N LEU A 25 -9.02 -1.36 4.47
CA LEU A 25 -9.13 -0.32 3.46
C LEU A 25 -9.18 1.07 4.10
N VAL A 26 -8.21 1.91 3.77
CA VAL A 26 -8.15 3.26 4.32
C VAL A 26 -7.72 4.27 3.25
N SER A 27 -7.54 5.52 3.66
CA SER A 27 -7.14 6.57 2.74
C SER A 27 -7.02 7.90 3.46
N GLY A 28 -6.12 7.98 4.44
CA GLY A 28 -5.92 9.21 5.18
C GLY A 28 -4.91 10.13 4.54
N ASP A 29 -4.18 9.61 3.56
CA ASP A 29 -3.16 10.40 2.87
C ASP A 29 -2.06 10.83 3.83
N LEU A 30 -0.91 10.16 3.74
CA LEU A 30 0.22 10.47 4.60
C LEU A 30 1.31 11.22 3.82
N ILE A 31 1.71 12.38 4.34
CA ILE A 31 2.75 13.17 3.69
C ILE A 31 4.04 13.16 4.50
N VAL A 32 5.01 12.37 4.04
CA VAL A 32 6.30 12.27 4.71
C VAL A 32 7.44 12.60 3.76
N LYS A 33 8.36 13.46 4.23
CA LYS A 33 9.50 13.86 3.43
C LYS A 33 9.06 14.63 2.20
N ASP A 34 7.89 15.26 2.29
CA ASP A 34 7.35 16.05 1.18
C ASP A 34 6.84 15.13 0.06
N VAL A 35 6.90 13.83 0.31
CA VAL A 35 6.44 12.85 -0.67
C VAL A 35 5.02 12.40 -0.38
N CYS A 36 4.05 13.24 -0.76
CA CYS A 36 2.64 12.94 -0.54
C CYS A 36 2.34 11.49 -0.93
N TYR A 37 2.18 10.64 0.07
CA TYR A 37 1.88 9.23 -0.17
C TYR A 37 0.38 8.99 -0.17
N LYS A 38 -0.01 7.74 -0.41
CA LYS A 38 -1.42 7.37 -0.47
C LYS A 38 -1.70 6.17 0.44
N LYS A 39 -2.43 6.41 1.52
CA LYS A 39 -2.76 5.34 2.47
C LYS A 39 -3.81 4.40 1.87
N LEU A 40 -3.40 3.62 0.87
CA LEU A 40 -4.30 2.67 0.22
C LEU A 40 -4.86 1.68 1.23
N LEU A 41 -4.02 1.22 2.14
CA LEU A 41 -4.45 0.26 3.16
C LEU A 41 -3.73 0.53 4.48
N HIS A 42 -4.23 -0.08 5.55
CA HIS A 42 -3.64 0.10 6.87
C HIS A 42 -3.95 -1.11 7.77
N TRP A 43 -2.90 -1.67 8.35
CA TRP A 43 -3.06 -2.84 9.23
C TRP A 43 -2.24 -2.67 10.50
N SER A 44 -2.81 -3.09 11.63
CA SER A 44 -2.14 -2.98 12.92
C SER A 44 -0.71 -3.52 12.83
N GLY A 45 0.26 -2.61 12.78
CA GLY A 45 1.65 -3.01 12.69
C GLY A 45 2.37 -2.36 11.52
N GLN A 46 1.64 -2.15 10.42
CA GLN A 46 2.22 -1.54 9.23
C GLN A 46 1.22 -0.60 8.57
N THR A 47 1.61 -0.04 7.43
CA THR A 47 0.75 0.87 6.69
C THR A 47 1.13 0.92 5.21
N ILE A 48 0.16 0.62 4.36
CA ILE A 48 0.39 0.62 2.91
C ILE A 48 0.32 2.04 2.35
N CYS A 49 1.48 2.59 2.02
CA CYS A 49 1.55 3.95 1.47
C CYS A 49 2.36 3.96 0.18
N TYR A 50 1.65 4.03 -0.94
CA TYR A 50 2.31 4.06 -2.26
C TYR A 50 2.40 5.48 -2.79
N ALA A 51 3.46 5.75 -3.54
CA ALA A 51 3.67 7.07 -4.12
C ALA A 51 3.28 7.09 -5.60
N ASP A 52 3.93 7.97 -6.36
CA ASP A 52 3.64 8.08 -7.79
C ASP A 52 3.45 6.71 -8.42
N ASN A 53 4.51 5.91 -8.44
CA ASN A 53 4.46 4.58 -9.01
C ASN A 53 5.14 3.56 -8.09
N LYS A 54 5.61 4.04 -6.94
CA LYS A 54 6.28 3.17 -5.98
C LYS A 54 5.34 2.81 -4.84
N PHE A 55 5.72 1.78 -4.07
CA PHE A 55 4.91 1.33 -2.95
C PHE A 55 5.76 1.18 -1.70
N TYR A 56 5.27 1.73 -0.58
CA TYR A 56 5.98 1.66 0.69
C TYR A 56 5.10 1.08 1.78
N VAL A 57 5.70 0.28 2.66
CA VAL A 57 4.97 -0.34 3.76
C VAL A 57 5.53 0.09 5.10
N VAL A 58 5.14 1.27 5.57
CA VAL A 58 5.60 1.79 6.85
C VAL A 58 5.47 0.74 7.95
N LYS A 59 6.49 0.67 8.81
CA LYS A 59 6.48 -0.29 9.90
C LYS A 59 6.35 0.44 11.25
N ASN A 60 6.69 -0.27 12.32
CA ASN A 60 6.60 0.30 13.67
C ASN A 60 7.19 1.71 13.69
N ASP A 61 8.18 1.95 12.84
CA ASP A 61 8.83 3.25 12.77
C ASP A 61 9.94 3.25 11.73
N VAL A 62 9.71 2.52 10.64
CA VAL A 62 10.70 2.44 9.56
C VAL A 62 10.02 2.27 8.21
N ALA A 63 10.74 2.60 7.14
CA ALA A 63 10.20 2.49 5.79
C ALA A 63 10.71 1.23 5.11
N LEU A 64 10.05 0.85 4.02
CA LEU A 64 10.43 -0.35 3.27
C LEU A 64 9.93 -0.27 1.84
N PRO A 65 10.73 0.35 0.96
CA PRO A 65 10.39 0.51 -0.46
C PRO A 65 10.45 -0.82 -1.21
N PHE A 66 9.32 -1.18 -1.82
CA PHE A 66 9.23 -2.42 -2.58
C PHE A 66 10.30 -2.48 -3.67
N SER A 67 10.30 -3.56 -4.44
CA SER A 67 11.27 -3.73 -5.52
C SER A 67 10.56 -3.93 -6.86
N ASP A 68 9.49 -4.71 -6.84
CA ASP A 68 8.72 -4.99 -8.05
C ASP A 68 7.27 -5.32 -7.71
N LEU A 69 6.42 -5.32 -8.73
CA LEU A 69 5.01 -5.62 -8.55
C LEU A 69 4.82 -6.91 -7.76
N GLU A 70 5.59 -7.94 -8.13
CA GLU A 70 5.51 -9.23 -7.46
C GLU A 70 5.75 -9.08 -5.96
N ALA A 71 6.53 -8.08 -5.59
CA ALA A 71 6.84 -7.82 -4.18
C ALA A 71 5.62 -7.31 -3.44
N CYS A 72 4.92 -6.34 -4.04
CA CYS A 72 3.73 -5.76 -3.42
C CYS A 72 2.65 -6.81 -3.24
N ARG A 73 2.44 -7.62 -4.28
CA ARG A 73 1.42 -8.67 -4.23
C ARG A 73 1.77 -9.71 -3.17
N ALA A 74 3.05 -9.83 -2.85
CA ALA A 74 3.51 -10.79 -1.85
C ALA A 74 3.66 -10.11 -0.49
N TYR A 75 3.30 -8.85 -0.42
CA TYR A 75 3.40 -8.09 0.83
C TYR A 75 2.02 -7.90 1.46
N LEU A 76 0.99 -8.26 0.72
CA LEU A 76 -0.39 -8.13 1.20
C LEU A 76 -1.06 -9.49 1.28
N THR A 77 -0.45 -10.49 0.66
CA THR A 77 -0.99 -11.85 0.66
C THR A 77 -0.11 -12.79 1.49
N SER A 78 1.13 -12.38 1.72
CA SER A 78 2.06 -13.19 2.49
C SER A 78 2.31 -12.57 3.86
N ARG A 79 1.66 -11.44 4.12
CA ARG A 79 1.81 -10.75 5.40
C ARG A 79 0.76 -11.20 6.40
N ALA A 80 -0.38 -11.68 5.88
CA ALA A 80 -1.47 -12.16 6.73
C ALA A 80 -2.63 -12.67 5.89
N ALA A 81 -3.44 -13.55 6.48
CA ALA A 81 -4.59 -14.11 5.78
C ALA A 81 -5.90 -13.56 6.34
N SER A 1 -6.93 11.00 -14.08
CA SER A 1 -7.98 10.52 -13.19
C SER A 1 -8.35 9.08 -13.49
N HIS A 2 -8.65 8.81 -14.76
CA HIS A 2 -9.02 7.47 -15.19
C HIS A 2 -7.80 6.67 -15.63
N MET A 3 -6.81 6.57 -14.74
CA MET A 3 -5.59 5.84 -15.04
C MET A 3 -4.71 5.71 -13.79
N GLN A 4 -4.80 4.55 -13.14
CA GLN A 4 -4.02 4.31 -11.92
C GLN A 4 -2.74 3.55 -12.25
N THR A 5 -1.88 3.40 -11.25
CA THR A 5 -0.61 2.70 -11.44
C THR A 5 -0.80 1.19 -11.35
N PRO A 6 0.15 0.43 -11.91
CA PRO A 6 0.11 -1.04 -11.90
C PRO A 6 0.32 -1.61 -10.51
N GLU A 7 1.22 -1.00 -9.73
CA GLU A 7 1.50 -1.45 -8.39
C GLU A 7 0.23 -1.51 -7.54
N THR A 8 -0.66 -0.55 -7.76
CA THR A 8 -1.91 -0.49 -7.02
C THR A 8 -3.08 -0.96 -7.88
N ALA A 9 -2.78 -1.38 -9.11
CA ALA A 9 -3.80 -1.85 -10.03
C ALA A 9 -4.40 -3.17 -9.54
N PHE A 10 -3.58 -4.00 -8.90
CA PHE A 10 -4.03 -5.28 -8.39
C PHE A 10 -4.63 -5.13 -7.00
N ILE A 11 -4.23 -4.07 -6.29
CA ILE A 11 -4.73 -3.82 -4.95
C ILE A 11 -6.13 -3.21 -4.98
N ASN A 12 -6.31 -2.21 -5.83
CA ASN A 12 -7.59 -1.53 -5.97
C ASN A 12 -8.72 -2.54 -6.15
N ASN A 13 -8.44 -3.61 -6.92
CA ASN A 13 -9.43 -4.65 -7.16
C ASN A 13 -10.02 -5.16 -5.86
N VAL A 14 -9.20 -5.21 -4.82
CA VAL A 14 -9.65 -5.68 -3.51
C VAL A 14 -9.98 -4.51 -2.60
N THR A 15 -9.31 -3.39 -2.81
CA THR A 15 -9.54 -2.19 -2.00
C THR A 15 -10.99 -1.75 -2.07
N SER A 16 -11.64 -2.02 -3.20
CA SER A 16 -13.03 -1.65 -3.39
C SER A 16 -13.96 -2.61 -2.63
N ASN A 17 -13.38 -3.66 -2.09
CA ASN A 17 -14.16 -4.66 -1.34
C ASN A 17 -14.05 -4.39 0.16
N GLY A 18 -13.11 -3.54 0.55
CA GLY A 18 -12.93 -3.22 1.96
C GLY A 18 -11.53 -3.53 2.45
N GLY A 19 -10.58 -3.60 1.51
CA GLY A 19 -9.21 -3.89 1.88
C GLY A 19 -8.83 -5.33 1.60
N TYR A 20 -7.53 -5.62 1.68
CA TYR A 20 -7.03 -6.97 1.43
C TYR A 20 -7.52 -7.94 2.50
N HIS A 21 -6.96 -9.14 2.51
CA HIS A 21 -7.34 -10.16 3.48
C HIS A 21 -7.28 -9.60 4.90
N SER A 22 -6.07 -9.30 5.36
CA SER A 22 -5.88 -8.76 6.70
C SER A 22 -5.79 -7.25 6.67
N TRP A 23 -5.39 -6.70 5.53
CA TRP A 23 -5.26 -5.26 5.37
C TRP A 23 -6.63 -4.61 5.17
N HIS A 24 -6.89 -3.54 5.92
CA HIS A 24 -8.16 -2.84 5.82
C HIS A 24 -8.07 -1.67 4.85
N LEU A 25 -9.21 -1.17 4.41
CA LEU A 25 -9.26 -0.05 3.47
C LEU A 25 -9.12 1.28 4.20
N VAL A 26 -8.04 2.00 3.91
CA VAL A 26 -7.81 3.29 4.54
C VAL A 26 -7.38 4.33 3.51
N SER A 27 -7.04 5.52 3.98
CA SER A 27 -6.62 6.61 3.10
C SER A 27 -6.38 7.89 3.90
N GLY A 28 -5.50 7.82 4.89
CA GLY A 28 -5.20 8.97 5.72
C GLY A 28 -4.12 9.84 5.12
N ASP A 29 -3.48 9.35 4.06
CA ASP A 29 -2.42 10.09 3.38
C ASP A 29 -1.21 10.25 4.31
N LEU A 30 -0.06 9.78 3.85
CA LEU A 30 1.17 9.88 4.63
C LEU A 30 2.15 10.84 3.98
N ILE A 31 2.28 12.03 4.56
CA ILE A 31 3.18 13.05 4.04
C ILE A 31 4.50 13.04 4.81
N VAL A 32 5.36 12.08 4.49
CA VAL A 32 6.66 11.96 5.14
C VAL A 32 7.78 12.44 4.23
N LYS A 33 8.81 13.03 4.83
CA LYS A 33 9.95 13.54 4.08
C LYS A 33 9.48 14.46 2.94
N ASP A 34 8.28 15.01 3.09
CA ASP A 34 7.73 15.92 2.09
C ASP A 34 7.25 15.13 0.87
N VAL A 35 6.87 13.88 1.08
CA VAL A 35 6.40 13.03 -0.01
C VAL A 35 4.98 12.52 0.27
N CYS A 36 3.99 13.36 -0.01
CA CYS A 36 2.60 12.99 0.21
C CYS A 36 2.28 11.65 -0.44
N TYR A 37 2.09 10.63 0.38
CA TYR A 37 1.78 9.29 -0.10
C TYR A 37 0.28 9.02 -0.06
N LYS A 38 -0.10 7.79 -0.38
CA LYS A 38 -1.50 7.40 -0.37
C LYS A 38 -1.71 6.13 0.43
N LYS A 39 -2.29 6.26 1.62
CA LYS A 39 -2.54 5.12 2.49
C LYS A 39 -3.65 4.24 1.92
N LEU A 40 -3.32 3.49 0.87
CA LEU A 40 -4.27 2.60 0.22
C LEU A 40 -4.79 1.56 1.21
N LEU A 41 -3.89 1.02 2.02
CA LEU A 41 -4.26 0.02 3.01
C LEU A 41 -3.53 0.24 4.33
N HIS A 42 -3.92 -0.48 5.36
CA HIS A 42 -3.30 -0.36 6.67
C HIS A 42 -3.79 -1.46 7.61
N TRP A 43 -2.87 -1.99 8.42
CA TRP A 43 -3.20 -3.04 9.36
C TRP A 43 -2.11 -3.21 10.41
N SER A 44 -2.51 -3.28 11.68
CA SER A 44 -1.56 -3.42 12.78
C SER A 44 -0.62 -2.23 12.84
N GLY A 45 0.48 -2.31 12.09
CA GLY A 45 1.45 -1.24 12.07
C GLY A 45 1.93 -0.90 10.67
N GLN A 46 1.78 -1.85 9.75
CA GLN A 46 2.20 -1.65 8.37
C GLN A 46 1.16 -0.85 7.60
N THR A 47 1.59 0.28 7.04
CA THR A 47 0.69 1.15 6.28
C THR A 47 1.08 1.17 4.81
N ILE A 48 0.21 0.64 3.96
CA ILE A 48 0.47 0.61 2.52
C ILE A 48 0.35 2.01 1.92
N CYS A 49 1.48 2.70 1.80
CA CYS A 49 1.50 4.04 1.24
C CYS A 49 2.22 4.06 -0.11
N TYR A 50 1.45 4.21 -1.19
CA TYR A 50 2.01 4.24 -2.53
C TYR A 50 2.09 5.67 -3.06
N ALA A 51 3.12 5.95 -3.84
CA ALA A 51 3.31 7.27 -4.41
C ALA A 51 2.96 7.28 -5.90
N ASP A 52 3.44 8.30 -6.61
CA ASP A 52 3.16 8.42 -8.04
C ASP A 52 3.37 7.09 -8.75
N ASN A 53 4.38 6.34 -8.31
CA ASN A 53 4.67 5.05 -8.91
C ASN A 53 5.67 4.26 -8.05
N LYS A 54 5.50 4.36 -6.74
CA LYS A 54 6.37 3.66 -5.80
C LYS A 54 5.61 3.28 -4.53
N PHE A 55 5.46 1.98 -4.30
CA PHE A 55 4.76 1.49 -3.12
C PHE A 55 5.70 1.42 -1.92
N TYR A 56 5.20 1.90 -0.78
CA TYR A 56 6.00 1.91 0.44
C TYR A 56 5.20 1.36 1.61
N VAL A 57 5.82 0.47 2.39
CA VAL A 57 5.17 -0.13 3.54
C VAL A 57 5.79 0.34 4.84
N VAL A 58 5.34 1.48 5.34
CA VAL A 58 5.86 2.03 6.58
C VAL A 58 5.51 1.16 7.77
N LYS A 59 6.45 1.02 8.70
CA LYS A 59 6.24 0.20 9.89
C LYS A 59 6.17 1.07 11.14
N ASN A 60 6.36 0.45 12.30
CA ASN A 60 6.33 1.17 13.57
C ASN A 60 7.19 2.43 13.51
N ASP A 61 8.22 2.40 12.66
CA ASP A 61 9.11 3.53 12.51
C ASP A 61 10.22 3.22 11.50
N VAL A 62 9.86 2.47 10.46
CA VAL A 62 10.83 2.10 9.43
C VAL A 62 10.14 1.94 8.08
N ALA A 63 10.80 2.42 7.02
CA ALA A 63 10.25 2.32 5.67
C ALA A 63 10.68 1.02 5.01
N LEU A 64 10.11 0.74 3.84
CA LEU A 64 10.44 -0.48 3.10
C LEU A 64 9.97 -0.37 1.65
N PRO A 65 10.82 0.23 0.80
CA PRO A 65 10.52 0.41 -0.62
C PRO A 65 10.54 -0.91 -1.39
N PHE A 66 9.41 -1.25 -2.01
CA PHE A 66 9.31 -2.48 -2.77
C PHE A 66 10.33 -2.51 -3.90
N SER A 67 10.32 -3.61 -4.67
CA SER A 67 11.25 -3.76 -5.78
C SER A 67 10.49 -3.94 -7.10
N ASP A 68 9.43 -4.73 -7.05
CA ASP A 68 8.62 -5.00 -8.24
C ASP A 68 7.18 -5.35 -7.85
N LEU A 69 6.31 -5.40 -8.84
CA LEU A 69 4.90 -5.73 -8.61
C LEU A 69 4.77 -7.01 -7.79
N GLU A 70 5.55 -8.02 -8.18
CA GLU A 70 5.52 -9.31 -7.49
C GLU A 70 5.78 -9.13 -6.00
N ALA A 71 6.52 -8.08 -5.67
CA ALA A 71 6.85 -7.80 -4.27
C ALA A 71 5.63 -7.29 -3.51
N CYS A 72 4.91 -6.36 -4.12
CA CYS A 72 3.71 -5.79 -3.49
C CYS A 72 2.63 -6.85 -3.34
N ARG A 73 2.43 -7.65 -4.38
CA ARG A 73 1.41 -8.70 -4.37
C ARG A 73 1.75 -9.76 -3.34
N ALA A 74 3.05 -9.93 -3.08
CA ALA A 74 3.50 -10.92 -2.11
C ALA A 74 3.66 -10.31 -0.73
N TYR A 75 3.29 -9.04 -0.60
CA TYR A 75 3.39 -8.33 0.67
C TYR A 75 2.05 -8.35 1.41
N LEU A 76 0.96 -8.49 0.65
CA LEU A 76 -0.38 -8.53 1.24
C LEU A 76 -0.85 -9.97 1.40
N THR A 77 -0.07 -10.91 0.89
CA THR A 77 -0.41 -12.32 0.99
C THR A 77 0.62 -13.08 1.81
N SER A 78 1.60 -12.36 2.34
CA SER A 78 2.65 -12.98 3.15
C SER A 78 2.61 -12.46 4.58
N ARG A 79 2.04 -11.27 4.76
CA ARG A 79 1.94 -10.66 6.08
C ARG A 79 0.86 -11.34 6.91
N ALA A 80 -0.28 -11.62 6.27
CA ALA A 80 -1.39 -12.26 6.95
C ALA A 80 -2.52 -12.57 5.98
N ALA A 81 -3.30 -13.61 6.29
CA ALA A 81 -4.41 -14.01 5.44
C ALA A 81 -5.73 -13.97 6.20
N SER A 1 -8.37 7.02 -11.39
CA SER A 1 -9.70 7.24 -11.94
C SER A 1 -9.77 6.77 -13.38
N HIS A 2 -8.83 7.22 -14.20
CA HIS A 2 -8.78 6.84 -15.60
C HIS A 2 -7.64 5.87 -15.87
N MET A 3 -6.42 6.31 -15.60
CA MET A 3 -5.25 5.46 -15.81
C MET A 3 -4.44 5.32 -14.52
N GLN A 4 -4.78 4.31 -13.74
CA GLN A 4 -4.11 4.05 -12.48
C GLN A 4 -2.81 3.26 -12.70
N THR A 5 -1.94 3.28 -11.70
CA THR A 5 -0.66 2.57 -11.79
C THR A 5 -0.86 1.07 -11.68
N PRO A 6 0.12 0.30 -12.16
CA PRO A 6 0.08 -1.17 -12.11
C PRO A 6 0.21 -1.71 -10.70
N GLU A 7 0.94 -1.00 -9.86
CA GLU A 7 1.14 -1.41 -8.48
C GLU A 7 -0.18 -1.45 -7.72
N THR A 8 -0.92 -0.34 -7.76
CA THR A 8 -2.20 -0.25 -7.08
C THR A 8 -3.32 -0.85 -7.93
N ALA A 9 -2.95 -1.37 -9.10
CA ALA A 9 -3.92 -1.97 -10.00
C ALA A 9 -4.54 -3.22 -9.39
N PHE A 10 -3.70 -4.20 -9.06
CA PHE A 10 -4.17 -5.45 -8.47
C PHE A 10 -4.77 -5.20 -7.09
N ILE A 11 -4.28 -4.16 -6.42
CA ILE A 11 -4.77 -3.82 -5.09
C ILE A 11 -6.20 -3.28 -5.15
N ASN A 12 -6.42 -2.31 -6.02
CA ASN A 12 -7.74 -1.72 -6.18
C ASN A 12 -8.81 -2.79 -6.32
N ASN A 13 -8.48 -3.86 -7.04
CA ASN A 13 -9.41 -4.96 -7.24
C ASN A 13 -10.00 -5.45 -5.92
N VAL A 14 -9.17 -5.42 -4.87
CA VAL A 14 -9.61 -5.85 -3.55
C VAL A 14 -9.97 -4.65 -2.67
N THR A 15 -9.35 -3.51 -2.97
CA THR A 15 -9.61 -2.29 -2.21
C THR A 15 -11.08 -1.90 -2.28
N SER A 16 -11.71 -2.22 -3.41
CA SER A 16 -13.12 -1.89 -3.61
C SER A 16 -14.01 -2.83 -2.81
N ASN A 17 -13.42 -3.85 -2.22
CA ASN A 17 -14.16 -4.82 -1.42
C ASN A 17 -14.07 -4.49 0.07
N GLY A 18 -13.15 -3.59 0.41
CA GLY A 18 -12.97 -3.20 1.80
C GLY A 18 -11.56 -3.44 2.29
N GLY A 19 -10.61 -3.54 1.36
CA GLY A 19 -9.23 -3.77 1.73
C GLY A 19 -8.78 -5.20 1.46
N TYR A 20 -7.48 -5.44 1.58
CA TYR A 20 -6.93 -6.77 1.33
C TYR A 20 -7.38 -7.75 2.42
N HIS A 21 -6.75 -8.92 2.44
CA HIS A 21 -7.08 -9.94 3.43
C HIS A 21 -7.13 -9.35 4.84
N SER A 22 -5.97 -9.00 5.37
CA SER A 22 -5.88 -8.42 6.71
C SER A 22 -5.83 -6.90 6.65
N TRP A 23 -5.40 -6.38 5.50
CA TRP A 23 -5.31 -4.93 5.31
C TRP A 23 -6.69 -4.32 5.13
N HIS A 24 -6.92 -3.19 5.79
CA HIS A 24 -8.20 -2.50 5.70
C HIS A 24 -8.14 -1.34 4.71
N LEU A 25 -9.29 -0.97 4.17
CA LEU A 25 -9.36 0.12 3.20
C LEU A 25 -9.28 1.48 3.90
N VAL A 26 -8.32 2.30 3.50
CA VAL A 26 -8.14 3.62 4.08
C VAL A 26 -7.69 4.63 3.03
N SER A 27 -7.40 5.84 3.48
CA SER A 27 -6.96 6.91 2.58
C SER A 27 -6.69 8.19 3.35
N GLY A 28 -5.90 8.10 4.41
CA GLY A 28 -5.59 9.27 5.21
C GLY A 28 -4.37 10.02 4.70
N ASP A 29 -3.70 9.44 3.71
CA ASP A 29 -2.51 10.06 3.13
C ASP A 29 -1.38 10.13 4.15
N LEU A 30 -0.14 10.10 3.67
CA LEU A 30 1.02 10.17 4.54
C LEU A 30 2.09 11.09 3.96
N ILE A 31 2.19 12.29 4.51
CA ILE A 31 3.18 13.27 4.05
C ILE A 31 4.44 13.23 4.91
N VAL A 32 5.28 12.23 4.68
CA VAL A 32 6.52 12.08 5.43
C VAL A 32 7.73 12.48 4.59
N LYS A 33 8.73 13.06 5.24
CA LYS A 33 9.94 13.49 4.56
C LYS A 33 9.60 14.37 3.36
N ASP A 34 8.42 14.97 3.39
CA ASP A 34 7.98 15.83 2.30
C ASP A 34 7.58 15.02 1.07
N VAL A 35 7.09 13.81 1.32
CA VAL A 35 6.67 12.92 0.24
C VAL A 35 5.22 12.49 0.42
N CYS A 36 4.29 13.37 0.06
CA CYS A 36 2.87 13.07 0.18
C CYS A 36 2.54 11.72 -0.44
N TYR A 37 2.24 10.74 0.41
CA TYR A 37 1.90 9.41 -0.06
C TYR A 37 0.40 9.20 -0.11
N LYS A 38 -0.02 7.97 -0.39
CA LYS A 38 -1.44 7.65 -0.47
C LYS A 38 -1.74 6.38 0.33
N LYS A 39 -2.45 6.54 1.45
CA LYS A 39 -2.81 5.41 2.29
C LYS A 39 -3.85 4.53 1.60
N LEU A 40 -3.40 3.74 0.63
CA LEU A 40 -4.29 2.84 -0.10
C LEU A 40 -4.89 1.79 0.83
N LEU A 41 -4.09 1.32 1.78
CA LEU A 41 -4.55 0.31 2.73
C LEU A 41 -3.90 0.52 4.09
N HIS A 42 -4.48 -0.09 5.12
CA HIS A 42 -3.97 0.02 6.48
C HIS A 42 -4.49 -1.10 7.36
N TRP A 43 -3.58 -1.78 8.04
CA TRP A 43 -3.96 -2.88 8.93
C TRP A 43 -3.72 -2.51 10.38
N SER A 44 -2.44 -2.52 10.80
CA SER A 44 -2.09 -2.19 12.17
C SER A 44 -0.57 -2.02 12.31
N GLY A 45 0.15 -3.11 12.07
CA GLY A 45 1.60 -3.06 12.17
C GLY A 45 2.26 -2.55 10.90
N GLN A 46 1.45 -2.36 9.86
CA GLN A 46 1.97 -1.88 8.59
C GLN A 46 0.99 -0.90 7.95
N THR A 47 1.49 -0.08 7.02
CA THR A 47 0.66 0.90 6.34
C THR A 47 1.05 1.01 4.86
N ILE A 48 0.09 0.74 3.98
CA ILE A 48 0.33 0.82 2.55
C ILE A 48 0.25 2.25 2.05
N CYS A 49 1.41 2.84 1.76
CA CYS A 49 1.47 4.21 1.26
C CYS A 49 2.27 4.29 -0.02
N TYR A 50 1.57 4.38 -1.15
CA TYR A 50 2.22 4.47 -2.45
C TYR A 50 2.33 5.92 -2.91
N ALA A 51 3.37 6.20 -3.70
CA ALA A 51 3.59 7.55 -4.22
C ALA A 51 3.21 7.64 -5.69
N ASP A 52 3.73 8.67 -6.36
CA ASP A 52 3.44 8.87 -7.78
C ASP A 52 3.60 7.56 -8.56
N ASN A 53 4.54 6.74 -8.13
CA ASN A 53 4.80 5.47 -8.79
C ASN A 53 5.75 4.60 -7.97
N LYS A 54 5.57 4.62 -6.66
CA LYS A 54 6.42 3.84 -5.76
C LYS A 54 5.65 3.42 -4.51
N PHE A 55 5.43 2.13 -4.37
CA PHE A 55 4.71 1.60 -3.22
C PHE A 55 5.64 1.45 -2.01
N TYR A 56 5.16 1.86 -0.85
CA TYR A 56 5.94 1.77 0.38
C TYR A 56 5.12 1.15 1.51
N VAL A 57 5.76 0.28 2.27
CA VAL A 57 5.09 -0.38 3.39
C VAL A 57 5.75 -0.02 4.71
N VAL A 58 5.28 1.07 5.32
CA VAL A 58 5.84 1.52 6.60
C VAL A 58 5.59 0.49 7.69
N LYS A 59 6.56 0.35 8.59
CA LYS A 59 6.45 -0.60 9.70
C LYS A 59 6.38 0.13 11.03
N ASN A 60 6.68 -0.59 12.11
CA ASN A 60 6.65 -0.01 13.44
C ASN A 60 7.39 1.31 13.48
N ASP A 61 8.40 1.44 12.62
CA ASP A 61 9.20 2.66 12.55
C ASP A 61 10.29 2.54 11.49
N VAL A 62 9.98 1.85 10.41
CA VAL A 62 10.93 1.66 9.32
C VAL A 62 10.23 1.61 7.98
N ALA A 63 10.95 1.98 6.91
CA ALA A 63 10.38 1.97 5.57
C ALA A 63 10.77 0.70 4.82
N LEU A 64 10.12 0.47 3.70
CA LEU A 64 10.39 -0.72 2.88
C LEU A 64 9.93 -0.51 1.44
N PRO A 65 10.81 0.11 0.63
CA PRO A 65 10.52 0.38 -0.78
C PRO A 65 10.49 -0.90 -1.62
N PHE A 66 9.35 -1.16 -2.25
CA PHE A 66 9.19 -2.35 -3.07
C PHE A 66 10.18 -2.34 -4.23
N SER A 67 10.21 -3.42 -5.00
CA SER A 67 11.12 -3.54 -6.13
C SER A 67 10.35 -3.77 -7.43
N ASP A 68 9.23 -4.49 -7.33
CA ASP A 68 8.41 -4.78 -8.49
C ASP A 68 6.97 -5.13 -8.07
N LEU A 69 6.09 -5.25 -9.04
CA LEU A 69 4.70 -5.58 -8.78
C LEU A 69 4.59 -6.82 -7.89
N GLU A 70 5.36 -7.85 -8.23
CA GLU A 70 5.34 -9.08 -7.46
C GLU A 70 5.68 -8.82 -6.00
N ALA A 71 6.44 -7.75 -5.75
CA ALA A 71 6.82 -7.39 -4.39
C ALA A 71 5.63 -6.86 -3.61
N CYS A 72 4.82 -6.03 -4.26
CA CYS A 72 3.64 -5.44 -3.62
C CYS A 72 2.60 -6.52 -3.32
N ARG A 73 2.30 -7.36 -4.31
CA ARG A 73 1.33 -8.42 -4.15
C ARG A 73 1.74 -9.38 -3.04
N ALA A 74 3.05 -9.60 -2.91
CA ALA A 74 3.57 -10.49 -1.89
C ALA A 74 3.82 -9.74 -0.58
N TYR A 75 3.48 -8.46 -0.57
CA TYR A 75 3.66 -7.64 0.62
C TYR A 75 2.35 -7.50 1.39
N LEU A 76 1.26 -7.95 0.77
CA LEU A 76 -0.06 -7.87 1.40
C LEU A 76 -0.52 -9.25 1.86
N THR A 77 0.20 -10.28 1.43
CA THR A 77 -0.13 -11.66 1.80
C THR A 77 1.07 -12.38 2.39
N SER A 78 2.08 -11.62 2.78
CA SER A 78 3.30 -12.19 3.35
C SER A 78 3.95 -11.21 4.32
N ARG A 79 3.17 -10.24 4.78
CA ARG A 79 3.68 -9.23 5.71
C ARG A 79 3.69 -9.77 7.14
N ALA A 80 2.85 -10.76 7.40
CA ALA A 80 2.77 -11.37 8.72
C ALA A 80 2.97 -12.89 8.64
N ALA A 81 2.76 -13.57 9.76
CA ALA A 81 2.92 -15.01 9.83
C ALA A 81 1.58 -15.71 9.66
N SER A 1 -0.66 9.57 -11.73
CA SER A 1 -1.58 10.69 -11.82
C SER A 1 -2.92 10.24 -12.41
N HIS A 2 -2.90 9.81 -13.66
CA HIS A 2 -4.11 9.35 -14.34
C HIS A 2 -4.08 7.84 -14.53
N MET A 3 -5.25 7.24 -14.69
CA MET A 3 -5.37 5.81 -14.88
C MET A 3 -4.66 5.05 -13.76
N GLN A 4 -4.61 5.65 -12.58
CA GLN A 4 -3.96 5.04 -11.44
C GLN A 4 -2.63 4.41 -11.83
N THR A 5 -2.11 3.54 -10.97
CA THR A 5 -0.84 2.87 -11.23
C THR A 5 -1.02 1.36 -11.23
N PRO A 6 -0.04 0.65 -11.83
CA PRO A 6 -0.07 -0.81 -11.91
C PRO A 6 0.16 -1.47 -10.55
N GLU A 7 0.84 -0.75 -9.65
CA GLU A 7 1.11 -1.27 -8.32
C GLU A 7 -0.16 -1.35 -7.49
N THR A 8 -1.01 -0.34 -7.63
CA THR A 8 -2.28 -0.29 -6.89
C THR A 8 -3.42 -0.84 -7.72
N ALA A 9 -3.12 -1.23 -8.96
CA ALA A 9 -4.14 -1.77 -9.85
C ALA A 9 -4.66 -3.11 -9.32
N PHE A 10 -3.75 -4.04 -9.07
CA PHE A 10 -4.13 -5.36 -8.57
C PHE A 10 -4.69 -5.26 -7.15
N ILE A 11 -4.25 -4.24 -6.42
CA ILE A 11 -4.70 -4.03 -5.05
C ILE A 11 -6.13 -3.50 -5.02
N ASN A 12 -6.40 -2.50 -5.85
CA ASN A 12 -7.73 -1.90 -5.92
C ASN A 12 -8.80 -2.97 -6.01
N ASN A 13 -8.52 -4.02 -6.77
CA ASN A 13 -9.47 -5.12 -6.95
C ASN A 13 -9.96 -5.63 -5.61
N VAL A 14 -9.08 -5.63 -4.61
CA VAL A 14 -9.43 -6.09 -3.27
C VAL A 14 -9.77 -4.91 -2.36
N THR A 15 -9.14 -3.78 -2.62
CA THR A 15 -9.38 -2.58 -1.82
C THR A 15 -10.84 -2.17 -1.87
N SER A 16 -11.56 -2.64 -2.88
CA SER A 16 -12.97 -2.32 -3.05
C SER A 16 -13.84 -3.27 -2.21
N ASN A 17 -13.21 -4.28 -1.62
CA ASN A 17 -13.91 -5.25 -0.81
C ASN A 17 -13.85 -4.89 0.67
N GLY A 18 -12.94 -3.98 1.00
CA GLY A 18 -12.78 -3.56 2.38
C GLY A 18 -11.36 -3.70 2.88
N GLY A 19 -10.44 -4.00 1.96
CA GLY A 19 -9.04 -4.15 2.33
C GLY A 19 -8.40 -5.36 1.67
N TYR A 20 -7.33 -5.86 2.27
CA TYR A 20 -6.62 -7.02 1.73
C TYR A 20 -6.41 -8.07 2.80
N HIS A 21 -7.44 -8.88 3.04
CA HIS A 21 -7.37 -9.95 4.03
C HIS A 21 -7.21 -9.37 5.43
N SER A 22 -5.97 -9.02 5.79
CA SER A 22 -5.68 -8.46 7.11
C SER A 22 -5.66 -6.94 7.05
N TRP A 23 -5.00 -6.40 6.03
CA TRP A 23 -4.91 -4.96 5.86
C TRP A 23 -6.28 -4.32 5.83
N HIS A 24 -6.38 -3.10 6.37
CA HIS A 24 -7.65 -2.39 6.41
C HIS A 24 -7.71 -1.33 5.31
N LEU A 25 -8.86 -1.22 4.66
CA LEU A 25 -9.04 -0.24 3.59
C LEU A 25 -9.04 1.18 4.14
N VAL A 26 -8.13 2.00 3.63
CA VAL A 26 -8.03 3.39 4.06
C VAL A 26 -7.66 4.31 2.90
N SER A 27 -7.49 5.59 3.20
CA SER A 27 -7.16 6.58 2.18
C SER A 27 -7.15 7.98 2.75
N GLY A 28 -6.31 8.21 3.75
CA GLY A 28 -6.22 9.52 4.38
C GLY A 28 -5.01 10.31 3.91
N ASP A 29 -4.30 9.76 2.94
CA ASP A 29 -3.11 10.42 2.40
C ASP A 29 -2.11 10.72 3.51
N LEU A 30 -1.13 9.82 3.67
CA LEU A 30 -0.11 9.98 4.70
C LEU A 30 1.10 10.72 4.15
N ILE A 31 1.27 11.97 4.59
CA ILE A 31 2.40 12.78 4.14
C ILE A 31 3.68 12.42 4.89
N VAL A 32 4.76 12.22 4.14
CA VAL A 32 6.05 11.88 4.73
C VAL A 32 7.20 12.36 3.87
N LYS A 33 8.06 13.19 4.44
CA LYS A 33 9.21 13.72 3.71
C LYS A 33 8.77 14.65 2.59
N ASP A 34 7.59 15.25 2.76
CA ASP A 34 7.05 16.16 1.75
C ASP A 34 6.61 15.41 0.51
N VAL A 35 6.34 14.12 0.67
CA VAL A 35 5.90 13.28 -0.44
C VAL A 35 4.53 12.67 -0.18
N CYS A 36 3.49 13.47 -0.41
CA CYS A 36 2.12 13.02 -0.20
C CYS A 36 1.92 11.60 -0.75
N TYR A 37 1.70 10.65 0.13
CA TYR A 37 1.50 9.26 -0.26
C TYR A 37 0.03 8.89 -0.21
N LYS A 38 -0.31 7.74 -0.78
CA LYS A 38 -1.69 7.26 -0.80
C LYS A 38 -1.86 6.08 0.16
N LYS A 39 -2.61 6.32 1.24
CA LYS A 39 -2.86 5.28 2.23
C LYS A 39 -3.85 4.24 1.70
N LEU A 40 -3.44 3.50 0.68
CA LEU A 40 -4.29 2.48 0.08
C LEU A 40 -4.78 1.49 1.13
N LEU A 41 -3.92 1.17 2.09
CA LEU A 41 -4.26 0.24 3.15
C LEU A 41 -3.46 0.53 4.41
N HIS A 42 -3.96 0.07 5.56
CA HIS A 42 -3.29 0.28 6.83
C HIS A 42 -3.57 -0.87 7.79
N TRP A 43 -2.55 -1.28 8.53
CA TRP A 43 -2.68 -2.37 9.49
C TRP A 43 -1.81 -2.14 10.72
N SER A 44 -2.30 -2.56 11.88
CA SER A 44 -1.56 -2.39 13.12
C SER A 44 -0.09 -2.78 12.94
N GLY A 45 0.16 -3.72 12.05
CA GLY A 45 1.52 -4.16 11.79
C GLY A 45 2.28 -3.20 10.89
N GLN A 46 1.73 -2.94 9.71
CA GLN A 46 2.37 -2.04 8.76
C GLN A 46 1.33 -1.19 8.04
N THR A 47 1.80 -0.23 7.24
CA THR A 47 0.91 0.65 6.49
C THR A 47 1.28 0.67 5.01
N ILE A 48 0.26 0.63 4.15
CA ILE A 48 0.49 0.65 2.71
C ILE A 48 0.36 2.07 2.15
N CYS A 49 1.50 2.66 1.80
CA CYS A 49 1.51 4.02 1.26
C CYS A 49 2.35 4.07 -0.02
N TYR A 50 1.67 4.22 -1.16
CA TYR A 50 2.34 4.28 -2.45
C TYR A 50 2.31 5.69 -3.00
N ALA A 51 3.34 6.05 -3.76
CA ALA A 51 3.43 7.38 -4.37
C ALA A 51 3.08 7.33 -5.84
N ASP A 52 3.59 8.29 -6.60
CA ASP A 52 3.31 8.38 -8.03
C ASP A 52 3.41 6.99 -8.67
N ASN A 53 4.37 6.20 -8.21
CA ASN A 53 4.57 4.85 -8.74
C ASN A 53 5.55 4.07 -7.87
N LYS A 54 5.50 4.32 -6.58
CA LYS A 54 6.38 3.62 -5.63
C LYS A 54 5.63 3.26 -4.36
N PHE A 55 5.41 1.97 -4.16
CA PHE A 55 4.69 1.48 -2.98
C PHE A 55 5.64 1.37 -1.78
N TYR A 56 5.16 1.80 -0.62
CA TYR A 56 5.96 1.76 0.60
C TYR A 56 5.20 1.08 1.73
N VAL A 57 5.87 0.17 2.43
CA VAL A 57 5.25 -0.55 3.53
C VAL A 57 5.89 -0.16 4.86
N VAL A 58 5.36 0.91 5.47
CA VAL A 58 5.87 1.39 6.74
C VAL A 58 5.69 0.34 7.84
N LYS A 59 6.68 0.23 8.72
CA LYS A 59 6.64 -0.73 9.81
C LYS A 59 6.55 -0.02 11.15
N ASN A 60 6.92 -0.72 12.22
CA ASN A 60 6.88 -0.16 13.57
C ASN A 60 7.52 1.22 13.59
N ASP A 61 8.50 1.43 12.72
CA ASP A 61 9.19 2.71 12.65
C ASP A 61 10.28 2.68 11.58
N VAL A 62 10.02 1.96 10.49
CA VAL A 62 10.97 1.86 9.39
C VAL A 62 10.25 1.76 8.06
N ALA A 63 10.93 2.18 7.00
CA ALA A 63 10.36 2.14 5.65
C ALA A 63 10.86 0.92 4.89
N LEU A 64 10.22 0.64 3.75
CA LEU A 64 10.60 -0.50 2.92
C LEU A 64 10.05 -0.36 1.51
N PRO A 65 10.81 0.32 0.64
CA PRO A 65 10.42 0.53 -0.75
C PRO A 65 10.44 -0.75 -1.57
N PHE A 66 9.28 -1.13 -2.10
CA PHE A 66 9.17 -2.34 -2.91
C PHE A 66 10.17 -2.33 -4.05
N SER A 67 10.22 -3.43 -4.80
CA SER A 67 11.13 -3.54 -5.92
C SER A 67 10.37 -3.69 -7.23
N ASP A 68 9.28 -4.43 -7.20
CA ASP A 68 8.45 -4.65 -8.39
C ASP A 68 7.03 -5.05 -8.00
N LEU A 69 6.15 -5.10 -8.99
CA LEU A 69 4.76 -5.48 -8.76
C LEU A 69 4.66 -6.79 -7.98
N GLU A 70 5.45 -7.77 -8.40
CA GLU A 70 5.46 -9.08 -7.74
C GLU A 70 5.77 -8.93 -6.25
N ALA A 71 6.48 -7.86 -5.90
CA ALA A 71 6.84 -7.60 -4.51
C ALA A 71 5.61 -7.18 -3.70
N CYS A 72 4.83 -6.26 -4.25
CA CYS A 72 3.64 -5.76 -3.57
C CYS A 72 2.60 -6.86 -3.44
N ARG A 73 2.37 -7.59 -4.53
CA ARG A 73 1.39 -8.68 -4.54
C ARG A 73 1.75 -9.73 -3.50
N ALA A 74 3.03 -9.80 -3.14
CA ALA A 74 3.50 -10.77 -2.16
C ALA A 74 3.66 -10.12 -0.79
N TYR A 75 3.25 -8.86 -0.69
CA TYR A 75 3.35 -8.12 0.57
C TYR A 75 2.02 -8.13 1.31
N LEU A 76 0.93 -8.19 0.55
CA LEU A 76 -0.41 -8.21 1.13
C LEU A 76 -0.91 -9.63 1.32
N THR A 77 -0.12 -10.59 0.84
CA THR A 77 -0.48 -12.00 0.97
C THR A 77 0.58 -12.77 1.75
N SER A 78 1.51 -12.05 2.37
CA SER A 78 2.58 -12.66 3.14
C SER A 78 2.74 -11.97 4.49
N ARG A 79 1.86 -11.03 4.77
CA ARG A 79 1.91 -10.27 6.02
C ARG A 79 0.98 -10.90 7.07
N ALA A 80 -0.07 -11.57 6.58
CA ALA A 80 -1.03 -12.22 7.48
C ALA A 80 -2.11 -12.94 6.68
N ALA A 81 -2.78 -13.88 7.34
CA ALA A 81 -3.84 -14.66 6.69
C ALA A 81 -5.21 -14.04 6.95
N SER A 1 -8.51 7.37 -10.45
CA SER A 1 -9.21 6.99 -11.66
C SER A 1 -8.59 7.67 -12.88
N HIS A 2 -8.07 8.89 -12.67
CA HIS A 2 -7.45 9.65 -13.74
C HIS A 2 -6.05 9.11 -14.06
N MET A 3 -5.32 8.74 -13.01
CA MET A 3 -3.98 8.21 -13.16
C MET A 3 -3.56 7.39 -11.95
N GLN A 4 -4.06 6.16 -11.87
CA GLN A 4 -3.75 5.27 -10.76
C GLN A 4 -2.39 4.62 -10.95
N THR A 5 -1.95 3.87 -9.95
CA THR A 5 -0.65 3.19 -10.00
C THR A 5 -0.83 1.68 -10.14
N PRO A 6 0.22 1.01 -10.60
CA PRO A 6 0.21 -0.45 -10.78
C PRO A 6 0.19 -1.20 -9.46
N GLU A 7 1.04 -0.78 -8.53
CA GLU A 7 1.12 -1.41 -7.21
C GLU A 7 -0.24 -1.40 -6.52
N THR A 8 -1.10 -0.48 -6.94
CA THR A 8 -2.43 -0.36 -6.36
C THR A 8 -3.50 -0.89 -7.32
N ALA A 9 -3.08 -1.21 -8.54
CA ALA A 9 -4.00 -1.72 -9.55
C ALA A 9 -4.57 -3.07 -9.13
N PHE A 10 -3.68 -3.98 -8.74
CA PHE A 10 -4.10 -5.32 -8.32
C PHE A 10 -4.71 -5.28 -6.92
N ILE A 11 -4.56 -4.15 -6.25
CA ILE A 11 -5.09 -3.99 -4.90
C ILE A 11 -6.50 -3.40 -4.93
N ASN A 12 -6.69 -2.38 -5.77
CA ASN A 12 -7.99 -1.73 -5.89
C ASN A 12 -9.11 -2.77 -6.05
N ASN A 13 -8.85 -3.79 -6.86
CA ASN A 13 -9.83 -4.84 -7.09
C ASN A 13 -10.39 -5.37 -5.77
N VAL A 14 -9.53 -5.46 -4.76
CA VAL A 14 -9.93 -5.95 -3.45
C VAL A 14 -10.21 -4.78 -2.51
N THR A 15 -9.65 -3.62 -2.82
CA THR A 15 -9.83 -2.44 -1.99
C THR A 15 -11.31 -2.00 -1.97
N SER A 16 -11.98 -2.17 -3.10
CA SER A 16 -13.39 -1.80 -3.21
C SER A 16 -14.26 -2.74 -2.38
N ASN A 17 -13.67 -3.83 -1.92
CA ASN A 17 -14.39 -4.81 -1.11
C ASN A 17 -14.21 -4.53 0.38
N GLY A 18 -13.22 -3.70 0.70
CA GLY A 18 -12.95 -3.36 2.09
C GLY A 18 -11.52 -3.66 2.49
N GLY A 19 -10.63 -3.72 1.50
CA GLY A 19 -9.24 -4.01 1.79
C GLY A 19 -8.86 -5.44 1.46
N TYR A 20 -7.57 -5.73 1.49
CA TYR A 20 -7.07 -7.07 1.19
C TYR A 20 -7.52 -8.07 2.27
N HIS A 21 -6.94 -9.26 2.22
CA HIS A 21 -7.27 -10.30 3.18
C HIS A 21 -7.31 -9.75 4.60
N SER A 22 -6.16 -9.33 5.10
CA SER A 22 -6.06 -8.77 6.44
C SER A 22 -5.99 -7.24 6.40
N TRP A 23 -5.47 -6.72 5.31
CA TRP A 23 -5.35 -5.27 5.14
C TRP A 23 -6.73 -4.63 4.97
N HIS A 24 -6.99 -3.59 5.75
CA HIS A 24 -8.27 -2.89 5.68
C HIS A 24 -8.22 -1.77 4.66
N LEU A 25 -9.38 -1.23 4.31
CA LEU A 25 -9.47 -0.15 3.34
C LEU A 25 -9.42 1.21 4.02
N VAL A 26 -8.39 2.00 3.70
CA VAL A 26 -8.23 3.33 4.28
C VAL A 26 -7.81 4.34 3.23
N SER A 27 -7.59 5.57 3.67
CA SER A 27 -7.18 6.65 2.77
C SER A 27 -7.01 7.96 3.52
N GLY A 28 -6.09 7.97 4.48
CA GLY A 28 -5.85 9.17 5.26
C GLY A 28 -4.87 10.11 4.59
N ASP A 29 -4.14 9.59 3.60
CA ASP A 29 -3.16 10.39 2.88
C ASP A 29 -2.04 10.84 3.80
N LEU A 30 -0.85 10.28 3.61
CA LEU A 30 0.31 10.61 4.43
C LEU A 30 1.43 11.19 3.56
N ILE A 31 1.83 12.42 3.86
CA ILE A 31 2.88 13.08 3.12
C ILE A 31 4.21 13.03 3.88
N VAL A 32 5.23 12.49 3.24
CA VAL A 32 6.55 12.37 3.86
C VAL A 32 7.65 12.49 2.81
N LYS A 33 8.70 13.25 3.15
CA LYS A 33 9.82 13.44 2.24
C LYS A 33 9.38 14.19 0.99
N ASP A 34 8.34 15.00 1.12
CA ASP A 34 7.82 15.77 -0.01
C ASP A 34 7.24 14.85 -1.07
N VAL A 35 6.87 13.65 -0.66
CA VAL A 35 6.28 12.67 -1.58
C VAL A 35 4.90 12.25 -1.12
N CYS A 36 3.91 13.08 -1.38
CA CYS A 36 2.53 12.79 -1.00
C CYS A 36 2.16 11.36 -1.37
N TYR A 37 2.05 10.51 -0.35
CA TYR A 37 1.70 9.10 -0.58
C TYR A 37 0.19 8.90 -0.52
N LYS A 38 -0.24 7.66 -0.66
CA LYS A 38 -1.66 7.32 -0.61
C LYS A 38 -1.92 6.14 0.30
N LYS A 39 -2.59 6.40 1.42
CA LYS A 39 -2.91 5.34 2.39
C LYS A 39 -3.97 4.39 1.83
N LEU A 40 -3.55 3.55 0.88
CA LEU A 40 -4.45 2.59 0.27
C LEU A 40 -5.05 1.65 1.32
N LEU A 41 -4.18 1.02 2.09
CA LEU A 41 -4.63 0.09 3.14
C LEU A 41 -3.88 0.36 4.44
N HIS A 42 -4.45 -0.09 5.56
CA HIS A 42 -3.84 0.09 6.86
C HIS A 42 -4.12 -1.11 7.77
N TRP A 43 -3.05 -1.82 8.15
CA TRP A 43 -3.19 -2.99 9.00
C TRP A 43 -2.27 -2.89 10.21
N SER A 44 -2.79 -3.24 11.38
CA SER A 44 -2.02 -3.18 12.62
C SER A 44 -0.63 -3.79 12.42
N GLY A 45 0.38 -2.93 12.31
CA GLY A 45 1.74 -3.40 12.11
C GLY A 45 2.43 -2.70 10.96
N GLN A 46 1.70 -2.48 9.87
CA GLN A 46 2.25 -1.82 8.70
C GLN A 46 1.19 -0.99 7.99
N THR A 47 1.62 0.07 7.32
CA THR A 47 0.70 0.94 6.59
C THR A 47 1.03 0.99 5.11
N ILE A 48 0.08 0.60 4.27
CA ILE A 48 0.27 0.60 2.84
C ILE A 48 0.17 2.01 2.26
N CYS A 49 1.28 2.50 1.71
CA CYS A 49 1.32 3.83 1.13
C CYS A 49 2.15 3.84 -0.16
N TYR A 50 1.47 3.89 -1.29
CA TYR A 50 2.14 3.90 -2.59
C TYR A 50 2.42 5.32 -3.05
N ALA A 51 3.15 5.46 -4.15
CA ALA A 51 3.49 6.77 -4.70
C ALA A 51 3.26 6.80 -6.21
N ASP A 52 3.94 7.71 -6.88
CA ASP A 52 3.82 7.85 -8.33
C ASP A 52 3.90 6.49 -9.01
N ASN A 53 4.66 5.58 -8.42
CA ASN A 53 4.82 4.24 -8.98
C ASN A 53 5.71 3.39 -8.08
N LYS A 54 5.50 3.48 -6.77
CA LYS A 54 6.28 2.72 -5.81
C LYS A 54 5.49 2.50 -4.53
N PHE A 55 5.39 1.24 -4.12
CA PHE A 55 4.65 0.89 -2.90
C PHE A 55 5.57 0.98 -1.68
N TYR A 56 5.21 1.87 -0.76
CA TYR A 56 5.99 2.06 0.46
C TYR A 56 5.22 1.57 1.68
N VAL A 57 5.83 0.66 2.44
CA VAL A 57 5.20 0.12 3.64
C VAL A 57 5.91 0.61 4.89
N VAL A 58 5.23 1.49 5.64
CA VAL A 58 5.78 2.04 6.87
C VAL A 58 5.62 1.05 8.03
N LYS A 59 6.67 0.94 8.84
CA LYS A 59 6.65 0.04 9.99
C LYS A 59 6.49 0.83 11.29
N ASN A 60 6.97 0.25 12.39
CA ASN A 60 6.88 0.89 13.69
C ASN A 60 7.31 2.35 13.61
N ASP A 61 8.24 2.65 12.71
CA ASP A 61 8.74 4.00 12.54
C ASP A 61 9.82 4.05 11.46
N VAL A 62 9.68 3.20 10.45
CA VAL A 62 10.64 3.15 9.36
C VAL A 62 9.97 2.78 8.04
N ALA A 63 10.39 3.43 6.96
CA ALA A 63 9.83 3.17 5.64
C ALA A 63 10.44 1.92 5.02
N LEU A 64 9.97 1.57 3.83
CA LEU A 64 10.47 0.40 3.12
C LEU A 64 10.02 0.40 1.66
N PRO A 65 10.84 1.00 0.79
CA PRO A 65 10.56 1.09 -0.64
C PRO A 65 10.66 -0.26 -1.33
N PHE A 66 9.67 -0.57 -2.16
CA PHE A 66 9.65 -1.84 -2.89
C PHE A 66 10.36 -1.71 -4.23
N SER A 67 10.59 -2.84 -4.88
CA SER A 67 11.27 -2.85 -6.17
C SER A 67 10.27 -2.92 -7.32
N ASP A 68 9.18 -3.65 -7.10
CA ASP A 68 8.13 -3.79 -8.12
C ASP A 68 6.91 -4.49 -7.55
N LEU A 69 5.82 -4.49 -8.31
CA LEU A 69 4.58 -5.12 -7.87
C LEU A 69 4.85 -6.52 -7.31
N GLU A 70 5.78 -7.23 -7.94
CA GLU A 70 6.14 -8.57 -7.50
C GLU A 70 6.35 -8.62 -5.99
N ALA A 71 6.93 -7.55 -5.46
CA ALA A 71 7.19 -7.46 -4.02
C ALA A 71 5.91 -7.20 -3.24
N CYS A 72 5.07 -6.31 -3.76
CA CYS A 72 3.81 -5.98 -3.12
C CYS A 72 2.88 -7.18 -3.07
N ARG A 73 2.79 -7.89 -4.19
CA ARG A 73 1.93 -9.07 -4.28
C ARG A 73 2.33 -10.11 -3.24
N ALA A 74 3.61 -10.15 -2.90
CA ALA A 74 4.12 -11.10 -1.92
C ALA A 74 4.02 -10.53 -0.52
N TYR A 75 3.27 -9.45 -0.38
CA TYR A 75 3.09 -8.80 0.92
C TYR A 75 1.63 -8.86 1.38
N LEU A 76 0.72 -8.68 0.42
CA LEU A 76 -0.71 -8.71 0.72
C LEU A 76 -1.26 -10.12 0.56
N THR A 77 -0.40 -11.05 0.15
CA THR A 77 -0.80 -12.44 -0.04
C THR A 77 0.19 -13.39 0.61
N SER A 78 1.11 -12.84 1.39
CA SER A 78 2.12 -13.64 2.08
C SER A 78 2.28 -13.20 3.53
N ARG A 79 2.12 -11.90 3.77
CA ARG A 79 2.24 -11.35 5.11
C ARG A 79 0.97 -11.59 5.92
N ALA A 80 -0.16 -11.68 5.21
CA ALA A 80 -1.44 -11.91 5.86
C ALA A 80 -2.53 -12.18 4.84
N ALA A 81 -2.45 -13.33 4.18
CA ALA A 81 -3.44 -13.71 3.17
C ALA A 81 -4.51 -14.62 3.76
N SER A 1 -9.38 11.49 -11.38
CA SER A 1 -8.44 11.04 -12.39
C SER A 1 -9.09 10.02 -13.33
N HIS A 2 -8.34 9.61 -14.35
CA HIS A 2 -8.84 8.63 -15.32
C HIS A 2 -7.77 7.60 -15.66
N MET A 3 -6.93 7.29 -14.69
CA MET A 3 -5.85 6.32 -14.89
C MET A 3 -5.15 5.99 -13.58
N GLN A 4 -5.16 4.72 -13.20
CA GLN A 4 -4.53 4.28 -11.96
C GLN A 4 -3.17 3.65 -12.24
N THR A 5 -2.44 3.35 -11.18
CA THR A 5 -1.11 2.74 -11.30
C THR A 5 -1.20 1.22 -11.21
N PRO A 6 -0.16 0.53 -11.70
CA PRO A 6 -0.10 -0.93 -11.69
C PRO A 6 0.10 -1.48 -10.29
N GLU A 7 0.93 -0.81 -9.50
CA GLU A 7 1.19 -1.24 -8.12
C GLU A 7 -0.09 -1.29 -7.31
N THR A 8 -1.07 -0.49 -7.71
CA THR A 8 -2.35 -0.44 -7.01
C THR A 8 -3.47 -1.02 -7.87
N ALA A 9 -3.11 -1.50 -9.06
CA ALA A 9 -4.07 -2.08 -9.99
C ALA A 9 -4.63 -3.39 -9.45
N PHE A 10 -3.76 -4.17 -8.80
CA PHE A 10 -4.16 -5.46 -8.23
C PHE A 10 -4.82 -5.27 -6.88
N ILE A 11 -4.47 -4.18 -6.20
CA ILE A 11 -5.02 -3.88 -4.88
C ILE A 11 -6.44 -3.31 -5.00
N ASN A 12 -6.61 -2.36 -5.91
CA ASN A 12 -7.91 -1.73 -6.13
C ASN A 12 -9.02 -2.79 -6.20
N ASN A 13 -8.74 -3.88 -6.91
CA ASN A 13 -9.70 -4.96 -7.07
C ASN A 13 -10.25 -5.40 -5.72
N VAL A 14 -9.36 -5.51 -4.74
CA VAL A 14 -9.75 -5.94 -3.40
C VAL A 14 -10.07 -4.73 -2.52
N THR A 15 -9.62 -3.55 -2.96
CA THR A 15 -9.88 -2.32 -2.21
C THR A 15 -11.37 -2.03 -2.12
N SER A 16 -12.06 -2.15 -3.25
CA SER A 16 -13.49 -1.90 -3.29
C SER A 16 -14.25 -2.83 -2.34
N ASN A 17 -13.60 -3.92 -1.95
CA ASN A 17 -14.20 -4.89 -1.04
C ASN A 17 -13.90 -4.53 0.40
N GLY A 18 -12.81 -3.79 0.62
CA GLY A 18 -12.44 -3.40 1.96
C GLY A 18 -10.99 -3.71 2.29
N GLY A 19 -10.15 -3.68 1.26
CA GLY A 19 -8.73 -3.96 1.45
C GLY A 19 -8.44 -5.45 1.41
N TYR A 20 -7.15 -5.80 1.44
CA TYR A 20 -6.73 -7.19 1.40
C TYR A 20 -7.32 -7.97 2.56
N HIS A 21 -6.89 -9.22 2.71
CA HIS A 21 -7.38 -10.07 3.78
C HIS A 21 -7.30 -9.35 5.13
N SER A 22 -6.08 -9.25 5.66
CA SER A 22 -5.87 -8.58 6.95
C SER A 22 -5.79 -7.07 6.77
N TRP A 23 -5.40 -6.64 5.57
CA TRP A 23 -5.28 -5.22 5.28
C TRP A 23 -6.63 -4.62 4.89
N HIS A 24 -7.02 -3.55 5.58
CA HIS A 24 -8.29 -2.89 5.32
C HIS A 24 -8.10 -1.72 4.34
N LEU A 25 -9.21 -1.21 3.84
CA LEU A 25 -9.17 -0.09 2.91
C LEU A 25 -9.15 1.25 3.64
N VAL A 26 -8.07 2.00 3.45
CA VAL A 26 -7.92 3.30 4.09
C VAL A 26 -7.49 4.37 3.09
N SER A 27 -7.25 5.58 3.59
CA SER A 27 -6.83 6.69 2.74
C SER A 27 -6.58 7.94 3.57
N GLY A 28 -5.78 7.79 4.62
CA GLY A 28 -5.47 8.92 5.48
C GLY A 28 -4.49 9.88 4.84
N ASP A 29 -3.86 9.44 3.75
CA ASP A 29 -2.90 10.28 3.04
C ASP A 29 -1.77 10.71 3.97
N LEU A 30 -0.67 9.96 3.94
CA LEU A 30 0.48 10.26 4.79
C LEU A 30 1.56 11.01 4.00
N ILE A 31 1.81 12.26 4.37
CA ILE A 31 2.81 13.07 3.70
C ILE A 31 4.13 13.07 4.48
N VAL A 32 5.16 12.47 3.88
CA VAL A 32 6.47 12.42 4.51
C VAL A 32 7.58 12.67 3.49
N LYS A 33 8.56 13.47 3.89
CA LYS A 33 9.69 13.80 3.02
C LYS A 33 9.21 14.58 1.80
N ASP A 34 8.13 15.34 1.96
CA ASP A 34 7.59 16.14 0.88
C ASP A 34 7.05 15.24 -0.24
N VAL A 35 6.75 13.99 0.11
CA VAL A 35 6.23 13.04 -0.87
C VAL A 35 4.87 12.49 -0.44
N CYS A 36 3.82 13.28 -0.66
CA CYS A 36 2.48 12.88 -0.30
C CYS A 36 2.20 11.44 -0.73
N TYR A 37 2.10 10.55 0.24
CA TYR A 37 1.83 9.14 -0.03
C TYR A 37 0.35 8.82 0.10
N LYS A 38 -0.10 7.82 -0.65
CA LYS A 38 -1.50 7.42 -0.62
C LYS A 38 -1.70 6.21 0.28
N LYS A 39 -2.39 6.42 1.40
CA LYS A 39 -2.66 5.34 2.35
C LYS A 39 -3.69 4.37 1.80
N LEU A 40 -3.26 3.52 0.86
CA LEU A 40 -4.14 2.53 0.26
C LEU A 40 -4.75 1.62 1.33
N LEU A 41 -3.90 0.84 1.97
CA LEU A 41 -4.35 -0.08 3.01
C LEU A 41 -3.63 0.18 4.33
N HIS A 42 -4.22 -0.28 5.42
CA HIS A 42 -3.62 -0.09 6.75
C HIS A 42 -4.09 -1.18 7.71
N TRP A 43 -3.13 -1.77 8.42
CA TRP A 43 -3.44 -2.83 9.38
C TRP A 43 -2.43 -2.86 10.51
N SER A 44 -2.88 -3.21 11.71
CA SER A 44 -2.02 -3.27 12.87
C SER A 44 -0.70 -3.96 12.54
N GLY A 45 0.39 -3.19 12.55
CA GLY A 45 1.69 -3.74 12.24
C GLY A 45 2.42 -2.95 11.16
N GLN A 46 1.72 -2.67 10.07
CA GLN A 46 2.30 -1.91 8.96
C GLN A 46 1.25 -1.07 8.27
N THR A 47 1.65 -0.39 7.20
CA THR A 47 0.74 0.46 6.43
C THR A 47 1.17 0.55 4.98
N ILE A 48 0.22 0.30 4.08
CA ILE A 48 0.50 0.36 2.65
C ILE A 48 0.35 1.78 2.11
N CYS A 49 1.48 2.44 1.86
CA CYS A 49 1.47 3.79 1.34
C CYS A 49 2.36 3.91 0.10
N TYR A 50 1.73 4.19 -1.04
CA TYR A 50 2.45 4.34 -2.29
C TYR A 50 2.56 5.80 -2.72
N ALA A 51 3.51 6.09 -3.59
CA ALA A 51 3.71 7.46 -4.07
C ALA A 51 3.38 7.56 -5.56
N ASP A 52 3.90 8.61 -6.19
CA ASP A 52 3.67 8.82 -7.62
C ASP A 52 3.88 7.54 -8.41
N ASN A 53 4.88 6.76 -7.99
CA ASN A 53 5.19 5.50 -8.67
C ASN A 53 6.13 4.65 -7.82
N LYS A 54 5.91 4.66 -6.51
CA LYS A 54 6.74 3.90 -5.59
C LYS A 54 5.94 3.45 -4.36
N PHE A 55 5.72 2.15 -4.24
CA PHE A 55 4.97 1.60 -3.12
C PHE A 55 5.86 1.46 -1.89
N TYR A 56 5.34 1.87 -0.74
CA TYR A 56 6.08 1.79 0.51
C TYR A 56 5.23 1.19 1.62
N VAL A 57 5.84 0.33 2.43
CA VAL A 57 5.13 -0.32 3.53
C VAL A 57 5.74 0.07 4.88
N VAL A 58 5.23 1.15 5.47
CA VAL A 58 5.71 1.63 6.75
C VAL A 58 5.42 0.62 7.86
N LYS A 59 6.35 0.49 8.79
CA LYS A 59 6.19 -0.44 9.91
C LYS A 59 6.06 0.32 11.23
N ASN A 60 6.31 -0.39 12.33
CA ASN A 60 6.22 0.22 13.66
C ASN A 60 6.96 1.54 13.70
N ASP A 61 7.99 1.67 12.87
CA ASP A 61 8.79 2.90 12.81
C ASP A 61 9.93 2.75 11.81
N VAL A 62 9.67 2.04 10.71
CA VAL A 62 10.67 1.83 9.68
C VAL A 62 10.02 1.74 8.30
N ALA A 63 10.79 2.13 7.27
CA ALA A 63 10.30 2.10 5.91
C ALA A 63 10.71 0.81 5.20
N LEU A 64 10.12 0.56 4.04
CA LEU A 64 10.44 -0.64 3.27
C LEU A 64 10.02 -0.47 1.80
N PRO A 65 10.93 0.11 1.00
CA PRO A 65 10.68 0.34 -0.42
C PRO A 65 10.65 -0.96 -1.23
N PHE A 66 9.55 -1.19 -1.93
CA PHE A 66 9.40 -2.39 -2.74
C PHE A 66 10.39 -2.40 -3.90
N SER A 67 10.29 -3.41 -4.76
CA SER A 67 11.19 -3.55 -5.89
C SER A 67 10.40 -3.69 -7.19
N ASP A 68 9.32 -4.47 -7.13
CA ASP A 68 8.48 -4.69 -8.30
C ASP A 68 7.04 -5.02 -7.89
N LEU A 69 6.15 -5.04 -8.86
CA LEU A 69 4.75 -5.34 -8.60
C LEU A 69 4.60 -6.60 -7.74
N GLU A 70 5.29 -7.66 -8.14
CA GLU A 70 5.25 -8.92 -7.41
C GLU A 70 5.54 -8.70 -5.93
N ALA A 71 6.41 -7.74 -5.63
CA ALA A 71 6.77 -7.43 -4.26
C ALA A 71 5.58 -6.86 -3.49
N CYS A 72 4.87 -5.93 -4.11
CA CYS A 72 3.71 -5.31 -3.49
C CYS A 72 2.67 -6.37 -3.11
N ARG A 73 2.35 -7.23 -4.06
CA ARG A 73 1.38 -8.29 -3.84
C ARG A 73 1.90 -9.33 -2.86
N ALA A 74 3.22 -9.33 -2.65
CA ALA A 74 3.85 -10.27 -1.74
C ALA A 74 3.94 -9.68 -0.33
N TYR A 75 3.18 -8.63 -0.09
CA TYR A 75 3.18 -7.98 1.22
C TYR A 75 1.87 -8.24 1.96
N LEU A 76 0.84 -8.64 1.22
CA LEU A 76 -0.46 -8.93 1.80
C LEU A 76 -0.73 -10.42 1.81
N THR A 77 -0.37 -11.10 0.72
CA THR A 77 -0.58 -12.55 0.61
C THR A 77 0.69 -13.31 1.00
N SER A 78 1.58 -12.64 1.73
CA SER A 78 2.83 -13.26 2.15
C SER A 78 3.17 -12.86 3.59
N ARG A 79 2.84 -11.61 3.94
CA ARG A 79 3.11 -11.10 5.28
C ARG A 79 2.07 -11.62 6.28
N ALA A 80 0.80 -11.35 6.00
CA ALA A 80 -0.28 -11.78 6.87
C ALA A 80 -1.57 -11.95 6.08
N ALA A 81 -2.07 -13.19 6.03
CA ALA A 81 -3.31 -13.49 5.31
C ALA A 81 -4.36 -14.06 6.26
N SER A 1 -11.86 6.50 -9.77
CA SER A 1 -10.42 6.52 -9.92
C SER A 1 -9.99 5.90 -11.25
N HIS A 2 -9.37 6.72 -12.09
CA HIS A 2 -8.91 6.25 -13.40
C HIS A 2 -7.39 6.38 -13.52
N MET A 3 -6.84 5.74 -14.54
CA MET A 3 -5.40 5.77 -14.76
C MET A 3 -4.65 4.99 -13.68
N GLN A 4 -4.55 5.60 -12.50
CA GLN A 4 -3.87 4.96 -11.37
C GLN A 4 -2.55 4.33 -11.83
N THR A 5 -2.01 3.46 -11.00
CA THR A 5 -0.75 2.79 -11.31
C THR A 5 -0.91 1.27 -11.27
N PRO A 6 0.03 0.55 -11.89
CA PRO A 6 0.02 -0.91 -11.95
C PRO A 6 0.30 -1.53 -10.59
N GLU A 7 1.01 -0.80 -9.74
CA GLU A 7 1.35 -1.29 -8.41
C GLU A 7 0.11 -1.37 -7.53
N THR A 8 -0.83 -0.47 -7.75
CA THR A 8 -2.07 -0.44 -6.98
C THR A 8 -3.25 -0.97 -7.80
N ALA A 9 -2.97 -1.36 -9.03
CA ALA A 9 -4.01 -1.88 -9.91
C ALA A 9 -4.54 -3.23 -9.40
N PHE A 10 -3.63 -4.06 -8.91
CA PHE A 10 -4.00 -5.37 -8.38
C PHE A 10 -4.60 -5.24 -6.98
N ILE A 11 -4.21 -4.19 -6.27
CA ILE A 11 -4.70 -3.97 -4.92
C ILE A 11 -6.14 -3.43 -4.95
N ASN A 12 -6.38 -2.44 -5.80
CA ASN A 12 -7.70 -1.84 -5.92
C ASN A 12 -8.78 -2.93 -6.01
N ASN A 13 -8.49 -3.98 -6.78
CA ASN A 13 -9.44 -5.07 -6.94
C ASN A 13 -9.96 -5.55 -5.60
N VAL A 14 -9.07 -5.61 -4.61
CA VAL A 14 -9.43 -6.06 -3.27
C VAL A 14 -9.72 -4.87 -2.36
N THR A 15 -9.26 -3.70 -2.76
CA THR A 15 -9.46 -2.47 -1.98
C THR A 15 -10.93 -2.08 -1.95
N SER A 16 -11.61 -2.26 -3.08
CA SER A 16 -13.02 -1.92 -3.18
C SER A 16 -13.87 -2.88 -2.35
N ASN A 17 -13.26 -3.95 -1.88
CA ASN A 17 -13.95 -4.96 -1.07
C ASN A 17 -13.72 -4.71 0.42
N GLY A 18 -12.77 -3.83 0.72
CA GLY A 18 -12.46 -3.51 2.11
C GLY A 18 -11.00 -3.77 2.44
N GLY A 19 -10.16 -3.83 1.42
CA GLY A 19 -8.74 -4.07 1.64
C GLY A 19 -8.40 -5.55 1.63
N TYR A 20 -7.10 -5.85 1.63
CA TYR A 20 -6.64 -7.23 1.62
C TYR A 20 -7.17 -7.99 2.83
N HIS A 21 -6.71 -9.22 2.99
CA HIS A 21 -7.14 -10.06 4.11
C HIS A 21 -7.01 -9.32 5.43
N SER A 22 -5.76 -8.99 5.80
CA SER A 22 -5.50 -8.28 7.05
C SER A 22 -5.57 -6.77 6.83
N TRP A 23 -5.17 -6.34 5.64
CA TRP A 23 -5.19 -4.91 5.31
C TRP A 23 -6.61 -4.43 5.05
N HIS A 24 -6.96 -3.28 5.63
CA HIS A 24 -8.28 -2.71 5.46
C HIS A 24 -8.24 -1.52 4.51
N LEU A 25 -9.36 -1.28 3.82
CA LEU A 25 -9.45 -0.18 2.88
C LEU A 25 -9.43 1.16 3.60
N VAL A 26 -8.48 2.02 3.22
CA VAL A 26 -8.36 3.34 3.83
C VAL A 26 -7.92 4.38 2.81
N SER A 27 -7.67 5.60 3.28
CA SER A 27 -7.24 6.68 2.41
C SER A 27 -7.08 7.99 3.20
N GLY A 28 -6.15 8.00 4.13
CA GLY A 28 -5.92 9.18 4.94
C GLY A 28 -4.82 10.06 4.37
N ASP A 29 -4.04 9.51 3.45
CA ASP A 29 -2.95 10.26 2.84
C ASP A 29 -1.89 10.62 3.87
N LEU A 30 -0.76 9.92 3.83
CA LEU A 30 0.32 10.18 4.77
C LEU A 30 1.49 10.86 4.07
N ILE A 31 2.07 11.86 4.73
CA ILE A 31 3.20 12.59 4.17
C ILE A 31 4.48 12.31 4.95
N VAL A 32 5.52 11.90 4.24
CA VAL A 32 6.80 11.60 4.88
C VAL A 32 7.96 11.87 3.93
N LYS A 33 9.01 12.48 4.46
CA LYS A 33 10.20 12.80 3.66
C LYS A 33 9.85 13.77 2.53
N ASP A 34 8.80 14.57 2.75
CA ASP A 34 8.36 15.54 1.76
C ASP A 34 7.80 14.84 0.52
N VAL A 35 7.36 13.60 0.71
CA VAL A 35 6.80 12.82 -0.39
C VAL A 35 5.37 12.40 -0.08
N CYS A 36 4.43 13.31 -0.31
CA CYS A 36 3.02 13.04 -0.06
C CYS A 36 2.62 11.68 -0.61
N TYR A 37 2.42 10.72 0.29
CA TYR A 37 2.04 9.37 -0.11
C TYR A 37 0.53 9.20 -0.10
N LYS A 38 0.07 7.98 -0.36
CA LYS A 38 -1.35 7.68 -0.37
C LYS A 38 -1.66 6.40 0.41
N LYS A 39 -2.34 6.55 1.52
CA LYS A 39 -2.69 5.40 2.36
C LYS A 39 -3.76 4.55 1.69
N LEU A 40 -3.36 3.79 0.69
CA LEU A 40 -4.29 2.93 -0.04
C LEU A 40 -4.92 1.90 0.90
N LEU A 41 -4.08 1.24 1.69
CA LEU A 41 -4.55 0.22 2.63
C LEU A 41 -3.95 0.45 4.01
N HIS A 42 -4.56 -0.15 5.03
CA HIS A 42 -4.09 -0.03 6.39
C HIS A 42 -4.60 -1.17 7.26
N TRP A 43 -3.68 -1.89 7.89
CA TRP A 43 -4.05 -3.02 8.75
C TRP A 43 -3.94 -2.64 10.22
N SER A 44 -2.71 -2.57 10.72
CA SER A 44 -2.47 -2.23 12.11
C SER A 44 -0.99 -1.96 12.36
N GLY A 45 -0.16 -2.96 12.07
CA GLY A 45 1.27 -2.83 12.27
C GLY A 45 1.97 -2.25 11.05
N GLN A 46 1.29 -2.27 9.92
CA GLN A 46 1.85 -1.75 8.67
C GLN A 46 0.78 -1.05 7.84
N THR A 47 1.17 0.03 7.17
CA THR A 47 0.23 0.78 6.33
C THR A 47 0.77 0.93 4.92
N ILE A 48 -0.07 0.63 3.93
CA ILE A 48 0.31 0.75 2.53
C ILE A 48 0.27 2.19 2.05
N CYS A 49 1.43 2.71 1.67
CA CYS A 49 1.53 4.10 1.20
C CYS A 49 2.28 4.15 -0.12
N TYR A 50 1.54 4.31 -1.22
CA TYR A 50 2.13 4.38 -2.54
C TYR A 50 2.24 5.83 -3.02
N ALA A 51 3.41 6.19 -3.54
CA ALA A 51 3.65 7.53 -4.04
C ALA A 51 3.18 7.68 -5.48
N ASP A 52 3.79 8.62 -6.19
CA ASP A 52 3.43 8.87 -7.59
C ASP A 52 3.47 7.57 -8.40
N ASN A 53 4.20 6.59 -7.89
CA ASN A 53 4.33 5.30 -8.56
C ASN A 53 5.06 4.30 -7.69
N LYS A 54 5.96 4.80 -6.84
CA LYS A 54 6.72 3.95 -5.95
C LYS A 54 5.89 3.52 -4.74
N PHE A 55 5.72 2.22 -4.57
CA PHE A 55 4.95 1.69 -3.45
C PHE A 55 5.81 1.53 -2.21
N TYR A 56 5.27 1.92 -1.06
CA TYR A 56 6.00 1.82 0.20
C TYR A 56 5.11 1.23 1.30
N VAL A 57 5.70 0.37 2.12
CA VAL A 57 4.96 -0.27 3.21
C VAL A 57 5.53 0.15 4.57
N VAL A 58 5.00 1.22 5.12
CA VAL A 58 5.45 1.72 6.42
C VAL A 58 5.15 0.72 7.52
N LYS A 59 6.06 0.62 8.48
CA LYS A 59 5.90 -0.30 9.61
C LYS A 59 5.74 0.46 10.91
N ASN A 60 5.96 -0.23 12.02
CA ASN A 60 5.84 0.38 13.35
C ASN A 60 6.59 1.71 13.41
N ASP A 61 7.64 1.82 12.60
CA ASP A 61 8.45 3.04 12.56
C ASP A 61 9.61 2.89 11.58
N VAL A 62 9.35 2.19 10.48
CA VAL A 62 10.38 1.97 9.47
C VAL A 62 9.76 1.87 8.07
N ALA A 63 10.55 2.21 7.05
CA ALA A 63 10.08 2.15 5.68
C ALA A 63 10.51 0.85 5.00
N LEU A 64 9.93 0.58 3.84
CA LEU A 64 10.27 -0.63 3.09
C LEU A 64 9.89 -0.48 1.62
N PRO A 65 10.81 0.11 0.83
CA PRO A 65 10.60 0.32 -0.60
C PRO A 65 10.61 -0.99 -1.39
N PHE A 66 9.56 -1.20 -2.17
CA PHE A 66 9.45 -2.41 -2.97
C PHE A 66 10.45 -2.40 -4.12
N SER A 67 10.40 -3.43 -4.96
CA SER A 67 11.31 -3.53 -6.10
C SER A 67 10.53 -3.71 -7.40
N ASP A 68 9.49 -4.54 -7.36
CA ASP A 68 8.66 -4.79 -8.52
C ASP A 68 7.23 -5.14 -8.12
N LEU A 69 6.33 -5.17 -9.10
CA LEU A 69 4.93 -5.50 -8.84
C LEU A 69 4.81 -6.80 -8.05
N GLU A 70 5.57 -7.82 -8.47
CA GLU A 70 5.55 -9.11 -7.80
C GLU A 70 5.88 -8.96 -6.32
N ALA A 71 6.61 -7.91 -5.99
CA ALA A 71 7.00 -7.65 -4.61
C ALA A 71 5.84 -7.10 -3.80
N CYS A 72 5.10 -6.17 -4.39
CA CYS A 72 3.95 -5.55 -3.73
C CYS A 72 2.86 -6.59 -3.48
N ARG A 73 2.59 -7.42 -4.48
CA ARG A 73 1.57 -8.45 -4.38
C ARG A 73 1.97 -9.51 -3.36
N ALA A 74 3.28 -9.61 -3.11
CA ALA A 74 3.79 -10.60 -2.16
C ALA A 74 4.07 -9.95 -0.81
N TYR A 75 3.51 -8.77 -0.59
CA TYR A 75 3.70 -8.04 0.66
C TYR A 75 2.42 -8.05 1.49
N LEU A 76 1.28 -8.09 0.82
CA LEU A 76 -0.01 -8.10 1.50
C LEU A 76 -0.28 -9.46 2.13
N THR A 77 -0.06 -10.52 1.36
CA THR A 77 -0.27 -11.88 1.85
C THR A 77 0.87 -12.33 2.75
N SER A 78 2.02 -11.67 2.62
CA SER A 78 3.20 -12.00 3.41
C SER A 78 3.08 -11.43 4.82
N ARG A 79 2.45 -10.26 4.92
CA ARG A 79 2.26 -9.61 6.21
C ARG A 79 1.32 -10.40 7.10
N ALA A 80 0.15 -10.72 6.56
CA ALA A 80 -0.85 -11.48 7.32
C ALA A 80 -1.90 -12.08 6.38
N ALA A 81 -2.53 -13.16 6.83
CA ALA A 81 -3.56 -13.83 6.03
C ALA A 81 -4.94 -13.55 6.58
#